data_2Q1L
#
_entry.id   2Q1L
#
_cell.length_a   74.732
_cell.length_b   176.958
_cell.length_c   76.735
_cell.angle_alpha   90.000
_cell.angle_beta   118.830
_cell.angle_gamma   90.000
#
_symmetry.space_group_name_H-M   'P 1 21 1'
#
loop_
_entity.id
_entity.type
_entity.pdbx_description
1 polymer '3-hydroxy-3-methylglutaryl-coenzyme A reductase'
2 non-polymer '(3R,5R)-7-[5-(ANILINOCARBONYL)-3,4-BIS(4-FLUOROPHENYL)-1-ISOPROPYL-1H-PYRROL-2-YL]-3,5-DIHYDROXYHEPTANOIC ACID'
3 water water
#
_entity_poly.entity_id   1
_entity_poly.type   'polypeptide(L)'
_entity_poly.pdbx_seq_one_letter_code
;HHHHHHEPRPNEECLQILGNAEKGAKFLSDAEIIQLVNAKHIPAYKLETLIETHERGVSIRRQLLSKKLSEPSSLQYLPY
RDYNYSLVMGACCENVIGYMPIPVGVAGPLCLDEKEFQVPMATTEGCLVASTNRGCRAIGLGGGASSRVLADGMTRGPVV
RLPRACDSAEVKAWLETSEGFAVIKEAFDSTSRFARLQKLHTSIAGRNLYIRFQSRSGDAMGMNMISKGTEKALSKLHEY
FPEMQILAVSGNYCTDKKPAAINWIEGRGKSVVCEAVIPAKVVREVLKTTTEAMIEVNINKNLVGSAMAGSIGGYNAHAA
NIVTAIYIACGQDAAQNVGSSNCITLMEASGPTNEDLYISCTMPSIEIGTVGGGTNLLPQQACLQMLGVQGACKDNPGEN
ARQLARIVCGTVMAGELSLMAALAAGHLVKSHMIHNRSKIN
;
_entity_poly.pdbx_strand_id   A,B,C,D
#
loop_
_chem_comp.id
_chem_comp.type
_chem_comp.name
_chem_comp.formula
882 non-polymer '(3R,5R)-7-[5-(ANILINOCARBONYL)-3,4-BIS(4-FLUOROPHENYL)-1-ISOPROPYL-1H-PYRROL-2-YL]-3,5-DIHYDROXYHEPTANOIC ACID' 'C33 H34 F2 N2 O5'
#
# COMPACT_ATOMS: atom_id res chain seq x y z
N ALA A 25 21.08 44.45 32.07
CA ALA A 25 19.78 43.74 32.25
C ALA A 25 19.47 43.47 33.72
N LYS A 26 20.51 43.18 34.49
CA LYS A 26 20.36 42.83 35.91
C LYS A 26 19.86 44.04 36.73
N PHE A 27 20.26 45.24 36.32
CA PHE A 27 19.89 46.47 37.01
C PHE A 27 18.59 47.08 36.45
N LEU A 28 18.18 46.61 35.28
CA LEU A 28 16.96 47.07 34.63
C LEU A 28 15.72 46.35 35.20
N SER A 29 14.55 46.82 34.80
CA SER A 29 13.27 46.25 35.25
C SER A 29 12.68 45.36 34.17
N ASP A 30 11.75 44.49 34.56
CA ASP A 30 10.98 43.69 33.59
C ASP A 30 10.33 44.61 32.56
N ALA A 31 9.74 45.71 33.03
CA ALA A 31 9.05 46.65 32.15
C ALA A 31 9.99 47.43 31.24
N GLU A 32 11.15 47.86 31.75
CA GLU A 32 12.10 48.64 30.93
C GLU A 32 12.69 47.81 29.78
N ILE A 33 12.94 46.52 30.05
CA ILE A 33 13.44 45.60 29.02
C ILE A 33 12.40 45.42 27.92
N ILE A 34 11.13 45.31 28.32
CA ILE A 34 10.04 45.14 27.37
C ILE A 34 9.86 46.38 26.48
N GLN A 35 10.08 47.57 27.04
CA GLN A 35 9.97 48.81 26.26
C GLN A 35 11.16 48.98 25.31
N LEU A 36 12.33 48.48 25.73
CA LEU A 36 13.53 48.51 24.89
C LEU A 36 13.26 47.76 23.58
N VAL A 37 12.75 46.54 23.70
CA VAL A 37 12.51 45.66 22.55
C VAL A 37 11.45 46.24 21.62
N ASN A 38 10.27 46.50 22.17
CA ASN A 38 9.15 47.04 21.39
C ASN A 38 9.59 48.20 20.50
N ALA A 39 10.14 49.24 21.12
CA ALA A 39 10.67 50.40 20.41
C ALA A 39 11.85 50.01 19.52
N ILE A 51 19.98 38.86 28.96
CA ILE A 51 19.26 38.65 30.21
C ILE A 51 20.09 37.74 31.12
N GLU A 52 19.96 37.95 32.43
CA GLU A 52 20.78 37.28 33.44
C GLU A 52 20.60 35.75 33.48
N THR A 53 19.38 35.29 33.77
CA THR A 53 19.10 33.87 33.92
C THR A 53 18.18 33.34 32.82
N HIS A 54 17.97 32.03 32.83
CA HIS A 54 17.08 31.38 31.85
C HIS A 54 15.61 31.63 32.18
N GLU A 55 15.23 31.50 33.45
CA GLU A 55 13.83 31.65 33.85
C GLU A 55 13.27 33.05 33.61
N ARG A 56 14.11 34.08 33.72
CA ARG A 56 13.68 35.45 33.44
C ARG A 56 13.58 35.70 31.95
N GLY A 57 14.40 35.01 31.17
CA GLY A 57 14.28 35.03 29.72
C GLY A 57 12.97 34.40 29.26
N VAL A 58 12.51 33.38 30.00
CA VAL A 58 11.25 32.71 29.73
C VAL A 58 10.10 33.62 30.14
N SER A 59 10.26 34.31 31.27
CA SER A 59 9.24 35.20 31.80
C SER A 59 9.01 36.39 30.88
N ILE A 60 10.09 36.93 30.34
CA ILE A 60 10.03 38.06 29.43
C ILE A 60 9.39 37.67 28.10
N ARG A 61 9.75 36.49 27.58
CA ARG A 61 9.17 36.00 26.32
C ARG A 61 7.65 35.81 26.47
N ARG A 62 7.23 35.31 27.62
CA ARG A 62 5.82 35.07 27.91
C ARG A 62 5.03 36.37 27.95
N GLN A 63 5.62 37.41 28.54
CA GLN A 63 4.97 38.71 28.67
C GLN A 63 4.89 39.41 27.32
N LEU A 64 6.00 39.36 26.57
CA LEU A 64 6.05 39.88 25.20
C LEU A 64 4.97 39.24 24.32
N LEU A 65 4.80 37.94 24.50
CA LEU A 65 3.86 37.15 23.70
C LEU A 65 2.43 37.42 24.14
N SER A 66 2.24 37.65 25.43
CA SER A 66 0.92 37.88 26.01
C SER A 66 0.27 39.15 25.47
N LYS A 67 1.08 40.12 25.06
CA LYS A 67 0.60 41.35 24.45
C LYS A 67 -0.17 41.06 23.17
N LYS A 68 0.37 40.13 22.37
CA LYS A 68 -0.14 39.85 21.04
C LYS A 68 -1.38 38.96 21.00
N LEU A 69 -1.73 38.35 22.13
CA LEU A 69 -2.87 37.44 22.20
C LEU A 69 -4.18 38.20 22.40
N SER A 70 -5.26 37.64 21.85
CA SER A 70 -6.59 38.22 22.04
C SER A 70 -7.05 38.08 23.50
N GLU A 71 -6.60 37.00 24.14
CA GLU A 71 -6.78 36.79 25.58
C GLU A 71 -5.38 36.86 26.24
N PRO A 72 -5.00 38.04 26.74
CA PRO A 72 -3.66 38.23 27.33
C PRO A 72 -3.32 37.30 28.50
N SER A 73 -4.33 36.83 29.22
CA SER A 73 -4.13 35.93 30.36
C SER A 73 -4.16 34.44 29.98
N SER A 74 -3.88 34.12 28.71
CA SER A 74 -3.91 32.73 28.25
C SER A 74 -2.86 31.88 28.97
N LEU A 75 -1.69 32.47 29.20
CA LEU A 75 -0.56 31.75 29.79
C LEU A 75 -0.65 31.58 31.33
N GLN A 76 -1.76 32.01 31.92
CA GLN A 76 -1.95 32.00 33.38
C GLN A 76 -1.57 30.67 34.04
N TYR A 77 -2.07 29.58 33.47
CA TYR A 77 -1.93 28.25 34.07
C TYR A 77 -1.00 27.34 33.25
N LEU A 78 -0.21 27.95 32.36
CA LEU A 78 0.90 27.27 31.71
C LEU A 78 2.12 27.39 32.63
N PRO A 79 2.55 26.29 33.24
CA PRO A 79 3.65 26.36 34.22
C PRO A 79 5.00 26.60 33.55
N TYR A 80 5.87 27.36 34.21
CA TYR A 80 7.23 27.63 33.71
C TYR A 80 8.32 27.74 34.79
N ARG A 81 7.93 28.07 36.02
CA ARG A 81 8.90 28.27 37.10
C ARG A 81 9.60 26.98 37.56
N ASP A 82 10.77 27.16 38.18
CA ASP A 82 11.56 26.09 38.77
C ASP A 82 11.75 24.85 37.87
N TYR A 83 11.89 25.09 36.57
CA TYR A 83 12.22 24.05 35.61
C TYR A 83 13.64 24.29 35.13
N ASN A 84 14.44 23.23 35.07
CA ASN A 84 15.84 23.34 34.66
C ASN A 84 15.94 23.57 33.15
N TYR A 85 15.98 24.84 32.76
CA TYR A 85 16.03 25.22 31.35
C TYR A 85 17.43 25.15 30.74
N SER A 86 18.46 24.92 31.56
CA SER A 86 19.84 24.91 31.08
C SER A 86 20.12 23.78 30.06
N LEU A 87 19.46 22.65 30.24
CA LEU A 87 19.64 21.49 29.35
C LEU A 87 18.74 21.54 28.12
N VAL A 88 17.78 22.48 28.13
CA VAL A 88 16.82 22.65 27.03
C VAL A 88 17.27 23.68 25.98
N MET A 89 17.87 24.78 26.42
CA MET A 89 18.25 25.86 25.50
C MET A 89 19.39 25.44 24.58
N GLY A 90 19.25 25.73 23.28
CA GLY A 90 20.25 25.37 22.28
C GLY A 90 20.45 23.87 22.08
N ALA A 91 19.41 23.08 22.31
CA ALA A 91 19.54 21.61 22.25
C ALA A 91 18.23 20.86 22.02
N CYS A 92 17.19 21.20 22.81
CA CYS A 92 15.89 20.50 22.75
C CYS A 92 14.69 21.35 22.29
N CYS A 93 14.75 22.66 22.49
CA CYS A 93 13.62 23.54 22.17
C CYS A 93 14.03 25.02 22.08
N GLU A 94 13.32 25.78 21.25
CA GLU A 94 13.54 27.22 21.09
C GLU A 94 12.26 28.04 21.38
N ASN A 95 12.43 29.35 21.58
CA ASN A 95 11.34 30.26 21.93
C ASN A 95 10.48 29.69 23.05
N VAL A 96 11.15 29.20 24.08
CA VAL A 96 10.52 28.44 25.14
C VAL A 96 9.73 29.33 26.09
N ILE A 97 8.42 29.11 26.14
CA ILE A 97 7.51 29.86 27.00
C ILE A 97 7.10 29.07 28.25
N GLY A 98 7.73 27.93 28.48
CA GLY A 98 7.35 27.07 29.60
C GLY A 98 7.40 25.59 29.27
N TYR A 99 6.55 24.81 29.94
CA TYR A 99 6.52 23.36 29.78
C TYR A 99 5.12 22.79 30.00
N MET A 100 4.85 21.64 29.36
CA MET A 100 3.55 20.99 29.38
C MET A 100 3.60 19.71 30.22
N PRO A 101 2.86 19.66 31.32
CA PRO A 101 2.82 18.46 32.16
C PRO A 101 1.94 17.36 31.58
N ILE A 102 2.51 16.18 31.38
CA ILE A 102 1.77 15.01 30.89
C ILE A 102 1.75 13.98 32.00
N PRO A 103 0.57 13.64 32.53
CA PRO A 103 0.49 12.64 33.61
C PRO A 103 1.20 11.34 33.27
N VAL A 104 2.08 10.89 34.17
CA VAL A 104 2.73 9.60 34.05
C VAL A 104 2.08 8.63 35.02
N GLY A 105 1.68 7.46 34.52
CA GLY A 105 1.19 6.38 35.35
C GLY A 105 2.07 5.16 35.15
N VAL A 106 1.87 4.13 35.96
CA VAL A 106 2.76 2.97 35.85
C VAL A 106 1.96 1.68 35.61
N ALA A 107 2.49 0.87 34.70
CA ALA A 107 1.95 -0.44 34.37
C ALA A 107 3.00 -1.46 34.74
N GLY A 108 2.72 -2.26 35.76
CA GLY A 108 3.59 -3.34 36.13
C GLY A 108 3.14 -4.07 37.38
N PRO A 109 3.87 -5.11 37.77
CA PRO A 109 5.11 -5.53 37.10
C PRO A 109 4.87 -6.25 35.77
N LEU A 110 5.82 -6.05 34.85
CA LEU A 110 5.81 -6.72 33.55
C LEU A 110 6.93 -7.74 33.60
N CYS A 111 6.56 -9.02 33.60
CA CYS A 111 7.54 -10.09 33.64
C CYS A 111 8.01 -10.33 32.21
N LEU A 112 9.21 -9.89 31.91
CA LEU A 112 9.78 -9.95 30.57
C LEU A 112 11.22 -10.47 30.64
N ASP A 113 11.46 -11.60 29.97
CA ASP A 113 12.75 -12.27 29.98
C ASP A 113 13.27 -12.52 31.41
N GLU A 114 12.36 -12.95 32.28
CA GLU A 114 12.66 -13.30 33.68
C GLU A 114 12.95 -12.10 34.60
N LYS A 115 12.82 -10.89 34.06
CA LYS A 115 13.01 -9.66 34.84
C LYS A 115 11.66 -9.02 35.04
N GLU A 116 11.57 -8.12 36.02
CA GLU A 116 10.35 -7.37 36.27
C GLU A 116 10.56 -5.90 35.94
N PHE A 117 9.58 -5.28 35.30
CA PHE A 117 9.67 -3.89 34.88
C PHE A 117 8.44 -3.10 35.31
N GLN A 118 8.66 -1.90 35.82
CA GLN A 118 7.59 -0.99 36.14
C GLN A 118 7.63 0.07 35.04
N VAL A 119 6.73 -0.06 34.09
CA VAL A 119 6.77 0.70 32.85
C VAL A 119 6.06 2.04 33.01
N PRO A 120 6.77 3.15 32.82
CA PRO A 120 6.13 4.47 32.84
C PRO A 120 5.43 4.81 31.54
N MET A 121 4.26 5.43 31.64
CA MET A 121 3.42 5.74 30.48
C MET A 121 2.84 7.15 30.66
N ALA A 122 3.30 8.09 29.84
CA ALA A 122 2.79 9.46 29.87
C ALA A 122 1.60 9.59 28.94
N THR A 123 0.41 9.76 29.51
CA THR A 123 -0.80 9.85 28.70
C THR A 123 -1.89 10.68 29.37
N THR A 124 -2.84 11.14 28.55
CA THR A 124 -4.08 11.75 29.05
C THR A 124 -5.34 10.95 28.69
N GLU A 125 -5.17 9.71 28.22
CA GLU A 125 -6.29 8.86 27.84
C GLU A 125 -6.67 7.99 29.01
N GLY A 126 -7.89 8.17 29.50
CA GLY A 126 -8.41 7.40 30.61
C GLY A 126 -8.49 5.93 30.28
N CYS A 127 -8.28 5.12 31.31
CA CYS A 127 -8.28 3.65 31.24
C CYS A 127 -7.09 3.01 30.54
N LEU A 128 -6.19 3.81 29.94
CA LEU A 128 -5.09 3.24 29.16
C LEU A 128 -4.09 2.53 30.07
N VAL A 129 -3.62 3.22 31.11
CA VAL A 129 -2.65 2.64 32.02
C VAL A 129 -3.27 1.44 32.76
N ALA A 130 -4.53 1.59 33.14
CA ALA A 130 -5.27 0.55 33.84
C ALA A 130 -5.42 -0.72 32.98
N SER A 131 -5.70 -0.54 31.70
CA SER A 131 -5.90 -1.67 30.80
C SER A 131 -4.59 -2.37 30.55
N THR A 132 -3.55 -1.58 30.30
CA THR A 132 -2.21 -2.11 30.08
C THR A 132 -1.74 -2.92 31.29
N ASN A 133 -2.12 -2.46 32.49
CA ASN A 133 -1.75 -3.11 33.75
C ASN A 133 -2.40 -4.48 33.89
N ARG A 134 -3.66 -4.58 33.47
CA ARG A 134 -4.36 -5.87 33.46
C ARG A 134 -3.67 -6.86 32.54
N GLY A 135 -3.21 -6.37 31.39
CA GLY A 135 -2.44 -7.18 30.46
C GLY A 135 -1.11 -7.64 31.06
N CYS A 136 -0.49 -6.79 31.86
CA CYS A 136 0.72 -7.16 32.58
C CYS A 136 0.45 -8.26 33.61
N ARG A 137 -0.69 -8.17 34.29
CA ARG A 137 -1.08 -9.14 35.30
C ARG A 137 -1.39 -10.51 34.66
N ALA A 138 -2.01 -10.47 33.48
CA ALA A 138 -2.34 -11.70 32.75
C ALA A 138 -1.07 -12.44 32.34
N ILE A 139 -0.11 -11.69 31.82
CA ILE A 139 1.18 -12.25 31.39
C ILE A 139 1.96 -12.83 32.58
N GLY A 140 1.93 -12.14 33.71
CA GLY A 140 2.65 -12.57 34.90
C GLY A 140 2.19 -13.91 35.42
N LEU A 141 0.88 -14.12 35.43
CA LEU A 141 0.29 -15.39 35.86
C LEU A 141 0.49 -16.53 34.85
N GLY A 142 0.86 -16.18 33.62
CA GLY A 142 1.25 -17.17 32.61
C GLY A 142 2.74 -17.43 32.48
N GLY A 143 3.52 -17.03 33.48
CA GLY A 143 4.96 -17.28 33.50
C GLY A 143 5.84 -16.23 32.81
N GLY A 144 5.25 -15.10 32.41
CA GLY A 144 6.00 -14.00 31.84
C GLY A 144 6.24 -14.10 30.34
N ALA A 145 6.73 -13.00 29.78
CA ALA A 145 6.96 -12.86 28.34
C ALA A 145 8.43 -13.10 27.96
N SER A 146 8.67 -13.53 26.73
CA SER A 146 10.01 -13.65 26.19
C SER A 146 10.13 -12.83 24.90
N SER A 147 11.24 -12.11 24.75
CA SER A 147 11.46 -11.29 23.57
C SER A 147 12.86 -11.46 23.03
N ARG A 148 13.03 -11.08 21.75
CA ARG A 148 14.32 -11.10 21.07
C ARG A 148 14.43 -9.90 20.13
N VAL A 149 15.61 -9.27 20.11
CA VAL A 149 15.92 -8.25 19.10
C VAL A 149 16.44 -8.99 17.87
N LEU A 150 15.77 -8.78 16.74
CA LEU A 150 16.06 -9.51 15.51
C LEU A 150 16.99 -8.74 14.56
N ALA A 151 16.93 -7.41 14.62
CA ALA A 151 17.77 -6.55 13.80
C ALA A 151 17.92 -5.21 14.49
N ASP A 152 18.99 -4.49 14.15
CA ASP A 152 19.36 -3.27 14.86
C ASP A 152 20.20 -2.35 13.96
N GLY A 153 19.61 -1.23 13.56
CA GLY A 153 20.31 -0.24 12.77
C GLY A 153 19.41 0.89 12.31
N MET A 154 19.71 2.11 12.75
CA MET A 154 19.02 3.31 12.28
C MET A 154 19.45 3.58 10.85
N THR A 155 18.60 4.22 10.05
CA THR A 155 18.92 4.54 8.66
C THR A 155 18.73 6.01 8.30
N ARG A 156 19.37 6.39 7.20
CA ARG A 156 19.07 7.62 6.48
C ARG A 156 19.15 7.32 4.97
N GLY A 157 18.25 7.91 4.20
CA GLY A 157 18.07 7.54 2.80
C GLY A 157 18.08 8.72 1.84
N PRO A 158 19.25 9.32 1.60
CA PRO A 158 19.40 10.41 0.63
C PRO A 158 18.97 10.07 -0.79
N VAL A 159 18.61 11.10 -1.56
CA VAL A 159 18.35 11.00 -2.99
C VAL A 159 19.43 11.78 -3.72
N VAL A 160 20.08 11.13 -4.69
CA VAL A 160 21.06 11.78 -5.55
C VAL A 160 20.58 11.67 -6.98
N ARG A 161 21.17 12.46 -7.86
CA ARG A 161 20.85 12.41 -9.28
C ARG A 161 22.10 12.39 -10.14
N LEU A 162 22.07 11.58 -11.18
CA LEU A 162 23.12 11.53 -12.18
C LEU A 162 22.51 12.10 -13.48
N PRO A 163 23.35 12.44 -14.46
CA PRO A 163 22.85 13.02 -15.72
C PRO A 163 21.83 12.14 -16.45
N ARG A 164 22.00 10.82 -16.35
CA ARG A 164 21.13 9.86 -17.03
C ARG A 164 20.90 8.60 -16.17
N ALA A 165 19.82 7.89 -16.46
CA ALA A 165 19.50 6.60 -15.82
C ALA A 165 20.60 5.56 -15.98
N CYS A 166 21.35 5.65 -17.08
CA CYS A 166 22.48 4.76 -17.29
C CYS A 166 23.64 5.09 -16.32
N ASP A 167 23.78 6.35 -15.96
CA ASP A 167 24.79 6.76 -14.98
C ASP A 167 24.37 6.37 -13.54
N SER A 168 23.08 6.50 -13.23
CA SER A 168 22.59 6.08 -11.92
C SER A 168 22.75 4.56 -11.73
N ALA A 169 22.56 3.81 -12.82
CA ALA A 169 22.77 2.37 -12.83
C ALA A 169 24.25 2.01 -12.66
N GLU A 170 25.14 2.80 -13.24
CA GLU A 170 26.58 2.56 -13.09
C GLU A 170 26.97 2.69 -11.62
N VAL A 171 26.39 3.67 -10.94
CA VAL A 171 26.68 3.95 -9.53
C VAL A 171 26.13 2.87 -8.60
N LYS A 172 24.90 2.41 -8.88
CA LYS A 172 24.28 1.30 -8.16
C LYS A 172 25.18 0.05 -8.27
N ALA A 173 25.64 -0.23 -9.48
CA ALA A 173 26.49 -1.38 -9.75
C ALA A 173 27.80 -1.30 -8.96
N TRP A 174 28.40 -0.10 -8.96
CA TRP A 174 29.62 0.18 -8.23
C TRP A 174 29.45 0.00 -6.72
N LEU A 175 28.35 0.53 -6.18
CA LEU A 175 28.04 0.42 -4.76
C LEU A 175 27.83 -1.03 -4.33
N GLU A 176 27.42 -1.86 -5.29
CA GLU A 176 27.14 -3.28 -5.06
C GLU A 176 28.37 -4.19 -5.11
N THR A 177 29.45 -3.75 -5.74
CA THR A 177 30.73 -4.48 -5.67
C THR A 177 31.28 -4.38 -4.25
N SER A 178 32.03 -5.40 -3.84
CA SER A 178 32.63 -5.43 -2.50
C SER A 178 33.64 -4.30 -2.29
N GLU A 179 34.39 -3.99 -3.35
CA GLU A 179 35.41 -2.95 -3.31
C GLU A 179 34.78 -1.57 -3.19
N GLY A 180 33.68 -1.36 -3.90
CA GLY A 180 32.94 -0.10 -3.85
C GLY A 180 32.32 0.11 -2.48
N PHE A 181 31.62 -0.90 -1.99
CA PHE A 181 31.01 -0.82 -0.66
C PHE A 181 32.06 -0.58 0.44
N ALA A 182 33.26 -1.16 0.29
CA ALA A 182 34.34 -1.02 1.28
C ALA A 182 34.88 0.39 1.33
N VAL A 183 35.01 1.03 0.17
CA VAL A 183 35.43 2.43 0.09
C VAL A 183 34.42 3.34 0.80
N ILE A 184 33.14 3.08 0.55
CA ILE A 184 32.05 3.88 1.13
C ILE A 184 31.92 3.63 2.63
N LYS A 185 32.15 2.39 3.06
CA LYS A 185 32.11 2.02 4.47
C LYS A 185 33.25 2.67 5.27
N GLU A 186 34.45 2.71 4.71
CA GLU A 186 35.59 3.37 5.36
C GLU A 186 35.30 4.86 5.59
N ALA A 187 34.67 5.50 4.61
CA ALA A 187 34.30 6.91 4.72
C ALA A 187 33.28 7.12 5.83
N PHE A 188 32.19 6.36 5.76
CA PHE A 188 31.10 6.46 6.72
C PHE A 188 31.61 6.19 8.14
N ASP A 189 32.39 5.13 8.29
CA ASP A 189 32.88 4.69 9.61
C ASP A 189 33.90 5.64 10.25
N SER A 190 34.58 6.45 9.44
CA SER A 190 35.59 7.38 9.93
C SER A 190 35.02 8.55 10.74
N THR A 191 33.72 8.81 10.62
CA THR A 191 33.10 9.98 11.25
C THR A 191 32.77 9.83 12.74
N SER A 192 32.71 8.58 13.22
CA SER A 192 32.31 8.31 14.61
C SER A 192 32.75 6.92 15.09
N ARG A 193 32.96 6.78 16.39
CA ARG A 193 33.36 5.49 16.96
C ARG A 193 32.27 4.41 16.88
N PHE A 194 31.01 4.82 16.79
CA PHE A 194 29.91 3.87 16.66
C PHE A 194 29.46 3.67 15.20
N ALA A 195 30.01 4.47 14.29
CA ALA A 195 29.66 4.38 12.87
C ALA A 195 30.21 3.08 12.27
N ARG A 196 29.34 2.10 12.08
CA ARG A 196 29.71 0.79 11.53
C ARG A 196 28.72 0.40 10.42
N LEU A 197 29.04 0.79 9.18
CA LEU A 197 28.09 0.70 8.08
C LEU A 197 27.73 -0.74 7.76
N GLN A 198 26.43 -1.03 7.75
CA GLN A 198 25.89 -2.32 7.32
C GLN A 198 25.62 -2.30 5.82
N LYS A 199 25.14 -3.42 5.28
CA LYS A 199 24.77 -3.56 3.87
C LYS A 199 23.95 -2.36 3.35
N LEU A 200 24.33 -1.84 2.19
CA LEU A 200 23.61 -0.75 1.54
C LEU A 200 22.35 -1.29 0.90
N HIS A 201 21.30 -0.47 0.85
CA HIS A 201 20.11 -0.78 0.06
C HIS A 201 19.79 0.41 -0.86
N THR A 202 19.67 0.15 -2.16
CA THR A 202 19.48 1.23 -3.13
C THR A 202 18.29 0.98 -4.05
N SER A 203 17.72 2.07 -4.53
CA SER A 203 16.61 2.02 -5.47
C SER A 203 16.79 3.10 -6.54
N ILE A 204 16.53 2.75 -7.79
CA ILE A 204 16.62 3.69 -8.90
C ILE A 204 15.22 4.11 -9.37
N ALA A 205 15.09 5.38 -9.71
CA ALA A 205 13.92 5.89 -10.41
C ALA A 205 14.39 6.88 -11.47
N GLY A 206 14.70 6.36 -12.65
CA GLY A 206 15.26 7.17 -13.72
C GLY A 206 16.69 7.55 -13.35
N ARG A 207 16.97 8.84 -13.33
CA ARG A 207 18.30 9.29 -12.95
C ARG A 207 18.43 9.57 -11.46
N ASN A 208 17.33 9.43 -10.71
CA ASN A 208 17.38 9.44 -9.26
C ASN A 208 17.95 8.12 -8.74
N LEU A 209 18.83 8.20 -7.75
CA LEU A 209 19.30 7.04 -7.01
C LEU A 209 19.06 7.28 -5.53
N TYR A 210 18.38 6.35 -4.88
CA TYR A 210 18.10 6.42 -3.46
C TYR A 210 19.02 5.42 -2.75
N ILE A 211 19.78 5.89 -1.77
CA ILE A 211 20.77 5.09 -1.06
C ILE A 211 20.43 5.10 0.43
N ARG A 212 20.14 3.91 0.97
CA ARG A 212 19.75 3.74 2.35
C ARG A 212 20.96 3.25 3.15
N PHE A 213 21.52 4.15 3.95
CA PHE A 213 22.66 3.87 4.80
C PHE A 213 22.14 3.39 6.15
N GLN A 214 22.78 2.37 6.72
CA GLN A 214 22.30 1.78 7.97
C GLN A 214 23.47 1.40 8.88
N SER A 215 23.32 1.73 10.15
CA SER A 215 24.36 1.48 11.14
C SER A 215 23.77 1.56 12.54
N ARG A 216 24.37 0.84 13.46
CA ARG A 216 24.09 1.00 14.88
C ARG A 216 24.69 2.35 15.28
N SER A 217 24.41 2.77 16.51
CA SER A 217 24.79 4.10 16.95
C SER A 217 24.95 4.17 18.47
N GLY A 218 25.58 3.16 19.05
CA GLY A 218 25.64 3.05 20.50
C GLY A 218 24.23 3.05 21.07
N ASP A 219 24.03 3.81 22.15
CA ASP A 219 22.73 3.87 22.80
C ASP A 219 21.87 5.01 22.32
N ALA A 220 22.41 5.83 21.42
CA ALA A 220 21.63 6.93 20.85
C ALA A 220 20.69 6.42 19.75
N MET A 221 19.64 7.18 19.49
CA MET A 221 18.72 6.90 18.39
C MET A 221 19.47 7.03 17.06
N GLY A 222 20.32 8.04 16.99
CA GLY A 222 21.42 8.04 16.03
C GLY A 222 21.23 8.80 14.73
N MET A 223 20.20 9.64 14.62
CA MET A 223 19.96 10.33 13.35
C MET A 223 21.13 11.25 13.00
N ASN A 224 21.55 12.09 13.95
CA ASN A 224 22.64 13.04 13.70
C ASN A 224 23.95 12.34 13.34
N MET A 225 24.24 11.25 14.03
CA MET A 225 25.43 10.45 13.74
C MET A 225 25.37 9.81 12.34
N ILE A 226 24.25 9.17 12.03
CA ILE A 226 24.02 8.54 10.73
C ILE A 226 24.12 9.57 9.60
N SER A 227 23.65 10.79 9.87
CA SER A 227 23.63 11.87 8.89
C SER A 227 25.05 12.34 8.58
N LYS A 228 25.85 12.47 9.62
CA LYS A 228 27.26 12.88 9.50
C LYS A 228 28.01 11.86 8.66
N GLY A 229 27.91 10.59 9.04
CA GLY A 229 28.47 9.50 8.26
C GLY A 229 27.97 9.45 6.83
N THR A 230 26.70 9.80 6.62
CA THR A 230 26.09 9.75 5.29
C THR A 230 26.69 10.81 4.37
N GLU A 231 26.89 12.01 4.89
CA GLU A 231 27.37 13.12 4.09
C GLU A 231 28.83 12.93 3.72
N LYS A 232 29.61 12.35 4.62
CA LYS A 232 31.01 12.06 4.35
C LYS A 232 31.15 10.94 3.33
N ALA A 233 30.23 9.98 3.38
CA ALA A 233 30.19 8.87 2.41
C ALA A 233 29.78 9.34 1.03
N LEU A 234 28.83 10.29 0.98
CA LEU A 234 28.36 10.85 -0.29
C LEU A 234 29.44 11.74 -0.93
N SER A 235 30.19 12.46 -0.10
CA SER A 235 31.35 13.23 -0.53
C SER A 235 32.39 12.31 -1.17
N LYS A 236 32.62 11.14 -0.56
CA LYS A 236 33.54 10.15 -1.11
C LYS A 236 33.02 9.59 -2.44
N LEU A 237 31.71 9.37 -2.51
CA LEU A 237 31.09 8.83 -3.72
C LEU A 237 31.24 9.82 -4.86
N HIS A 238 31.25 11.11 -4.52
CA HIS A 238 31.38 12.18 -5.50
C HIS A 238 32.76 12.18 -6.18
N GLU A 239 33.80 11.73 -5.46
CA GLU A 239 35.14 11.59 -6.06
C GLU A 239 35.17 10.54 -7.17
N TYR A 240 34.38 9.47 -7.04
CA TYR A 240 34.24 8.46 -8.10
C TYR A 240 33.27 8.87 -9.22
N PHE A 241 32.32 9.72 -8.90
CA PHE A 241 31.29 10.16 -9.85
C PHE A 241 31.05 11.66 -9.68
N PRO A 242 31.93 12.48 -10.25
CA PRO A 242 31.85 13.95 -10.08
C PRO A 242 30.56 14.62 -10.62
N GLU A 243 29.90 14.01 -11.59
CA GLU A 243 28.68 14.58 -12.17
C GLU A 243 27.44 14.37 -11.28
N MET A 244 27.60 13.61 -10.20
CA MET A 244 26.52 13.36 -9.25
C MET A 244 26.12 14.63 -8.50
N GLN A 245 24.82 14.90 -8.48
CA GLN A 245 24.25 15.98 -7.70
C GLN A 245 23.61 15.38 -6.46
N ILE A 246 23.96 15.90 -5.29
CA ILE A 246 23.32 15.49 -4.06
C ILE A 246 22.09 16.37 -3.84
N LEU A 247 20.92 15.81 -4.14
CA LEU A 247 19.68 16.57 -4.12
C LEU A 247 19.20 16.85 -2.70
N ALA A 248 19.17 15.81 -1.86
CA ALA A 248 18.81 15.96 -0.45
C ALA A 248 19.33 14.79 0.39
N VAL A 249 19.77 15.09 1.61
CA VAL A 249 20.36 14.10 2.51
C VAL A 249 19.30 13.12 3.01
N SER A 250 18.04 13.58 3.03
CA SER A 250 16.90 12.68 3.08
C SER A 250 16.02 12.81 1.84
N GLY A 251 15.95 11.75 1.05
CA GLY A 251 14.99 11.65 -0.03
C GLY A 251 13.81 10.76 0.31
N ASN A 252 13.47 10.68 1.60
CA ASN A 252 12.32 9.90 2.09
C ASN A 252 12.43 8.38 1.90
N TYR A 253 13.64 7.91 1.62
CA TYR A 253 13.91 6.50 1.48
C TYR A 253 14.33 5.89 2.83
N CYS A 254 14.39 6.71 3.88
CA CYS A 254 14.88 6.25 5.18
C CYS A 254 14.07 5.10 5.81
N THR A 255 12.74 5.24 6.00
CA THR A 255 11.95 6.46 5.88
C THR A 255 11.63 6.97 7.30
N ASP A 256 11.82 8.26 7.52
CA ASP A 256 11.69 8.86 8.84
C ASP A 256 10.39 9.64 9.00
N LYS A 257 9.57 9.18 9.95
CA LYS A 257 8.35 9.84 10.38
C LYS A 257 7.23 9.93 9.33
N LYS A 258 7.31 9.09 8.30
CA LYS A 258 6.19 8.85 7.39
C LYS A 258 5.93 7.34 7.30
N PRO A 259 4.68 6.95 7.04
CA PRO A 259 4.37 5.53 6.81
C PRO A 259 5.06 5.04 5.53
N ALA A 260 5.77 3.93 5.62
CA ALA A 260 6.49 3.39 4.46
C ALA A 260 6.71 1.90 4.58
N ALA A 261 6.48 1.18 3.48
CA ALA A 261 6.60 -0.27 3.45
C ALA A 261 8.04 -0.72 3.65
N ILE A 262 9.00 0.10 3.21
CA ILE A 262 10.41 -0.22 3.36
C ILE A 262 10.81 -0.42 4.82
N ASN A 263 10.21 0.35 5.72
CA ASN A 263 10.44 0.17 7.16
C ASN A 263 9.84 -1.14 7.67
N TRP A 264 8.65 -1.47 7.19
CA TRP A 264 7.97 -2.71 7.53
C TRP A 264 8.76 -3.96 7.10
N ILE A 265 9.39 -3.89 5.93
CA ILE A 265 9.99 -5.06 5.31
C ILE A 265 11.49 -5.22 5.59
N GLU A 266 12.22 -4.10 5.65
CA GLU A 266 13.65 -4.12 5.92
C GLU A 266 13.96 -3.80 7.37
N GLY A 267 13.03 -3.15 8.06
CA GLY A 267 13.24 -2.71 9.42
C GLY A 267 13.91 -1.35 9.49
N ARG A 268 13.87 -0.75 10.67
CA ARG A 268 14.52 0.52 10.95
C ARG A 268 14.63 0.67 12.45
N GLY A 269 15.83 1.00 12.93
CA GLY A 269 16.11 0.94 14.34
C GLY A 269 16.08 -0.52 14.78
N LYS A 270 15.31 -0.82 15.81
CA LYS A 270 15.25 -2.16 16.37
C LYS A 270 14.03 -2.93 15.87
N SER A 271 14.27 -4.16 15.41
CA SER A 271 13.22 -5.09 15.05
C SER A 271 13.12 -6.07 16.21
N VAL A 272 11.90 -6.26 16.71
CA VAL A 272 11.68 -7.01 17.95
C VAL A 272 10.47 -7.94 17.83
N VAL A 273 10.57 -9.11 18.43
CA VAL A 273 9.42 -10.01 18.61
C VAL A 273 9.27 -10.36 20.10
N CYS A 274 8.03 -10.33 20.57
CA CYS A 274 7.69 -10.70 21.94
C CYS A 274 6.56 -11.73 21.93
N GLU A 275 6.55 -12.61 22.92
CA GLU A 275 5.54 -13.65 23.03
C GLU A 275 5.19 -14.02 24.47
N ALA A 276 4.06 -14.70 24.63
CA ALA A 276 3.64 -15.26 25.91
C ALA A 276 2.53 -16.28 25.69
N VAL A 277 2.29 -17.11 26.71
CA VAL A 277 1.20 -18.07 26.72
C VAL A 277 0.39 -17.84 27.99
N ILE A 278 -0.89 -17.54 27.81
CA ILE A 278 -1.79 -17.21 28.90
C ILE A 278 -2.65 -18.44 29.19
N PRO A 279 -2.51 -19.05 30.36
CA PRO A 279 -3.33 -20.21 30.75
C PRO A 279 -4.82 -19.95 30.55
N ALA A 280 -5.58 -20.98 30.17
CA ALA A 280 -7.03 -20.85 29.94
C ALA A 280 -7.77 -20.29 31.16
N LYS A 281 -7.37 -20.72 32.35
CA LYS A 281 -7.96 -20.23 33.59
C LYS A 281 -7.70 -18.74 33.81
N VAL A 282 -6.51 -18.27 33.43
CA VAL A 282 -6.17 -16.85 33.50
C VAL A 282 -6.94 -16.01 32.46
N VAL A 283 -7.25 -16.59 31.31
CA VAL A 283 -7.97 -15.87 30.25
C VAL A 283 -9.40 -15.60 30.73
N ARG A 284 -10.00 -16.60 31.36
CA ARG A 284 -11.36 -16.47 31.88
C ARG A 284 -11.44 -15.51 33.08
N GLU A 285 -10.47 -15.59 33.98
CA GLU A 285 -10.58 -14.91 35.28
C GLU A 285 -10.05 -13.48 35.27
N VAL A 286 -8.80 -13.31 34.83
CA VAL A 286 -8.23 -11.97 34.68
C VAL A 286 -8.85 -11.23 33.47
N LEU A 287 -8.97 -11.90 32.34
CA LEU A 287 -9.38 -11.24 31.08
C LEU A 287 -10.87 -11.36 30.71
N LYS A 288 -11.61 -12.22 31.42
CA LYS A 288 -13.08 -12.33 31.29
C LYS A 288 -13.57 -12.80 29.92
N THR A 289 -12.82 -13.72 29.32
CA THR A 289 -13.14 -14.22 27.99
C THR A 289 -12.60 -15.66 27.83
N THR A 290 -12.53 -16.17 26.60
CA THR A 290 -11.90 -17.46 26.35
C THR A 290 -10.82 -17.37 25.27
N THR A 291 -9.97 -18.39 25.24
CA THR A 291 -8.94 -18.48 24.21
C THR A 291 -9.54 -18.45 22.80
N GLU A 292 -10.63 -19.19 22.60
CA GLU A 292 -11.28 -19.31 21.30
C GLU A 292 -11.90 -17.99 20.81
N ALA A 293 -12.47 -17.21 21.74
CA ALA A 293 -13.05 -15.92 21.40
C ALA A 293 -11.98 -14.87 21.08
N MET A 294 -10.82 -14.98 21.73
CA MET A 294 -9.71 -14.06 21.51
C MET A 294 -9.11 -14.25 20.11
N ILE A 295 -8.89 -15.51 19.75
CA ILE A 295 -8.38 -15.89 18.42
C ILE A 295 -9.29 -15.37 17.31
N GLU A 296 -10.59 -15.49 17.53
CA GLU A 296 -11.61 -15.05 16.56
C GLU A 296 -11.59 -13.53 16.35
N VAL A 297 -11.54 -12.78 17.44
CA VAL A 297 -11.49 -11.32 17.34
C VAL A 297 -10.17 -10.87 16.70
N ASN A 298 -9.06 -11.51 17.06
CA ASN A 298 -7.75 -11.08 16.57
C ASN A 298 -7.61 -11.30 15.07
N ILE A 299 -8.05 -12.46 14.61
CA ILE A 299 -7.98 -12.78 13.20
C ILE A 299 -8.82 -11.81 12.38
N ASN A 300 -10.05 -11.54 12.84
CA ASN A 300 -11.01 -10.78 12.05
C ASN A 300 -10.96 -9.25 12.20
N LYS A 301 -10.27 -8.77 13.23
CA LYS A 301 -10.00 -7.35 13.43
C LYS A 301 -8.56 -7.02 12.99
N ASN A 302 -7.59 -7.67 13.62
CA ASN A 302 -6.19 -7.31 13.46
C ASN A 302 -5.53 -7.79 12.17
N LEU A 303 -6.10 -8.82 11.54
CA LEU A 303 -5.61 -9.26 10.24
C LEU A 303 -6.59 -8.86 9.15
N VAL A 304 -7.83 -9.34 9.24
CA VAL A 304 -8.81 -9.18 8.16
C VAL A 304 -9.32 -7.75 8.11
N GLY A 305 -9.64 -7.18 9.27
CA GLY A 305 -10.10 -5.81 9.36
C GLY A 305 -9.07 -4.84 8.83
N SER A 306 -7.83 -4.99 9.30
CA SER A 306 -6.74 -4.12 8.88
C SER A 306 -6.48 -4.30 7.39
N ALA A 307 -6.67 -5.53 6.90
CA ALA A 307 -6.52 -5.83 5.48
C ALA A 307 -7.59 -5.13 4.63
N MET A 308 -8.84 -5.09 5.10
CA MET A 308 -9.91 -4.39 4.36
C MET A 308 -9.72 -2.88 4.37
N ALA A 309 -9.14 -2.34 5.44
CA ALA A 309 -8.84 -0.93 5.55
C ALA A 309 -7.61 -0.51 4.71
N GLY A 310 -6.90 -1.46 4.13
CA GLY A 310 -5.75 -1.16 3.30
C GLY A 310 -4.56 -0.72 4.15
N SER A 311 -4.26 -1.48 5.18
CA SER A 311 -3.17 -1.14 6.08
C SER A 311 -1.86 -1.78 5.65
N ILE A 312 -0.78 -0.99 5.70
CA ILE A 312 0.57 -1.50 5.61
C ILE A 312 1.17 -1.30 6.99
N GLY A 313 1.33 -2.40 7.71
CA GLY A 313 2.05 -2.41 8.97
C GLY A 313 1.20 -2.14 10.19
N GLY A 314 -0.12 -2.05 10.03
CA GLY A 314 -1.01 -1.74 11.13
C GLY A 314 -1.89 -2.90 11.54
N TYR A 315 -1.30 -4.06 11.72
CA TYR A 315 -2.04 -5.28 12.00
C TYR A 315 -2.10 -5.53 13.51
N ASN A 316 -2.58 -4.53 14.24
CA ASN A 316 -2.65 -4.54 15.70
C ASN A 316 -3.83 -3.72 16.18
N ALA A 317 -4.11 -3.78 17.48
CA ALA A 317 -5.23 -3.04 18.08
C ALA A 317 -4.87 -1.59 18.40
N HIS A 318 -3.86 -1.40 19.24
CA HIS A 318 -3.48 -0.05 19.66
C HIS A 318 -2.02 0.05 20.14
N ALA A 319 -1.12 -0.62 19.43
CA ALA A 319 0.31 -0.46 19.66
C ALA A 319 0.70 1.01 19.88
N ALA A 320 0.15 1.90 19.05
CA ALA A 320 0.50 3.31 19.07
C ALA A 320 0.23 3.99 20.41
N ASN A 321 -0.83 3.56 21.11
CA ASN A 321 -1.10 4.04 22.47
C ASN A 321 0.07 3.79 23.43
N ILE A 322 0.56 2.56 23.47
CA ILE A 322 1.63 2.19 24.39
C ILE A 322 2.93 2.85 23.95
N VAL A 323 3.26 2.74 22.67
CA VAL A 323 4.46 3.34 22.11
C VAL A 323 4.53 4.82 22.47
N THR A 324 3.44 5.55 22.19
CA THR A 324 3.44 6.99 22.38
C THR A 324 3.64 7.35 23.84
N ALA A 325 3.00 6.60 24.74
CA ALA A 325 3.04 6.90 26.17
C ALA A 325 4.42 6.66 26.77
N ILE A 326 5.03 5.53 26.43
CA ILE A 326 6.39 5.26 26.88
C ILE A 326 7.34 6.31 26.31
N TYR A 327 7.17 6.66 25.03
CA TYR A 327 8.07 7.58 24.34
C TYR A 327 8.09 8.96 24.99
N ILE A 328 6.92 9.49 25.28
CA ILE A 328 6.81 10.80 25.91
C ILE A 328 7.45 10.77 27.31
N ALA A 329 7.24 9.67 28.03
CA ALA A 329 7.74 9.52 29.38
C ALA A 329 9.26 9.33 29.44
N CYS A 330 9.84 8.72 28.40
CA CYS A 330 11.25 8.32 28.44
C CYS A 330 12.16 9.21 27.56
N GLY A 331 11.62 10.34 27.13
CA GLY A 331 12.41 11.35 26.43
C GLY A 331 12.70 11.02 24.98
N GLN A 332 11.89 10.13 24.40
CA GLN A 332 12.02 9.76 22.98
C GLN A 332 11.39 10.81 22.08
N ASP A 333 11.70 10.72 20.80
CA ASP A 333 11.07 11.52 19.77
C ASP A 333 9.65 10.98 19.47
N ALA A 334 8.63 11.58 20.07
CA ALA A 334 7.24 11.09 19.97
C ALA A 334 6.70 11.06 18.53
N ALA A 335 7.24 11.92 17.67
CA ALA A 335 6.85 11.94 16.25
C ALA A 335 7.21 10.63 15.51
N GLN A 336 8.22 9.94 16.02
CA GLN A 336 8.61 8.65 15.50
C GLN A 336 7.64 7.52 15.83
N ASN A 337 6.52 7.83 16.49
CA ASN A 337 5.44 6.88 16.68
C ASN A 337 4.78 6.45 15.35
N VAL A 338 5.02 7.20 14.28
CA VAL A 338 4.46 6.88 12.97
C VAL A 338 4.89 5.47 12.54
N GLY A 339 6.19 5.22 12.51
CA GLY A 339 6.73 3.92 12.11
C GLY A 339 7.08 2.97 13.26
N SER A 340 7.35 3.53 14.45
CA SER A 340 7.67 2.73 15.62
C SER A 340 6.49 1.87 16.09
N SER A 341 5.28 2.29 15.76
CA SER A 341 4.05 1.59 16.13
C SER A 341 3.73 0.42 15.21
N ASN A 342 4.44 0.31 14.10
CA ASN A 342 4.27 -0.83 13.20
C ASN A 342 4.30 -2.12 14.03
N CYS A 343 3.26 -2.94 13.85
CA CYS A 343 3.07 -4.10 14.68
C CYS A 343 2.11 -5.11 14.05
N ILE A 344 2.47 -6.39 14.06
CA ILE A 344 1.52 -7.45 13.80
C ILE A 344 1.33 -8.27 15.08
N THR A 345 0.08 -8.35 15.52
CA THR A 345 -0.30 -9.11 16.71
C THR A 345 -0.98 -10.40 16.27
N LEU A 346 -0.41 -11.53 16.67
CA LEU A 346 -0.94 -12.85 16.36
C LEU A 346 -1.39 -13.59 17.62
N MET A 347 -2.47 -14.35 17.51
CA MET A 347 -2.97 -15.19 18.60
C MET A 347 -3.42 -16.54 18.06
N GLU A 348 -3.00 -17.62 18.71
CA GLU A 348 -3.46 -18.97 18.37
C GLU A 348 -3.65 -19.86 19.61
N ALA A 349 -4.23 -21.03 19.40
CA ALA A 349 -4.42 -22.02 20.45
C ALA A 349 -3.08 -22.67 20.83
N SER A 350 -2.96 -23.05 22.09
CA SER A 350 -1.74 -23.66 22.62
C SER A 350 -2.06 -24.72 23.68
N GLY A 351 -1.05 -25.52 24.02
CA GLY A 351 -1.17 -26.48 25.10
C GLY A 351 -1.82 -27.77 24.69
N PRO A 352 -1.92 -28.72 25.62
CA PRO A 352 -2.54 -30.03 25.35
C PRO A 352 -4.02 -29.92 24.96
N THR A 353 -4.77 -29.14 25.73
CA THR A 353 -6.21 -28.96 25.52
C THR A 353 -6.53 -28.09 24.30
N ASN A 354 -5.53 -27.38 23.78
CA ASN A 354 -5.74 -26.35 22.76
C ASN A 354 -6.57 -25.19 23.35
N GLU A 355 -6.53 -25.04 24.68
CA GLU A 355 -7.35 -24.05 25.40
C GLU A 355 -6.53 -22.87 25.93
N ASP A 356 -5.20 -23.00 25.89
CA ASP A 356 -4.31 -21.91 26.30
C ASP A 356 -4.12 -20.91 25.13
N LEU A 357 -3.92 -19.64 25.46
CA LEU A 357 -3.77 -18.58 24.46
C LEU A 357 -2.31 -18.19 24.20
N TYR A 358 -1.81 -18.51 23.01
CA TYR A 358 -0.53 -17.98 22.56
C TYR A 358 -0.72 -16.59 21.94
N ILE A 359 0.14 -15.65 22.32
CA ILE A 359 0.12 -14.30 21.77
C ILE A 359 1.54 -13.87 21.40
N SER A 360 1.67 -13.16 20.28
CA SER A 360 2.95 -12.56 19.88
C SER A 360 2.72 -11.21 19.21
N CYS A 361 3.63 -10.26 19.48
CA CYS A 361 3.70 -9.01 18.76
C CYS A 361 5.05 -8.92 18.04
N THR A 362 5.02 -8.50 16.78
CA THR A 362 6.23 -8.32 16.00
C THR A 362 6.30 -6.86 15.53
N MET A 363 7.36 -6.18 15.94
CA MET A 363 7.52 -4.74 15.72
C MET A 363 8.86 -4.52 15.00
N PRO A 364 8.82 -4.42 13.67
CA PRO A 364 10.04 -4.31 12.85
C PRO A 364 10.85 -3.02 12.94
N SER A 365 10.27 -1.91 13.41
CA SER A 365 10.89 -0.60 13.22
C SER A 365 10.74 0.34 14.42
N ILE A 366 11.13 -0.17 15.59
CA ILE A 366 11.14 0.62 16.82
C ILE A 366 12.34 1.57 16.81
N GLU A 367 12.06 2.87 16.75
CA GLU A 367 13.10 3.90 16.67
C GLU A 367 13.30 4.52 18.06
N ILE A 368 14.50 4.34 18.61
CA ILE A 368 14.67 4.55 20.06
C ILE A 368 16.12 4.72 20.52
N GLY A 369 16.26 5.31 21.71
CA GLY A 369 17.56 5.60 22.29
C GLY A 369 17.46 5.99 23.76
N THR A 370 18.53 5.72 24.49
CA THR A 370 18.62 6.10 25.90
C THR A 370 19.65 7.21 26.15
N VAL A 371 20.30 7.67 25.08
CA VAL A 371 21.20 8.83 25.13
C VAL A 371 20.79 9.81 24.02
N GLY A 372 20.90 11.10 24.30
CA GLY A 372 20.63 12.13 23.30
C GLY A 372 19.21 12.66 23.33
N GLY A 373 19.00 13.80 22.68
CA GLY A 373 17.70 14.43 22.58
C GLY A 373 17.03 14.62 23.93
N GLY A 374 15.75 14.30 24.01
CA GLY A 374 14.98 14.43 25.24
C GLY A 374 15.43 13.58 26.42
N THR A 375 16.24 12.55 26.19
CA THR A 375 16.80 11.76 27.30
C THR A 375 17.98 12.44 28.02
N ASN A 376 18.34 13.65 27.60
CA ASN A 376 19.31 14.50 28.32
C ASN A 376 18.67 15.20 29.52
N LEU A 377 17.34 15.24 29.53
CA LEU A 377 16.59 15.94 30.56
C LEU A 377 16.40 15.03 31.75
N LEU A 378 16.45 15.61 32.95
CA LEU A 378 16.45 14.83 34.19
C LEU A 378 15.13 14.10 34.49
N PRO A 379 13.98 14.71 34.24
CA PRO A 379 12.70 14.02 34.50
C PRO A 379 12.49 12.78 33.64
N GLN A 380 12.85 12.84 32.35
CA GLN A 380 12.66 11.68 31.50
C GLN A 380 13.72 10.63 31.82
N GLN A 381 14.87 11.07 32.32
CA GLN A 381 15.89 10.14 32.81
C GLN A 381 15.41 9.37 34.04
N ALA A 382 14.56 9.97 34.85
CA ALA A 382 13.98 9.27 35.99
C ALA A 382 13.16 8.09 35.50
N CYS A 383 12.42 8.29 34.43
CA CYS A 383 11.62 7.20 33.84
C CYS A 383 12.52 6.13 33.21
N LEU A 384 13.61 6.54 32.57
CA LEU A 384 14.60 5.60 32.04
C LEU A 384 15.31 4.85 33.18
N GLN A 385 15.45 5.50 34.33
CA GLN A 385 16.09 4.87 35.48
C GLN A 385 15.18 3.83 36.14
N MET A 386 13.86 4.07 36.11
CA MET A 386 12.89 3.05 36.55
C MET A 386 13.16 1.74 35.83
N LEU A 387 13.39 1.84 34.52
CA LEU A 387 13.54 0.66 33.66
C LEU A 387 14.96 0.09 33.66
N GLY A 388 15.90 0.78 34.30
CA GLY A 388 17.27 0.30 34.41
C GLY A 388 18.08 0.46 33.14
N VAL A 389 17.67 1.41 32.29
CA VAL A 389 18.24 1.60 30.95
C VAL A 389 18.70 3.03 30.65
N GLN A 390 18.78 3.88 31.66
CA GLN A 390 19.21 5.27 31.47
C GLN A 390 20.66 5.37 31.01
N GLY A 391 20.90 6.23 30.03
CA GLY A 391 22.24 6.53 29.56
C GLY A 391 22.89 5.42 28.74
N ALA A 392 24.19 5.59 28.49
CA ALA A 392 24.95 4.62 27.74
C ALA A 392 25.24 3.39 28.60
N CYS A 393 25.25 2.22 27.98
CA CYS A 393 25.78 1.01 28.59
C CYS A 393 27.25 0.90 28.24
N LYS A 394 28.12 1.09 29.22
CA LYS A 394 29.56 1.14 28.99
C LYS A 394 30.16 -0.23 28.76
N ASP A 395 29.59 -1.26 29.40
CA ASP A 395 30.06 -2.64 29.29
C ASP A 395 29.72 -3.24 27.93
N ASN A 396 28.64 -2.74 27.33
CA ASN A 396 28.13 -3.26 26.06
C ASN A 396 27.31 -2.19 25.32
N PRO A 397 27.99 -1.28 24.63
CA PRO A 397 27.32 -0.16 23.94
C PRO A 397 26.13 -0.58 23.07
N GLY A 398 24.99 0.11 23.25
CA GLY A 398 23.76 -0.21 22.55
C GLY A 398 22.80 -1.11 23.32
N GLU A 399 23.24 -1.69 24.42
CA GLU A 399 22.44 -2.68 25.15
C GLU A 399 21.27 -2.04 25.91
N ASN A 400 21.45 -0.80 26.37
CA ASN A 400 20.36 -0.08 27.04
C ASN A 400 19.22 0.28 26.11
N ALA A 401 19.55 0.71 24.89
CA ALA A 401 18.54 1.01 23.87
C ALA A 401 17.80 -0.27 23.43
N ARG A 402 18.54 -1.36 23.29
CA ARG A 402 17.96 -2.65 22.93
C ARG A 402 16.96 -3.10 23.99
N GLN A 403 17.36 -2.96 25.25
CA GLN A 403 16.54 -3.35 26.37
C GLN A 403 15.23 -2.55 26.37
N LEU A 404 15.32 -1.26 26.07
CA LEU A 404 14.15 -0.41 26.05
C LEU A 404 13.18 -0.82 24.94
N ALA A 405 13.74 -1.24 23.79
CA ALA A 405 12.94 -1.70 22.66
C ALA A 405 12.21 -2.98 23.03
N ARG A 406 12.85 -3.85 23.81
CA ARG A 406 12.23 -5.07 24.30
C ARG A 406 11.08 -4.74 25.25
N ILE A 407 11.25 -3.69 26.06
CA ILE A 407 10.23 -3.25 27.01
C ILE A 407 9.03 -2.65 26.27
N VAL A 408 9.30 -1.85 25.24
CA VAL A 408 8.24 -1.28 24.42
C VAL A 408 7.41 -2.39 23.78
N CYS A 409 8.08 -3.39 23.22
CA CYS A 409 7.40 -4.48 22.53
C CYS A 409 6.60 -5.35 23.53
N GLY A 410 7.16 -5.58 24.71
CA GLY A 410 6.50 -6.34 25.75
C GLY A 410 5.27 -5.66 26.28
N THR A 411 5.39 -4.35 26.51
CA THR A 411 4.30 -3.55 27.04
C THR A 411 3.20 -3.41 25.99
N VAL A 412 3.58 -3.37 24.72
CA VAL A 412 2.59 -3.32 23.64
C VAL A 412 1.77 -4.60 23.69
N MET A 413 2.46 -5.74 23.81
CA MET A 413 1.78 -7.03 23.89
C MET A 413 0.80 -7.08 25.06
N ALA A 414 1.17 -6.49 26.20
CA ALA A 414 0.28 -6.43 27.35
C ALA A 414 -0.99 -5.64 27.02
N GLY A 415 -0.80 -4.49 26.36
CA GLY A 415 -1.88 -3.63 25.93
C GLY A 415 -2.81 -4.28 24.90
N GLU A 416 -2.23 -5.05 23.99
CA GLU A 416 -3.01 -5.82 23.02
C GLU A 416 -3.87 -6.84 23.75
N LEU A 417 -3.23 -7.62 24.62
CA LEU A 417 -3.90 -8.65 25.40
C LEU A 417 -5.17 -8.13 26.05
N SER A 418 -5.05 -7.00 26.74
CA SER A 418 -6.14 -6.45 27.54
C SER A 418 -7.24 -5.80 26.69
N LEU A 419 -6.86 -4.97 25.71
CA LEU A 419 -7.87 -4.34 24.87
C LEU A 419 -8.66 -5.37 24.06
N MET A 420 -7.95 -6.37 23.52
CA MET A 420 -8.58 -7.41 22.73
C MET A 420 -9.54 -8.25 23.58
N ALA A 421 -9.15 -8.52 24.82
CA ALA A 421 -10.01 -9.24 25.75
C ALA A 421 -11.30 -8.47 25.99
N ALA A 422 -11.17 -7.17 26.20
CA ALA A 422 -12.31 -6.30 26.47
C ALA A 422 -13.23 -6.15 25.25
N LEU A 423 -12.66 -6.21 24.05
CA LEU A 423 -13.45 -6.13 22.82
C LEU A 423 -14.21 -7.44 22.61
N ALA A 424 -13.58 -8.55 23.01
CA ALA A 424 -14.14 -9.89 22.83
C ALA A 424 -15.33 -10.14 23.78
N ALA A 425 -15.19 -9.70 25.02
CA ALA A 425 -16.24 -9.86 26.03
C ALA A 425 -17.35 -8.84 25.83
N GLY A 426 -17.03 -7.73 25.17
CA GLY A 426 -18.02 -6.75 24.73
C GLY A 426 -18.80 -6.11 25.86
N HIS A 427 -18.18 -5.11 26.50
CA HIS A 427 -18.78 -4.34 27.60
C HIS A 427 -18.99 -5.19 28.87
N ALA B 25 -7.53 9.14 57.28
CA ALA B 25 -6.13 8.66 57.08
C ALA B 25 -5.09 9.78 57.24
N LYS B 26 -5.56 11.03 57.27
CA LYS B 26 -4.68 12.19 57.41
C LYS B 26 -4.00 12.27 58.77
N PHE B 27 -4.58 11.62 59.78
CA PHE B 27 -4.03 11.61 61.14
C PHE B 27 -2.91 10.57 61.33
N LEU B 28 -2.55 9.88 60.26
CA LEU B 28 -1.41 8.95 60.27
C LEU B 28 -0.24 9.55 59.49
N SER B 29 0.91 8.88 59.56
CA SER B 29 2.13 9.32 58.88
C SER B 29 2.45 8.39 57.70
N ASP B 30 3.30 8.87 56.79
CA ASP B 30 3.73 8.09 55.63
C ASP B 30 4.30 6.74 56.05
N ALA B 31 5.25 6.77 56.98
CA ALA B 31 5.97 5.59 57.44
C ALA B 31 5.05 4.52 58.05
N GLU B 32 3.96 4.96 58.68
CA GLU B 32 3.01 4.05 59.34
C GLU B 32 2.16 3.28 58.33
N ILE B 33 1.59 4.00 57.35
CA ILE B 33 0.77 3.38 56.31
C ILE B 33 1.56 2.34 55.51
N ILE B 34 2.85 2.61 55.29
CA ILE B 34 3.73 1.72 54.55
C ILE B 34 4.10 0.48 55.39
N GLN B 35 4.17 0.65 56.70
CA GLN B 35 4.43 -0.46 57.62
C GLN B 35 3.24 -1.42 57.68
N LEU B 36 2.04 -0.89 57.44
CA LEU B 36 0.81 -1.67 57.46
C LEU B 36 0.68 -2.55 56.20
N VAL B 37 1.12 -2.03 55.06
CA VAL B 37 1.04 -2.74 53.79
C VAL B 37 2.11 -3.84 53.68
N ASN B 38 3.29 -3.56 54.23
CA ASN B 38 4.41 -4.50 54.19
C ASN B 38 4.19 -5.68 55.14
N ALA B 39 3.62 -5.37 56.31
CA ALA B 39 3.23 -6.38 57.29
C ALA B 39 1.96 -7.14 56.88
N LYS B 40 1.25 -6.62 55.88
CA LYS B 40 0.08 -7.27 55.27
C LYS B 40 -1.18 -7.20 56.14
N HIS B 41 -1.27 -6.18 56.98
CA HIS B 41 -2.50 -5.90 57.73
C HIS B 41 -3.57 -5.24 56.86
N ILE B 42 -3.14 -4.47 55.86
CA ILE B 42 -4.04 -3.85 54.89
C ILE B 42 -3.62 -4.23 53.47
N PRO B 43 -4.60 -4.60 52.62
CA PRO B 43 -4.35 -4.85 51.19
C PRO B 43 -3.60 -3.69 50.52
N ALA B 44 -2.63 -4.03 49.66
CA ALA B 44 -1.68 -3.06 49.12
C ALA B 44 -2.34 -2.00 48.22
N TYR B 45 -2.66 -2.37 46.99
CA TYR B 45 -3.11 -1.39 45.99
C TYR B 45 -4.56 -0.91 46.19
N LYS B 46 -5.22 -1.39 47.25
CA LYS B 46 -6.55 -0.93 47.61
C LYS B 46 -6.49 0.08 48.77
N LEU B 47 -5.53 1.00 48.72
CA LEU B 47 -5.30 1.97 49.79
C LEU B 47 -5.68 3.40 49.43
N GLU B 48 -5.62 3.75 48.15
CA GLU B 48 -5.87 5.12 47.71
C GLU B 48 -7.38 5.46 47.62
N THR B 49 -8.23 4.48 47.93
CA THR B 49 -9.65 4.74 48.15
C THR B 49 -9.87 5.33 49.55
N LEU B 50 -9.09 4.83 50.51
CA LEU B 50 -9.11 5.32 51.90
C LEU B 50 -8.34 6.63 52.09
N ILE B 51 -7.46 6.97 51.15
CA ILE B 51 -6.68 8.20 51.23
C ILE B 51 -7.30 9.28 50.37
N HIS B 54 -5.17 13.65 46.97
CA HIS B 54 -4.62 13.10 45.73
C HIS B 54 -3.10 13.28 45.66
N GLU B 55 -2.60 14.42 46.12
CA GLU B 55 -1.15 14.66 46.15
C GLU B 55 -0.42 13.66 47.06
N ARG B 56 -1.06 13.28 48.17
CA ARG B 56 -0.47 12.29 49.09
C ARG B 56 -0.68 10.86 48.60
N GLY B 57 -1.75 10.62 47.85
CA GLY B 57 -1.98 9.33 47.22
C GLY B 57 -0.85 8.98 46.24
N VAL B 58 -0.37 10.00 45.52
CA VAL B 58 0.74 9.85 44.59
C VAL B 58 2.05 9.58 45.33
N SER B 59 2.29 10.36 46.39
CA SER B 59 3.50 10.23 47.21
C SER B 59 3.69 8.82 47.75
N ILE B 60 2.59 8.22 48.19
CA ILE B 60 2.60 6.87 48.76
C ILE B 60 2.80 5.81 47.69
N ARG B 61 2.21 6.01 46.51
CA ARG B 61 2.41 5.07 45.39
C ARG B 61 3.88 5.08 44.97
N ARG B 62 4.48 6.26 44.95
CA ARG B 62 5.89 6.43 44.61
C ARG B 62 6.84 5.79 45.62
N GLN B 63 6.55 5.97 46.91
CA GLN B 63 7.40 5.46 47.97
C GLN B 63 7.38 3.93 47.97
N LEU B 64 6.18 3.36 47.92
CA LEU B 64 6.00 1.91 47.81
C LEU B 64 6.71 1.35 46.59
N LEU B 65 6.63 2.08 45.48
CA LEU B 65 7.18 1.65 44.20
C LEU B 65 8.71 1.70 44.18
N SER B 66 9.29 2.70 44.84
CA SER B 66 10.73 2.94 44.80
C SER B 66 11.54 1.79 45.38
N LYS B 67 11.03 1.17 46.45
CA LYS B 67 11.75 0.06 47.08
C LYS B 67 11.71 -1.25 46.29
N LYS B 68 10.78 -1.34 45.33
CA LYS B 68 10.74 -2.47 44.39
C LYS B 68 11.75 -2.33 43.23
N LEU B 69 12.30 -1.13 43.05
CA LEU B 69 13.21 -0.83 41.96
C LEU B 69 14.66 -1.18 42.27
N SER B 70 15.42 -1.49 41.23
CA SER B 70 16.86 -1.75 41.35
C SER B 70 17.58 -0.56 41.97
N GLU B 71 17.17 0.64 41.58
CA GLU B 71 17.66 1.89 42.16
C GLU B 71 16.48 2.61 42.82
N PRO B 72 16.36 2.55 44.15
CA PRO B 72 15.30 3.23 44.88
C PRO B 72 15.26 4.77 44.78
N SER B 73 16.23 5.43 44.15
CA SER B 73 16.21 6.88 44.02
C SER B 73 15.94 7.34 42.58
N SER B 74 15.46 6.45 41.72
CA SER B 74 15.29 6.78 40.31
C SER B 74 14.16 7.79 40.06
N LEU B 75 13.15 7.81 40.92
CA LEU B 75 12.06 8.79 40.82
C LEU B 75 12.37 10.16 41.44
N GLN B 76 13.61 10.36 41.92
CA GLN B 76 14.01 11.61 42.57
C GLN B 76 13.62 12.85 41.78
N TYR B 77 14.02 12.87 40.51
CA TYR B 77 13.85 14.04 39.64
C TYR B 77 12.59 13.95 38.74
N LEU B 78 11.67 13.04 39.05
CA LEU B 78 10.36 13.02 38.42
C LEU B 78 9.38 13.89 39.23
N PRO B 79 8.99 15.04 38.67
CA PRO B 79 8.08 15.97 39.35
C PRO B 79 6.72 15.37 39.71
N TYR B 80 6.09 15.91 40.75
CA TYR B 80 4.77 15.44 41.18
C TYR B 80 4.00 16.45 42.04
N ARG B 81 4.70 17.21 42.88
CA ARG B 81 4.09 18.23 43.74
C ARG B 81 3.48 19.39 42.94
N ASP B 82 2.51 20.05 43.55
CA ASP B 82 1.87 21.26 43.02
C ASP B 82 1.33 21.12 41.60
N TYR B 83 0.48 20.11 41.44
CA TYR B 83 -0.21 19.85 40.18
C TYR B 83 -1.61 19.28 40.46
N ASN B 84 -2.60 19.79 39.74
CA ASN B 84 -3.99 19.41 39.95
C ASN B 84 -4.31 18.00 39.42
N TYR B 85 -4.29 17.03 40.32
CA TYR B 85 -4.57 15.63 39.97
C TYR B 85 -6.05 15.28 39.99
N SER B 86 -6.91 16.22 40.41
CA SER B 86 -8.35 15.95 40.55
C SER B 86 -9.04 15.74 39.19
N LEU B 87 -8.62 16.51 38.19
CA LEU B 87 -9.16 16.35 36.82
C LEU B 87 -8.52 15.14 36.11
N VAL B 88 -7.38 14.69 36.61
CA VAL B 88 -6.61 13.60 36.01
C VAL B 88 -7.02 12.22 36.52
N MET B 89 -7.48 12.13 37.76
CA MET B 89 -7.72 10.84 38.40
C MET B 89 -9.04 10.25 37.91
N GLY B 90 -9.01 9.01 37.44
CA GLY B 90 -10.18 8.34 36.90
C GLY B 90 -10.79 9.07 35.71
N ALA B 91 -9.93 9.55 34.80
CA ALA B 91 -10.37 10.34 33.66
C ALA B 91 -9.30 10.39 32.56
N CYS B 92 -8.07 10.75 32.96
CA CYS B 92 -6.93 10.85 32.04
C CYS B 92 -5.79 9.86 32.29
N CYS B 93 -5.69 9.34 33.51
CA CYS B 93 -4.55 8.49 33.90
C CYS B 93 -4.80 7.71 35.19
N GLU B 94 -4.19 6.54 35.30
CA GLU B 94 -4.28 5.71 36.51
C GLU B 94 -2.90 5.28 36.99
N ASN B 95 -2.83 4.85 38.26
CA ASN B 95 -1.56 4.54 38.92
C ASN B 95 -0.53 5.67 38.74
N VAL B 96 -0.99 6.91 38.94
CA VAL B 96 -0.17 8.10 38.68
C VAL B 96 0.98 8.28 39.68
N ILE B 97 2.19 8.49 39.16
CA ILE B 97 3.37 8.68 40.00
C ILE B 97 4.02 10.05 39.76
N GLY B 98 3.33 10.92 39.05
CA GLY B 98 3.86 12.23 38.74
C GLY B 98 3.45 12.74 37.37
N TYR B 99 4.30 13.57 36.79
CA TYR B 99 4.07 14.14 35.48
C TYR B 99 5.38 14.47 34.75
N MET B 100 5.32 14.44 33.42
CA MET B 100 6.49 14.64 32.56
C MET B 100 6.40 16.00 31.86
N PRO B 101 7.27 16.95 32.24
CA PRO B 101 7.32 18.24 31.54
C PRO B 101 7.89 18.15 30.12
N ILE B 102 7.12 18.61 29.14
CA ILE B 102 7.60 18.69 27.76
C ILE B 102 7.80 20.18 27.43
N PRO B 103 9.03 20.58 27.11
CA PRO B 103 9.29 22.00 26.76
C PRO B 103 8.33 22.50 25.68
N VAL B 104 7.80 23.72 25.85
CA VAL B 104 6.90 24.32 24.88
C VAL B 104 7.53 25.58 24.26
N GLY B 105 7.85 25.52 22.98
CA GLY B 105 8.25 26.68 22.21
C GLY B 105 7.06 27.29 21.49
N VAL B 106 7.28 28.45 20.87
CA VAL B 106 6.24 29.11 20.07
C VAL B 106 6.76 29.46 18.68
N ALA B 107 5.99 29.07 17.67
CA ALA B 107 6.25 29.43 16.29
C ALA B 107 5.16 30.37 15.85
N GLY B 108 5.55 31.58 15.47
CA GLY B 108 4.61 32.57 14.97
C GLY B 108 5.26 33.93 14.74
N PRO B 109 4.51 34.90 14.23
CA PRO B 109 3.09 34.74 13.88
C PRO B 109 2.85 33.91 12.63
N LEU B 110 1.84 33.04 12.66
CA LEU B 110 1.40 32.30 11.47
C LEU B 110 0.24 33.04 10.85
N CYS B 111 0.45 33.57 9.66
CA CYS B 111 -0.56 34.35 8.95
C CYS B 111 -1.44 33.42 8.12
N LEU B 112 -2.65 33.14 8.61
CA LEU B 112 -3.53 32.13 8.06
C LEU B 112 -4.98 32.64 8.05
N ASP B 113 -5.61 32.66 6.87
CA ASP B 113 -7.00 33.10 6.70
C ASP B 113 -7.27 34.48 7.32
N GLU B 114 -6.41 35.45 6.98
CA GLU B 114 -6.54 36.83 7.44
C GLU B 114 -6.34 37.01 8.94
N LYS B 115 -5.72 36.01 9.59
CA LYS B 115 -5.47 36.04 11.03
C LYS B 115 -3.98 35.80 11.34
N GLU B 116 -3.63 35.90 12.62
CA GLU B 116 -2.26 35.73 13.08
C GLU B 116 -2.24 34.87 14.34
N PHE B 117 -1.57 33.72 14.26
CA PHE B 117 -1.59 32.73 15.32
C PHE B 117 -0.20 32.53 15.93
N GLN B 118 -0.16 32.27 17.22
CA GLN B 118 1.08 31.94 17.91
C GLN B 118 0.90 30.50 18.37
N VAL B 119 1.65 29.62 17.71
CA VAL B 119 1.40 28.19 17.79
C VAL B 119 2.27 27.54 18.86
N PRO B 120 1.65 26.96 19.89
CA PRO B 120 2.41 26.22 20.90
C PRO B 120 2.88 24.88 20.33
N MET B 121 4.14 24.54 20.58
CA MET B 121 4.73 23.31 20.09
C MET B 121 5.53 22.68 21.21
N ALA B 122 5.02 21.58 21.74
CA ALA B 122 5.69 20.84 22.80
C ALA B 122 6.58 19.77 22.19
N THR B 123 7.90 19.95 22.31
CA THR B 123 8.87 19.04 21.73
C THR B 123 10.25 19.09 22.42
N THR B 124 11.03 18.02 22.22
CA THR B 124 12.43 17.97 22.69
C THR B 124 13.43 17.81 21.55
N GLU B 125 12.97 17.99 20.32
CA GLU B 125 13.84 17.94 19.15
C GLU B 125 14.43 19.32 18.93
N GLY B 126 15.76 19.38 18.92
CA GLY B 126 16.47 20.63 18.66
C GLY B 126 16.16 21.17 17.28
N CYS B 127 16.04 22.49 17.20
CA CYS B 127 15.82 23.25 15.97
C CYS B 127 14.44 23.10 15.32
N LEU B 128 13.56 22.27 15.86
CA LEU B 128 12.24 22.09 15.26
C LEU B 128 11.43 23.39 15.33
N VAL B 129 11.33 23.97 16.52
CA VAL B 129 10.57 25.20 16.71
C VAL B 129 11.17 26.32 15.86
N ALA B 130 12.50 26.43 15.86
CA ALA B 130 13.19 27.47 15.12
C ALA B 130 12.90 27.35 13.64
N SER B 131 12.96 26.14 13.10
CA SER B 131 12.74 25.91 11.68
C SER B 131 11.30 26.23 11.28
N THR B 132 10.34 25.74 12.06
CA THR B 132 8.93 26.02 11.83
C THR B 132 8.70 27.53 11.83
N ASN B 133 9.38 28.22 12.74
CA ASN B 133 9.31 29.67 12.88
C ASN B 133 9.76 30.38 11.61
N ARG B 134 10.84 29.91 11.00
CA ARG B 134 11.33 30.47 9.74
C ARG B 134 10.34 30.23 8.60
N GLY B 135 9.63 29.11 8.67
CA GLY B 135 8.59 28.79 7.69
C GLY B 135 7.45 29.77 7.81
N CYS B 136 7.07 30.10 9.06
CA CYS B 136 6.02 31.09 9.31
C CYS B 136 6.41 32.46 8.74
N ARG B 137 7.68 32.81 8.88
CA ARG B 137 8.19 34.12 8.51
C ARG B 137 8.12 34.32 6.99
N ALA B 138 8.42 33.26 6.24
CA ALA B 138 8.34 33.31 4.78
C ALA B 138 6.90 33.40 4.29
N ILE B 139 5.99 32.71 4.98
CA ILE B 139 4.57 32.75 4.63
C ILE B 139 4.02 34.15 4.84
N GLY B 140 4.34 34.76 5.97
CA GLY B 140 3.89 36.11 6.28
C GLY B 140 4.38 37.12 5.26
N LEU B 141 5.62 36.96 4.81
CA LEU B 141 6.23 37.84 3.81
C LEU B 141 5.74 37.57 2.38
N GLY B 142 5.01 36.48 2.19
CA GLY B 142 4.36 36.18 0.93
C GLY B 142 2.85 36.37 0.94
N GLY B 143 2.37 37.21 1.87
CA GLY B 143 0.97 37.57 1.92
C GLY B 143 0.07 36.63 2.70
N GLY B 144 0.66 35.60 3.30
CA GLY B 144 -0.07 34.69 4.16
C GLY B 144 -0.61 33.50 3.41
N ALA B 145 -1.20 32.58 4.17
CA ALA B 145 -1.70 31.31 3.67
C ALA B 145 -3.23 31.28 3.74
N SER B 146 -3.84 30.31 3.07
CA SER B 146 -5.28 30.12 3.08
C SER B 146 -5.61 28.63 3.28
N SER B 147 -6.66 28.34 4.04
CA SER B 147 -7.05 26.97 4.31
C SER B 147 -8.56 26.77 4.27
N ARG B 148 -8.95 25.54 3.95
CA ARG B 148 -10.34 25.12 3.92
C ARG B 148 -10.47 23.72 4.53
N VAL B 149 -11.45 23.56 5.40
CA VAL B 149 -11.87 22.23 5.85
C VAL B 149 -12.74 21.65 4.74
N LEU B 150 -12.30 20.52 4.19
CA LEU B 150 -12.98 19.86 3.06
C LEU B 150 -14.05 18.86 3.51
N ALA B 151 -13.87 18.27 4.69
CA ALA B 151 -14.80 17.29 5.23
C ALA B 151 -14.60 17.20 6.73
N ASP B 152 -15.57 16.59 7.43
CA ASP B 152 -15.57 16.60 8.90
C ASP B 152 -16.43 15.48 9.46
N GLY B 153 -15.81 14.56 10.20
CA GLY B 153 -16.53 13.49 10.86
C GLY B 153 -15.63 12.37 11.35
N MET B 154 -15.72 12.06 12.65
CA MET B 154 -14.98 10.98 13.29
C MET B 154 -15.65 9.66 12.93
N THR B 155 -14.89 8.56 12.99
CA THR B 155 -15.44 7.27 12.59
C THR B 155 -15.20 6.17 13.61
N ARG B 156 -16.00 5.12 13.51
CA ARG B 156 -15.84 3.89 14.28
C ARG B 156 -16.27 2.73 13.38
N GLY B 157 -15.45 1.68 13.33
CA GLY B 157 -15.57 0.65 12.32
C GLY B 157 -15.68 -0.75 12.87
N PRO B 158 -16.81 -1.09 13.50
CA PRO B 158 -17.01 -2.43 14.07
C PRO B 158 -17.02 -3.56 13.02
N VAL B 159 -16.70 -4.76 13.47
CA VAL B 159 -16.85 -5.98 12.69
C VAL B 159 -18.00 -6.80 13.28
N VAL B 160 -19.02 -7.08 12.47
CA VAL B 160 -20.08 -8.02 12.82
C VAL B 160 -20.01 -9.28 11.94
N ARG B 161 -20.67 -10.34 12.39
CA ARG B 161 -20.62 -11.63 11.73
C ARG B 161 -22.01 -12.22 11.56
N LEU B 162 -22.34 -12.64 10.35
CA LEU B 162 -23.58 -13.38 10.08
C LEU B 162 -23.21 -14.83 9.85
N PRO B 163 -24.18 -15.76 9.91
CA PRO B 163 -23.88 -17.18 9.68
C PRO B 163 -23.23 -17.46 8.32
N ARG B 164 -23.65 -16.72 7.29
CA ARG B 164 -23.14 -16.92 5.93
C ARG B 164 -22.84 -15.58 5.26
N ALA B 165 -21.93 -15.61 4.27
CA ALA B 165 -21.69 -14.45 3.40
C ALA B 165 -22.99 -13.92 2.77
N CYS B 166 -23.89 -14.81 2.39
CA CYS B 166 -25.18 -14.41 1.81
C CYS B 166 -26.01 -13.57 2.76
N ASP B 167 -26.01 -13.95 4.03
CA ASP B 167 -26.66 -13.17 5.08
C ASP B 167 -25.95 -11.84 5.33
N SER B 168 -24.62 -11.84 5.29
CA SER B 168 -23.87 -10.58 5.43
C SER B 168 -24.16 -9.65 4.26
N ALA B 169 -24.31 -10.24 3.07
CA ALA B 169 -24.69 -9.50 1.87
C ALA B 169 -26.08 -8.88 2.04
N GLU B 170 -26.98 -9.61 2.69
CA GLU B 170 -28.35 -9.16 2.92
C GLU B 170 -28.34 -7.89 3.78
N VAL B 171 -27.53 -7.90 4.84
CA VAL B 171 -27.42 -6.77 5.75
C VAL B 171 -26.83 -5.54 5.05
N LYS B 172 -25.88 -5.76 4.13
CA LYS B 172 -25.26 -4.65 3.43
C LYS B 172 -26.24 -3.99 2.45
N ALA B 173 -27.05 -4.80 1.78
CA ALA B 173 -28.09 -4.28 0.89
C ALA B 173 -29.16 -3.51 1.68
N TRP B 174 -29.49 -4.00 2.86
CA TRP B 174 -30.51 -3.37 3.70
C TRP B 174 -30.04 -2.02 4.24
N LEU B 175 -28.78 -1.97 4.69
CA LEU B 175 -28.17 -0.74 5.18
C LEU B 175 -28.05 0.31 4.07
N GLU B 176 -28.01 -0.14 2.82
CA GLU B 176 -27.94 0.75 1.66
C GLU B 176 -29.30 1.27 1.17
N THR B 177 -30.41 0.63 1.57
CA THR B 177 -31.75 1.19 1.28
C THR B 177 -31.94 2.43 2.15
N SER B 178 -32.59 3.46 1.59
CA SER B 178 -32.82 4.71 2.34
C SER B 178 -33.62 4.51 3.65
N GLU B 179 -34.47 3.48 3.68
CA GLU B 179 -35.31 3.21 4.85
C GLU B 179 -34.56 2.43 5.93
N GLY B 180 -33.68 1.52 5.50
CA GLY B 180 -32.79 0.84 6.41
C GLY B 180 -31.86 1.84 7.06
N PHE B 181 -31.30 2.75 6.26
CA PHE B 181 -30.38 3.75 6.74
C PHE B 181 -31.03 4.70 7.75
N ALA B 182 -32.27 5.10 7.50
CA ALA B 182 -32.97 6.04 8.37
C ALA B 182 -33.24 5.42 9.75
N VAL B 183 -33.58 4.13 9.76
CA VAL B 183 -33.79 3.39 11.00
C VAL B 183 -32.50 3.34 11.82
N ILE B 184 -31.38 3.08 11.16
CA ILE B 184 -30.06 3.07 11.80
C ILE B 184 -29.64 4.49 12.19
N LYS B 185 -29.97 5.47 11.35
CA LYS B 185 -29.60 6.86 11.58
C LYS B 185 -30.33 7.44 12.80
N GLU B 186 -31.59 7.04 13.00
CA GLU B 186 -32.38 7.52 14.12
C GLU B 186 -31.87 6.93 15.43
N ALA B 187 -31.52 5.65 15.41
CA ALA B 187 -30.95 5.00 16.59
C ALA B 187 -29.57 5.57 16.95
N PHE B 188 -28.83 6.03 15.94
CA PHE B 188 -27.50 6.59 16.14
C PHE B 188 -27.60 8.00 16.69
N ASP B 189 -28.44 8.81 16.05
CA ASP B 189 -28.64 10.21 16.41
C ASP B 189 -29.32 10.41 17.77
N SER B 190 -29.95 9.36 18.29
CA SER B 190 -30.68 9.45 19.57
C SER B 190 -29.76 9.60 20.80
N THR B 191 -28.51 9.14 20.67
CA THR B 191 -27.58 9.09 21.81
C THR B 191 -26.96 10.43 22.19
N SER B 192 -26.97 11.39 21.28
CA SER B 192 -26.30 12.67 21.50
C SER B 192 -26.82 13.74 20.55
N ARG B 193 -26.77 15.00 21.00
CA ARG B 193 -27.27 16.12 20.20
C ARG B 193 -26.39 16.42 19.00
N PHE B 194 -25.09 16.15 19.12
CA PHE B 194 -24.14 16.34 18.02
C PHE B 194 -24.13 15.17 17.03
N ALA B 195 -24.70 14.04 17.44
CA ALA B 195 -24.76 12.82 16.61
C ALA B 195 -25.66 12.99 15.40
N ARG B 196 -25.05 13.16 14.23
CA ARG B 196 -25.73 13.29 12.95
C ARG B 196 -25.07 12.35 11.94
N LEU B 197 -25.60 11.14 11.82
CA LEU B 197 -24.95 10.10 11.03
C LEU B 197 -24.95 10.42 9.55
N GLN B 198 -23.76 10.43 8.96
CA GLN B 198 -23.56 10.65 7.52
C GLN B 198 -23.65 9.29 6.81
N LYS B 199 -23.37 9.28 5.50
CA LYS B 199 -23.53 8.08 4.70
C LYS B 199 -22.62 6.93 5.16
N LEU B 200 -23.23 5.74 5.29
CA LEU B 200 -22.57 4.54 5.80
C LEU B 200 -21.62 3.97 4.74
N HIS B 201 -20.44 3.54 5.17
CA HIS B 201 -19.52 2.83 4.28
C HIS B 201 -19.27 1.42 4.83
N THR B 202 -19.52 0.41 4.00
CA THR B 202 -19.42 -0.98 4.43
C THR B 202 -18.51 -1.78 3.51
N SER B 203 -17.94 -2.83 4.07
CA SER B 203 -17.07 -3.74 3.33
C SER B 203 -17.27 -5.17 3.84
N ILE B 204 -17.43 -6.11 2.92
CA ILE B 204 -17.67 -7.49 3.27
C ILE B 204 -16.39 -8.27 3.10
N ALA B 205 -16.19 -9.24 3.98
CA ALA B 205 -15.14 -10.24 3.84
C ALA B 205 -15.73 -11.56 4.33
N GLY B 206 -16.32 -12.31 3.40
CA GLY B 206 -17.02 -13.54 3.73
C GLY B 206 -18.24 -13.20 4.55
N ARG B 207 -18.41 -13.89 5.67
CA ARG B 207 -19.52 -13.57 6.56
C ARG B 207 -19.24 -12.38 7.50
N ASN B 208 -18.04 -11.80 7.43
CA ASN B 208 -17.76 -10.54 8.10
C ASN B 208 -18.36 -9.36 7.35
N LEU B 209 -19.03 -8.47 8.09
CA LEU B 209 -19.40 -7.15 7.58
C LEU B 209 -18.72 -6.11 8.46
N TYR B 210 -17.99 -5.20 7.83
CA TYR B 210 -17.35 -4.08 8.51
C TYR B 210 -18.18 -2.85 8.19
N ILE B 211 -18.60 -2.13 9.21
CA ILE B 211 -19.48 -0.98 9.07
C ILE B 211 -18.77 0.24 9.65
N ARG B 212 -18.49 1.20 8.78
CA ARG B 212 -17.82 2.44 9.11
C ARG B 212 -18.88 3.52 9.37
N PHE B 213 -19.15 3.78 10.64
CA PHE B 213 -20.05 4.84 11.08
C PHE B 213 -19.28 6.15 11.16
N GLN B 214 -19.87 7.21 10.61
CA GLN B 214 -19.24 8.53 10.59
C GLN B 214 -20.23 9.62 10.99
N SER B 215 -19.77 10.54 11.84
CA SER B 215 -20.57 11.69 12.24
C SER B 215 -19.68 12.79 12.81
N ARG B 216 -20.20 14.02 12.75
CA ARG B 216 -19.61 15.13 13.47
C ARG B 216 -19.82 14.89 14.96
N SER B 217 -19.11 15.64 15.79
CA SER B 217 -19.12 15.41 17.23
C SER B 217 -18.95 16.72 18.00
N GLY B 218 -19.47 17.80 17.43
CA GLY B 218 -19.27 19.12 17.98
C GLY B 218 -17.80 19.46 17.93
N ASP B 219 -17.27 19.93 19.05
CA ASP B 219 -15.87 20.31 19.17
C ASP B 219 -15.00 19.20 19.74
N ALA B 220 -15.61 18.15 20.28
CA ALA B 220 -14.86 17.01 20.79
C ALA B 220 -14.23 16.23 19.64
N MET B 221 -13.18 15.47 19.95
CA MET B 221 -12.56 14.59 18.96
C MET B 221 -13.55 13.49 18.59
N GLY B 222 -14.31 13.03 19.59
CA GLY B 222 -15.56 12.33 19.36
C GLY B 222 -15.54 10.81 19.39
N MET B 223 -14.54 10.19 20.01
CA MET B 223 -14.45 8.72 19.99
C MET B 223 -15.52 8.09 20.87
N ASN B 224 -15.61 8.53 22.12
CA ASN B 224 -16.59 7.97 23.05
C ASN B 224 -18.03 8.23 22.56
N MET B 225 -18.24 9.41 21.99
CA MET B 225 -19.55 9.80 21.46
C MET B 225 -19.97 8.89 20.30
N ILE B 226 -19.07 8.69 19.34
CA ILE B 226 -19.34 7.86 18.16
C ILE B 226 -19.49 6.39 18.58
N SER B 227 -18.76 5.98 19.62
CA SER B 227 -18.84 4.61 20.14
C SER B 227 -20.21 4.33 20.77
N LYS B 228 -20.78 5.34 21.41
CA LYS B 228 -22.10 5.25 22.03
C LYS B 228 -23.16 5.07 20.96
N GLY B 229 -23.18 5.99 20.00
CA GLY B 229 -24.12 5.95 18.89
C GLY B 229 -24.01 4.69 18.05
N THR B 230 -22.79 4.17 17.94
CA THR B 230 -22.54 2.96 17.18
C THR B 230 -23.17 1.76 17.89
N GLU B 231 -22.95 1.65 19.20
CA GLU B 231 -23.44 0.52 19.97
C GLU B 231 -24.97 0.42 19.98
N LYS B 232 -25.62 1.58 20.06
CA LYS B 232 -27.08 1.65 19.99
C LYS B 232 -27.56 1.32 18.58
N ALA B 233 -26.82 1.79 17.58
CA ALA B 233 -27.16 1.54 16.18
C ALA B 233 -27.08 0.05 15.86
N LEU B 234 -26.07 -0.63 16.40
CA LEU B 234 -25.92 -2.07 16.19
C LEU B 234 -27.02 -2.84 16.94
N SER B 235 -27.44 -2.30 18.08
CA SER B 235 -28.58 -2.84 18.83
C SER B 235 -29.83 -2.87 17.96
N LYS B 236 -30.10 -1.76 17.28
CA LYS B 236 -31.23 -1.65 16.36
C LYS B 236 -31.12 -2.64 15.21
N LEU B 237 -29.94 -2.75 14.62
CA LEU B 237 -29.69 -3.67 13.50
C LEU B 237 -29.85 -5.11 13.94
N HIS B 238 -29.60 -5.37 15.21
CA HIS B 238 -29.72 -6.71 15.81
C HIS B 238 -31.18 -7.17 15.89
N GLU B 239 -32.11 -6.22 15.91
CA GLU B 239 -33.54 -6.52 15.91
C GLU B 239 -33.99 -7.02 14.54
N TYR B 240 -33.49 -6.40 13.47
CA TYR B 240 -33.86 -6.78 12.11
C TYR B 240 -33.12 -8.03 11.63
N PHE B 241 -31.99 -8.36 12.26
CA PHE B 241 -31.22 -9.57 11.95
C PHE B 241 -30.70 -10.20 13.25
N PRO B 242 -31.56 -10.90 13.99
CA PRO B 242 -31.16 -11.53 15.26
C PRO B 242 -29.95 -12.46 15.20
N GLU B 243 -29.62 -13.00 14.03
CA GLU B 243 -28.47 -13.92 13.90
C GLU B 243 -27.11 -13.22 13.98
N MET B 244 -27.09 -11.90 13.83
CA MET B 244 -25.87 -11.11 13.81
C MET B 244 -25.12 -11.15 15.15
N GLN B 245 -23.84 -11.52 15.08
CA GLN B 245 -22.93 -11.49 16.22
C GLN B 245 -22.10 -10.22 16.11
N ILE B 246 -22.07 -9.44 17.18
CA ILE B 246 -21.20 -8.27 17.23
C ILE B 246 -19.86 -8.74 17.78
N LEU B 247 -18.91 -9.02 16.88
CA LEU B 247 -17.62 -9.58 17.28
C LEU B 247 -16.77 -8.56 18.06
N ALA B 248 -16.74 -7.31 17.57
CA ALA B 248 -15.99 -6.24 18.24
C ALA B 248 -16.46 -4.85 17.79
N VAL B 249 -16.54 -3.92 18.73
CA VAL B 249 -17.03 -2.56 18.45
C VAL B 249 -16.03 -1.78 17.59
N SER B 250 -14.76 -2.21 17.58
CA SER B 250 -13.82 -1.82 16.53
C SER B 250 -13.25 -3.07 15.84
N GLY B 251 -13.52 -3.19 14.55
CA GLY B 251 -12.85 -4.18 13.71
C GLY B 251 -11.78 -3.59 12.80
N ASN B 252 -11.10 -2.53 13.27
CA ASN B 252 -9.99 -1.88 12.57
C ASN B 252 -10.36 -1.23 11.23
N TYR B 253 -11.64 -1.00 11.02
CA TYR B 253 -12.11 -0.38 9.79
C TYR B 253 -12.31 1.13 9.98
N CYS B 254 -11.98 1.64 11.16
CA CYS B 254 -12.19 3.06 11.48
C CYS B 254 -11.39 4.02 10.61
N THR B 255 -10.07 3.87 10.48
CA THR B 255 -9.19 3.07 11.34
C THR B 255 -8.52 4.00 12.35
N ASP B 256 -8.45 3.58 13.60
CA ASP B 256 -7.91 4.41 14.67
C ASP B 256 -6.51 3.97 15.08
N LYS B 257 -5.55 4.91 14.98
CA LYS B 257 -4.19 4.75 15.50
C LYS B 257 -3.35 3.67 14.81
N LYS B 258 -3.76 3.26 13.60
CA LYS B 258 -2.95 2.43 12.73
C LYS B 258 -2.99 3.04 11.34
N PRO B 259 -1.90 2.87 10.57
CA PRO B 259 -1.89 3.35 9.18
C PRO B 259 -2.89 2.56 8.33
N ALA B 260 -3.71 3.27 7.56
CA ALA B 260 -4.72 2.63 6.73
C ALA B 260 -5.08 3.52 5.54
N ALA B 261 -5.05 2.92 4.35
CA ALA B 261 -5.47 3.60 3.13
C ALA B 261 -6.87 4.20 3.25
N ILE B 262 -7.75 3.62 4.07
CA ILE B 262 -9.13 4.10 4.15
C ILE B 262 -9.21 5.53 4.71
N ASN B 263 -8.36 5.87 5.67
CA ASN B 263 -8.30 7.26 6.19
C ASN B 263 -7.76 8.26 5.15
N TRP B 264 -6.79 7.82 4.37
CA TRP B 264 -6.24 8.62 3.28
C TRP B 264 -7.27 8.90 2.17
N ILE B 265 -8.14 7.93 1.89
CA ILE B 265 -9.07 8.02 0.76
C ILE B 265 -10.46 8.55 1.13
N GLU B 266 -10.95 8.19 2.31
CA GLU B 266 -12.27 8.60 2.78
C GLU B 266 -12.19 9.84 3.67
N GLY B 267 -11.04 10.03 4.31
CA GLY B 267 -10.89 11.03 5.35
C GLY B 267 -11.30 10.47 6.69
N ARG B 268 -10.86 11.14 7.76
CA ARG B 268 -11.29 10.84 9.13
C ARG B 268 -10.95 12.04 10.01
N GLY B 269 -11.88 12.42 10.87
CA GLY B 269 -11.80 13.70 11.56
C GLY B 269 -11.96 14.79 10.53
N LYS B 270 -11.02 15.73 10.51
CA LYS B 270 -11.08 16.87 9.60
C LYS B 270 -10.13 16.63 8.41
N SER B 271 -10.66 16.79 7.20
CA SER B 271 -9.83 16.85 6.00
C SER B 271 -9.61 18.33 5.72
N VAL B 272 -8.37 18.70 5.44
CA VAL B 272 -7.98 20.11 5.36
C VAL B 272 -6.96 20.30 4.23
N VAL B 273 -7.02 21.47 3.59
CA VAL B 273 -6.04 21.87 2.58
C VAL B 273 -5.57 23.28 2.86
N CYS B 274 -4.27 23.51 2.69
CA CYS B 274 -3.67 24.83 2.92
C CYS B 274 -2.74 25.17 1.78
N GLU B 275 -2.55 26.46 1.51
CA GLU B 275 -1.74 26.92 0.39
C GLU B 275 -1.20 28.33 0.58
N ALA B 276 -0.09 28.62 -0.07
CA ALA B 276 0.44 29.98 -0.13
C ALA B 276 1.34 30.13 -1.33
N VAL B 277 1.66 31.37 -1.68
CA VAL B 277 2.65 31.65 -2.71
C VAL B 277 3.75 32.49 -2.08
N ILE B 278 4.99 32.00 -2.18
CA ILE B 278 6.15 32.68 -1.63
C ILE B 278 6.87 33.37 -2.79
N PRO B 279 6.95 34.70 -2.78
CA PRO B 279 7.69 35.42 -3.83
C PRO B 279 9.12 34.94 -3.97
N ALA B 280 9.69 35.04 -5.16
CA ALA B 280 11.03 34.51 -5.46
C ALA B 280 12.08 35.10 -4.53
N LYS B 281 12.02 36.43 -4.37
CA LYS B 281 12.92 37.16 -3.48
C LYS B 281 12.85 36.67 -2.04
N VAL B 282 11.65 36.30 -1.58
CA VAL B 282 11.47 35.77 -0.22
C VAL B 282 12.12 34.38 -0.08
N VAL B 283 12.01 33.57 -1.13
CA VAL B 283 12.61 32.23 -1.12
C VAL B 283 14.13 32.35 -1.05
N ARG B 284 14.69 33.37 -1.69
CA ARG B 284 16.15 33.59 -1.69
C ARG B 284 16.65 34.13 -0.34
N GLU B 285 15.96 35.11 0.21
CA GLU B 285 16.48 35.88 1.35
C GLU B 285 16.14 35.21 2.67
N VAL B 286 14.91 34.72 2.82
CA VAL B 286 14.49 34.04 4.03
C VAL B 286 14.90 32.56 3.99
N LEU B 287 14.59 31.88 2.89
CA LEU B 287 14.78 30.42 2.79
C LEU B 287 16.13 29.97 2.19
N LYS B 288 16.92 30.91 1.67
CA LYS B 288 18.31 30.65 1.22
C LYS B 288 18.43 29.64 0.07
N THR B 289 17.37 29.54 -0.74
CA THR B 289 17.34 28.63 -1.89
C THR B 289 16.59 29.33 -3.05
N THR B 290 16.20 28.57 -4.07
CA THR B 290 15.39 29.11 -5.18
C THR B 290 14.13 28.30 -5.41
N THR B 291 13.16 28.91 -6.10
CA THR B 291 11.92 28.22 -6.47
C THR B 291 12.18 26.94 -7.27
N GLU B 292 13.11 27.01 -8.22
CA GLU B 292 13.47 25.86 -9.05
C GLU B 292 14.04 24.70 -8.21
N ALA B 293 14.93 25.02 -7.28
CA ALA B 293 15.55 24.01 -6.42
C ALA B 293 14.54 23.36 -5.48
N MET B 294 13.53 24.13 -5.05
CA MET B 294 12.52 23.65 -4.12
C MET B 294 11.53 22.72 -4.83
N ILE B 295 11.18 23.04 -6.07
CA ILE B 295 10.28 22.19 -6.84
C ILE B 295 10.96 20.84 -7.04
N GLU B 296 12.22 20.88 -7.49
CA GLU B 296 13.00 19.68 -7.75
C GLU B 296 13.11 18.75 -6.54
N VAL B 297 13.46 19.29 -5.38
CA VAL B 297 13.61 18.46 -4.18
C VAL B 297 12.24 17.89 -3.78
N ASN B 298 11.19 18.71 -3.86
CA ASN B 298 9.86 18.27 -3.47
C ASN B 298 9.35 17.12 -4.34
N ILE B 299 9.51 17.24 -5.65
CA ILE B 299 9.07 16.17 -6.54
C ILE B 299 9.82 14.87 -6.22
N ASN B 300 11.12 14.97 -6.04
CA ASN B 300 11.96 13.77 -6.03
C ASN B 300 12.13 13.14 -4.64
N LYS B 301 11.72 13.87 -3.60
CA LYS B 301 11.74 13.37 -2.23
C LYS B 301 10.33 13.00 -1.79
N ASN B 302 9.43 13.98 -1.83
CA ASN B 302 8.10 13.81 -1.28
C ASN B 302 7.12 13.06 -2.18
N LEU B 303 7.36 13.04 -3.49
CA LEU B 303 6.55 12.23 -4.40
C LEU B 303 7.31 10.96 -4.79
N VAL B 304 8.43 11.10 -5.47
CA VAL B 304 9.15 9.94 -6.02
C VAL B 304 9.81 9.14 -4.91
N GLY B 305 10.40 9.82 -3.93
CA GLY B 305 11.08 9.16 -2.83
C GLY B 305 10.13 8.32 -1.97
N SER B 306 9.03 8.96 -1.56
CA SER B 306 7.99 8.26 -0.82
C SER B 306 7.40 7.10 -1.63
N ALA B 307 7.30 7.29 -2.94
CA ALA B 307 6.79 6.23 -3.83
C ALA B 307 7.73 5.01 -3.83
N MET B 308 9.02 5.25 -3.93
CA MET B 308 10.01 4.16 -3.94
C MET B 308 10.07 3.43 -2.59
N ALA B 309 9.71 4.14 -1.51
CA ALA B 309 9.69 3.58 -0.16
C ALA B 309 8.37 2.87 0.18
N GLY B 310 7.38 2.95 -0.71
CA GLY B 310 6.13 2.24 -0.52
C GLY B 310 5.22 2.90 0.49
N SER B 311 5.10 4.22 0.40
CA SER B 311 4.27 4.97 1.31
C SER B 311 2.83 5.06 0.85
N ILE B 312 1.92 4.91 1.80
CA ILE B 312 0.53 5.33 1.66
C ILE B 312 0.31 6.48 2.62
N GLY B 313 0.17 7.69 2.10
CA GLY B 313 -0.17 8.85 2.90
C GLY B 313 1.00 9.67 3.42
N GLY B 314 2.23 9.26 3.12
CA GLY B 314 3.41 9.92 3.63
C GLY B 314 4.19 10.65 2.55
N TYR B 315 3.49 11.51 1.80
CA TYR B 315 4.10 12.27 0.73
C TYR B 315 4.49 13.66 1.23
N ASN B 316 5.31 13.67 2.28
CA ASN B 316 5.74 14.90 2.95
C ASN B 316 7.10 14.72 3.63
N ALA B 317 7.67 15.82 4.08
CA ALA B 317 8.97 15.83 4.75
C ALA B 317 8.82 15.47 6.22
N HIS B 318 8.06 16.25 6.97
CA HIS B 318 7.96 16.03 8.41
C HIS B 318 6.71 16.58 9.08
N ALA B 319 5.56 16.39 8.45
CA ALA B 319 4.27 16.73 9.05
C ALA B 319 4.12 16.16 10.46
N ALA B 320 4.66 14.98 10.70
CA ALA B 320 4.52 14.30 11.98
C ALA B 320 5.14 15.12 13.14
N ASN B 321 6.25 15.80 12.87
CA ASN B 321 6.89 16.67 13.86
C ASN B 321 5.95 17.75 14.37
N ILE B 322 5.35 18.48 13.42
CA ILE B 322 4.46 19.59 13.73
C ILE B 322 3.18 19.09 14.38
N VAL B 323 2.57 18.06 13.78
CA VAL B 323 1.36 17.48 14.34
C VAL B 323 1.58 17.03 15.77
N THR B 324 2.70 16.33 16.01
CA THR B 324 2.96 15.73 17.32
C THR B 324 3.16 16.81 18.37
N ALA B 325 3.88 17.86 17.99
CA ALA B 325 4.22 18.95 18.91
C ALA B 325 2.99 19.77 19.30
N ILE B 326 2.16 20.11 18.33
CA ILE B 326 0.92 20.84 18.62
C ILE B 326 0.00 20.00 19.50
N TYR B 327 -0.11 18.72 19.18
CA TYR B 327 -1.02 17.81 19.87
C TYR B 327 -0.68 17.66 21.35
N ILE B 328 0.61 17.47 21.64
CA ILE B 328 1.06 17.30 23.02
C ILE B 328 0.76 18.56 23.82
N ALA B 329 1.03 19.71 23.21
CA ALA B 329 0.82 21.01 23.85
C ALA B 329 -0.66 21.33 24.05
N CYS B 330 -1.52 20.84 23.15
CA CYS B 330 -2.93 21.21 23.17
C CYS B 330 -3.86 20.11 23.71
N GLY B 331 -3.30 19.14 24.42
CA GLY B 331 -4.10 18.13 25.09
C GLY B 331 -4.81 17.15 24.17
N GLN B 332 -4.29 17.01 22.96
CA GLN B 332 -4.78 16.01 22.01
C GLN B 332 -4.22 14.64 22.34
N ASP B 333 -4.77 13.63 21.68
CA ASP B 333 -4.29 12.27 21.79
C ASP B 333 -3.10 12.14 20.85
N ALA B 334 -1.89 12.12 21.40
CA ALA B 334 -0.66 12.09 20.59
C ALA B 334 -0.48 10.79 19.81
N ALA B 335 -1.04 9.70 20.31
CA ALA B 335 -1.05 8.42 19.58
C ALA B 335 -1.73 8.53 18.22
N GLN B 336 -2.67 9.47 18.09
CA GLN B 336 -3.37 9.68 16.81
C GLN B 336 -2.56 10.46 15.76
N ASN B 337 -1.31 10.79 16.07
CA ASN B 337 -0.40 11.33 15.06
C ASN B 337 -0.11 10.34 13.92
N VAL B 338 -0.33 9.06 14.17
CA VAL B 338 -0.15 8.01 13.15
C VAL B 338 -0.91 8.39 11.87
N GLY B 339 -2.21 8.60 11.99
CA GLY B 339 -3.06 8.98 10.87
C GLY B 339 -3.24 10.49 10.66
N SER B 340 -3.24 11.26 11.73
CA SER B 340 -3.39 12.72 11.64
C SER B 340 -2.25 13.38 10.88
N SER B 341 -1.10 12.72 10.81
CA SER B 341 0.07 13.23 10.07
C SER B 341 0.04 12.97 8.58
N ASN B 342 -0.91 12.15 8.10
CA ASN B 342 -1.06 11.92 6.66
C ASN B 342 -1.05 13.26 5.93
N CYS B 343 -0.14 13.41 4.96
CA CYS B 343 0.01 14.68 4.26
C CYS B 343 0.67 14.53 2.89
N ILE B 344 0.13 15.21 1.88
CA ILE B 344 0.83 15.35 0.62
C ILE B 344 1.18 16.82 0.44
N THR B 345 2.46 17.06 0.19
CA THR B 345 3.01 18.40 0.04
C THR B 345 3.35 18.58 -1.43
N LEU B 346 2.70 19.56 -2.08
CA LEU B 346 2.98 19.87 -3.48
C LEU B 346 3.63 21.26 -3.64
N MET B 347 4.63 21.34 -4.52
CA MET B 347 5.32 22.57 -4.84
C MET B 347 5.41 22.76 -6.36
N GLU B 348 5.29 24.02 -6.79
CA GLU B 348 5.01 24.33 -8.19
C GLU B 348 5.46 25.75 -8.54
N ALA B 349 5.77 25.96 -9.82
CA ALA B 349 6.08 27.28 -10.33
C ALA B 349 4.85 28.16 -10.28
N SER B 350 5.04 29.43 -9.95
CA SER B 350 3.96 30.41 -9.83
C SER B 350 4.36 31.75 -10.43
N GLY B 351 3.37 32.54 -10.82
CA GLY B 351 3.61 33.90 -11.30
C GLY B 351 4.00 34.00 -12.77
N PRO B 352 4.28 35.22 -13.23
CA PRO B 352 4.53 35.51 -14.66
C PRO B 352 5.74 34.83 -15.26
N THR B 353 6.87 34.86 -14.57
CA THR B 353 8.11 34.26 -15.06
C THR B 353 8.40 32.88 -14.45
N ASN B 354 7.37 32.24 -13.87
CA ASN B 354 7.50 30.95 -13.17
C ASN B 354 8.61 30.97 -12.11
N GLU B 355 8.70 32.08 -11.36
CA GLU B 355 9.80 32.31 -10.42
C GLU B 355 9.37 32.30 -8.95
N ASP B 356 8.07 32.40 -8.69
CA ASP B 356 7.54 32.34 -7.33
C ASP B 356 7.14 30.90 -6.99
N LEU B 357 7.09 30.59 -5.70
CA LEU B 357 6.85 29.23 -5.22
C LEU B 357 5.41 29.04 -4.73
N TYR B 358 4.63 28.26 -5.46
CA TYR B 358 3.37 27.75 -4.96
C TYR B 358 3.61 26.51 -4.10
N ILE B 359 3.12 26.54 -2.85
CA ILE B 359 3.18 25.38 -1.96
C ILE B 359 1.79 25.05 -1.39
N SER B 360 1.50 23.77 -1.21
CA SER B 360 0.25 23.35 -0.60
C SER B 360 0.43 22.03 0.14
N CYS B 361 -0.35 21.86 1.20
CA CYS B 361 -0.35 20.63 1.99
C CYS B 361 -1.78 20.19 2.10
N THR B 362 -2.03 18.92 1.78
CA THR B 362 -3.37 18.36 1.96
C THR B 362 -3.30 17.24 2.97
N MET B 363 -4.15 17.34 3.99
CA MET B 363 -4.16 16.44 5.13
C MET B 363 -5.59 15.95 5.36
N PRO B 364 -5.93 14.78 4.80
CA PRO B 364 -7.32 14.28 4.83
C PRO B 364 -7.81 13.71 6.15
N SER B 365 -6.96 13.54 7.15
CA SER B 365 -7.38 12.83 8.35
C SER B 365 -6.81 13.40 9.67
N ILE B 366 -6.97 14.69 9.86
CA ILE B 366 -6.60 15.35 11.12
C ILE B 366 -7.62 15.02 12.21
N GLU B 367 -7.24 14.19 13.17
CA GLU B 367 -8.13 13.78 14.24
C GLU B 367 -7.86 14.64 15.47
N ILE B 368 -8.86 15.45 15.86
CA ILE B 368 -8.64 16.58 16.76
C ILE B 368 -9.90 17.04 17.51
N GLY B 369 -9.69 17.73 18.62
CA GLY B 369 -10.77 18.25 19.45
C GLY B 369 -10.31 19.31 20.43
N THR B 370 -11.24 20.17 20.87
CA THR B 370 -10.95 21.21 21.86
C THR B 370 -11.69 21.02 23.19
N VAL B 371 -12.53 19.99 23.26
CA VAL B 371 -13.21 19.60 24.48
C VAL B 371 -13.02 18.10 24.72
N GLY B 372 -12.91 17.73 25.99
CA GLY B 372 -12.83 16.34 26.38
C GLY B 372 -11.40 15.85 26.37
N GLY B 373 -11.15 14.76 27.09
CA GLY B 373 -9.84 14.14 27.14
C GLY B 373 -8.80 15.04 27.79
N GLY B 374 -7.67 15.21 27.11
CA GLY B 374 -6.57 16.02 27.61
C GLY B 374 -6.84 17.51 27.57
N THR B 375 -7.81 17.94 26.77
CA THR B 375 -8.16 19.36 26.70
C THR B 375 -8.93 19.86 27.94
N ASN B 376 -9.28 18.96 28.85
CA ASN B 376 -9.90 19.33 30.12
C ASN B 376 -8.87 19.77 31.16
N LEU B 377 -7.59 19.47 30.94
CA LEU B 377 -6.52 19.84 31.86
C LEU B 377 -6.12 21.29 31.64
N LEU B 378 -5.77 21.99 32.72
CA LEU B 378 -5.60 23.45 32.67
C LEU B 378 -4.38 23.95 31.88
N PRO B 379 -3.20 23.35 32.06
CA PRO B 379 -2.03 23.75 31.27
C PRO B 379 -2.26 23.54 29.77
N GLN B 380 -2.86 22.40 29.41
CA GLN B 380 -3.22 22.13 28.02
C GLN B 380 -4.23 23.18 27.51
N GLN B 381 -5.16 23.59 28.37
CA GLN B 381 -6.15 24.61 28.03
C GLN B 381 -5.54 25.98 27.77
N ALA B 382 -4.44 26.29 28.45
CA ALA B 382 -3.74 27.56 28.24
C ALA B 382 -3.22 27.64 26.81
N CYS B 383 -2.71 26.52 26.30
CA CYS B 383 -2.20 26.47 24.94
C CYS B 383 -3.31 26.57 23.91
N LEU B 384 -4.44 25.93 24.19
CA LEU B 384 -5.64 26.08 23.36
C LEU B 384 -6.16 27.53 23.38
N GLN B 385 -6.15 28.16 24.56
CA GLN B 385 -6.57 29.56 24.71
C GLN B 385 -5.67 30.51 23.93
N MET B 386 -4.40 30.14 23.80
CA MET B 386 -3.41 30.89 23.03
C MET B 386 -3.83 31.08 21.57
N LEU B 387 -4.42 30.03 21.00
CA LEU B 387 -4.90 30.04 19.61
C LEU B 387 -6.39 30.43 19.48
N GLY B 388 -7.05 30.66 20.60
CA GLY B 388 -8.43 31.13 20.60
C GLY B 388 -9.45 30.06 20.24
N VAL B 389 -9.17 28.82 20.66
CA VAL B 389 -10.00 27.66 20.32
C VAL B 389 -10.35 26.77 21.52
N GLN B 390 -9.98 27.18 22.73
CA GLN B 390 -10.28 26.37 23.92
C GLN B 390 -11.78 26.16 24.05
N GLY B 391 -12.18 24.93 24.36
CA GLY B 391 -13.55 24.62 24.69
C GLY B 391 -14.53 24.67 23.54
N ALA B 392 -15.81 24.55 23.87
CA ALA B 392 -16.89 24.56 22.90
C ALA B 392 -17.13 25.95 22.31
N CYS B 393 -17.45 25.99 21.02
CA CYS B 393 -17.92 27.20 20.38
C CYS B 393 -19.46 27.14 20.39
N LYS B 394 -20.05 27.97 21.25
CA LYS B 394 -21.48 27.88 21.54
C LYS B 394 -22.36 28.22 20.34
N ASP B 395 -22.04 29.31 19.66
CA ASP B 395 -22.85 29.82 18.56
C ASP B 395 -22.58 29.16 17.20
N ASN B 396 -21.51 28.36 17.12
CA ASN B 396 -21.20 27.60 15.91
C ASN B 396 -20.44 26.31 16.29
N PRO B 397 -21.18 25.29 16.72
CA PRO B 397 -20.58 24.05 17.23
C PRO B 397 -19.63 23.36 16.24
N GLY B 398 -18.41 23.08 16.72
CA GLY B 398 -17.38 22.42 15.94
C GLY B 398 -16.38 23.38 15.32
N GLU B 399 -16.69 24.67 15.37
CA GLU B 399 -15.85 25.69 14.74
C GLU B 399 -14.48 25.78 15.40
N ASN B 400 -14.42 25.53 16.70
CA ASN B 400 -13.14 25.60 17.43
C ASN B 400 -12.20 24.45 17.05
N ALA B 401 -12.73 23.24 16.89
CA ALA B 401 -11.94 22.09 16.47
C ALA B 401 -11.53 22.20 15.00
N ARG B 402 -12.43 22.71 14.18
CA ARG B 402 -12.15 22.98 12.78
C ARG B 402 -11.01 23.97 12.64
N GLN B 403 -11.07 25.03 13.44
CA GLN B 403 -10.07 26.08 13.44
C GLN B 403 -8.71 25.52 13.86
N LEU B 404 -8.71 24.64 14.86
CA LEU B 404 -7.48 24.00 15.32
C LEU B 404 -6.90 23.10 14.23
N ALA B 405 -7.77 22.49 13.43
CA ALA B 405 -7.35 21.60 12.36
C ALA B 405 -6.65 22.40 11.29
N ARG B 406 -7.18 23.59 11.02
CA ARG B 406 -6.63 24.49 10.03
C ARG B 406 -5.28 25.06 10.47
N ILE B 407 -5.12 25.28 11.77
CA ILE B 407 -3.85 25.78 12.30
C ILE B 407 -2.78 24.70 12.19
N VAL B 408 -3.19 23.45 12.41
CA VAL B 408 -2.29 22.31 12.29
C VAL B 408 -1.78 22.20 10.86
N CYS B 409 -2.67 22.35 9.88
CA CYS B 409 -2.29 22.20 8.48
C CYS B 409 -1.44 23.35 7.98
N GLY B 410 -1.73 24.55 8.47
CA GLY B 410 -0.95 25.73 8.16
C GLY B 410 0.45 25.70 8.74
N THR B 411 0.55 25.25 9.99
CA THR B 411 1.83 25.12 10.67
C THR B 411 2.63 23.99 10.02
N VAL B 412 1.94 22.93 9.57
CA VAL B 412 2.61 21.85 8.85
C VAL B 412 3.27 22.39 7.59
N MET B 413 2.54 23.24 6.87
CA MET B 413 3.04 23.85 5.63
C MET B 413 4.24 24.78 5.91
N ALA B 414 4.23 25.46 7.05
CA ALA B 414 5.37 26.28 7.44
C ALA B 414 6.59 25.37 7.63
N GLY B 415 6.40 24.28 8.38
CA GLY B 415 7.45 23.28 8.60
C GLY B 415 8.01 22.66 7.33
N GLU B 416 7.15 22.35 6.36
CA GLU B 416 7.59 21.78 5.09
C GLU B 416 8.47 22.79 4.35
N LEU B 417 7.99 24.03 4.29
CA LEU B 417 8.71 25.12 3.65
C LEU B 417 10.15 25.21 4.13
N SER B 418 10.32 25.25 5.45
CA SER B 418 11.62 25.50 6.05
C SER B 418 12.56 24.30 5.90
N LEU B 419 12.09 23.11 6.26
CA LEU B 419 12.92 21.92 6.14
C LEU B 419 13.33 21.63 4.70
N MET B 420 12.39 21.79 3.77
CA MET B 420 12.66 21.52 2.35
C MET B 420 13.70 22.48 1.76
N ALA B 421 13.70 23.71 2.26
CA ALA B 421 14.68 24.71 1.83
C ALA B 421 16.04 24.39 2.45
N ALA B 422 16.02 23.93 3.69
CA ALA B 422 17.25 23.51 4.37
C ALA B 422 17.93 22.37 3.62
N LEU B 423 17.12 21.38 3.21
CA LEU B 423 17.61 20.22 2.46
C LEU B 423 18.05 20.62 1.06
N ALA B 424 17.33 21.55 0.45
CA ALA B 424 17.62 22.01 -0.91
C ALA B 424 18.97 22.74 -1.01
N ALA B 425 19.29 23.51 0.03
CA ALA B 425 20.53 24.29 0.10
C ALA B 425 21.74 23.42 0.47
N GLY B 426 21.54 22.55 1.47
CA GLY B 426 22.58 21.63 1.92
C GLY B 426 23.39 22.14 3.10
N HIS B 427 24.47 21.41 3.42
CA HIS B 427 25.44 21.78 4.47
C HIS B 427 24.95 21.43 5.89
N PRO C 10 7.10 -3.59 -63.71
CA PRO C 10 8.41 -2.88 -63.70
C PRO C 10 8.50 -1.82 -62.60
N ASN C 11 7.62 -0.81 -62.64
CA ASN C 11 7.47 0.19 -61.57
C ASN C 11 6.50 1.30 -61.98
N GLU C 12 6.77 1.92 -63.12
CA GLU C 12 5.90 2.98 -63.67
C GLU C 12 4.54 2.43 -64.05
N GLU C 13 4.53 1.28 -64.73
CA GLU C 13 3.29 0.63 -65.14
C GLU C 13 2.42 0.24 -63.95
N CYS C 14 3.06 -0.19 -62.87
CA CYS C 14 2.36 -0.63 -61.67
C CYS C 14 1.62 0.53 -60.99
N LEU C 15 2.22 1.72 -61.03
CA LEU C 15 1.61 2.92 -60.46
C LEU C 15 0.43 3.40 -61.29
N GLN C 16 0.48 3.19 -62.61
CA GLN C 16 -0.63 3.52 -63.49
C GLN C 16 -1.83 2.63 -63.16
N ILE C 17 -1.55 1.39 -62.81
CA ILE C 17 -2.59 0.40 -62.47
C ILE C 17 -3.13 0.65 -61.06
N LEU C 18 -2.28 1.19 -60.18
CA LEU C 18 -2.67 1.48 -58.80
C LEU C 18 -3.63 2.67 -58.77
N GLY C 19 -3.30 3.72 -59.51
CA GLY C 19 -4.12 4.92 -59.60
C GLY C 19 -5.31 4.78 -60.54
N ASN C 20 -5.34 3.73 -61.35
CA ASN C 20 -6.49 3.41 -62.17
C ASN C 20 -7.61 2.91 -61.25
N ALA C 21 -8.78 3.52 -61.34
CA ALA C 21 -9.90 3.22 -60.45
C ALA C 21 -10.34 1.75 -60.46
N GLU C 22 -9.99 1.02 -61.52
CA GLU C 22 -9.94 -0.44 -61.46
C GLU C 22 -8.48 -0.91 -61.35
N GLY C 24 -7.30 -2.18 -59.41
CA GLY C 24 -6.39 -1.34 -58.67
C GLY C 24 -5.20 -2.15 -58.17
N ALA C 25 -5.08 -2.28 -56.85
CA ALA C 25 -4.01 -3.06 -56.24
C ALA C 25 -4.16 -4.57 -56.47
N LYS C 26 -5.38 -5.04 -56.71
CA LYS C 26 -5.61 -6.47 -56.98
C LYS C 26 -5.12 -6.93 -58.35
N PHE C 27 -4.79 -5.98 -59.23
CA PHE C 27 -4.18 -6.29 -60.53
C PHE C 27 -2.65 -6.35 -60.45
N LEU C 28 -2.09 -6.04 -59.28
CA LEU C 28 -0.66 -6.19 -59.03
C LEU C 28 -0.36 -7.43 -58.20
N SER C 29 0.87 -7.91 -58.29
CA SER C 29 1.34 -9.04 -57.49
C SER C 29 1.90 -8.56 -56.15
N ASP C 30 2.10 -9.49 -55.22
CA ASP C 30 2.69 -9.18 -53.90
C ASP C 30 4.04 -8.52 -54.08
N ALA C 31 4.86 -9.07 -54.98
CA ALA C 31 6.20 -8.53 -55.22
C ALA C 31 6.13 -7.10 -55.78
N GLU C 32 5.26 -6.88 -56.77
CA GLU C 32 5.09 -5.56 -57.38
C GLU C 32 4.67 -4.49 -56.36
N ILE C 33 3.77 -4.86 -55.45
CA ILE C 33 3.31 -3.94 -54.39
C ILE C 33 4.45 -3.60 -53.43
N ILE C 34 5.26 -4.60 -53.07
CA ILE C 34 6.39 -4.41 -52.15
C ILE C 34 7.50 -3.57 -52.79
N GLN C 35 7.79 -3.83 -54.07
CA GLN C 35 8.68 -2.99 -54.86
C GLN C 35 8.26 -1.52 -54.74
N LEU C 36 6.95 -1.27 -54.84
CA LEU C 36 6.39 0.07 -54.77
C LEU C 36 6.53 0.70 -53.39
N VAL C 37 6.53 -0.11 -52.34
CA VAL C 37 6.77 0.37 -50.97
C VAL C 37 8.25 0.68 -50.72
N ASN C 38 9.13 -0.21 -51.18
CA ASN C 38 10.57 -0.09 -50.90
C ASN C 38 11.16 1.16 -51.53
N ALA C 39 10.95 1.30 -52.83
CA ALA C 39 11.01 2.62 -53.47
C ALA C 39 9.78 3.34 -52.93
N LYS C 40 9.88 4.63 -52.67
CA LYS C 40 8.92 5.30 -51.78
C LYS C 40 7.66 5.83 -52.47
N HIS C 41 7.09 5.02 -53.37
CA HIS C 41 5.92 5.42 -54.15
C HIS C 41 4.61 5.31 -53.36
N ILE C 42 4.50 4.29 -52.52
CA ILE C 42 3.34 4.11 -51.64
C ILE C 42 3.82 4.05 -50.18
N PRO C 43 3.30 4.92 -49.31
CA PRO C 43 3.74 4.95 -47.91
C PRO C 43 3.13 3.82 -47.06
N ALA C 44 3.97 3.21 -46.21
CA ALA C 44 3.60 2.07 -45.35
C ALA C 44 2.17 2.06 -44.78
N TYR C 45 1.69 3.24 -44.35
CA TYR C 45 0.39 3.34 -43.69
C TYR C 45 -0.81 3.17 -44.63
N LYS C 46 -0.71 3.75 -45.83
CA LYS C 46 -1.79 3.70 -46.83
C LYS C 46 -2.16 2.30 -47.31
N LEU C 47 -1.31 1.31 -47.04
CA LEU C 47 -1.56 -0.09 -47.42
C LEU C 47 -2.89 -0.64 -46.92
N GLU C 48 -3.41 -0.10 -45.83
CA GLU C 48 -4.67 -0.57 -45.25
C GLU C 48 -5.85 -0.38 -46.21
N THR C 49 -6.00 0.83 -46.74
CA THR C 49 -7.13 1.16 -47.62
C THR C 49 -6.95 0.68 -49.06
N LEU C 50 -5.70 0.59 -49.52
CA LEU C 50 -5.42 0.26 -50.92
C LEU C 50 -5.70 -1.21 -51.22
N ILE C 51 -5.08 -2.10 -50.45
CA ILE C 51 -5.29 -3.53 -50.59
C ILE C 51 -6.71 -3.88 -50.19
N GLU C 52 -7.37 -4.73 -50.99
CA GLU C 52 -8.80 -4.99 -50.81
C GLU C 52 -9.08 -5.95 -49.66
N THR C 53 -8.63 -7.19 -49.80
CA THR C 53 -8.89 -8.23 -48.81
C THR C 53 -8.03 -8.00 -47.55
N HIS C 54 -8.60 -8.29 -46.38
CA HIS C 54 -7.91 -8.06 -45.11
C HIS C 54 -6.72 -9.00 -44.94
N GLU C 55 -6.89 -10.28 -45.31
CA GLU C 55 -5.82 -11.27 -45.18
C GLU C 55 -4.61 -10.93 -46.06
N ARG C 56 -4.85 -10.38 -47.23
CA ARG C 56 -3.75 -9.98 -48.12
C ARG C 56 -2.98 -8.80 -47.56
N GLY C 57 -3.66 -7.90 -46.86
CA GLY C 57 -3.01 -6.82 -46.14
C GLY C 57 -2.05 -7.35 -45.07
N VAL C 58 -2.49 -8.40 -44.39
CA VAL C 58 -1.67 -9.06 -43.35
C VAL C 58 -0.49 -9.76 -44.00
N SER C 59 -0.75 -10.49 -45.08
CA SER C 59 0.28 -11.20 -45.84
C SER C 59 1.44 -10.27 -46.22
N ILE C 60 1.10 -9.09 -46.75
CA ILE C 60 2.09 -8.13 -47.23
C ILE C 60 2.85 -7.47 -46.07
N ARG C 61 2.14 -7.14 -44.98
CA ARG C 61 2.80 -6.52 -43.83
C ARG C 61 3.84 -7.47 -43.25
N ARG C 62 3.49 -8.76 -43.17
CA ARG C 62 4.40 -9.81 -42.73
C ARG C 62 5.63 -9.87 -43.62
N GLN C 63 5.40 -9.88 -44.94
CA GLN C 63 6.49 -10.01 -45.91
C GLN C 63 7.48 -8.84 -45.80
N LEU C 64 6.96 -7.62 -45.66
CA LEU C 64 7.78 -6.43 -45.46
C LEU C 64 8.58 -6.52 -44.15
N LEU C 65 7.91 -6.98 -43.09
CA LEU C 65 8.50 -7.12 -41.76
C LEU C 65 9.62 -8.17 -41.73
N SER C 66 9.45 -9.27 -42.45
CA SER C 66 10.39 -10.38 -42.43
C SER C 66 11.77 -9.99 -42.92
N LYS C 67 11.84 -9.11 -43.92
CA LYS C 67 13.12 -8.66 -44.48
C LYS C 67 13.89 -7.77 -43.50
N LYS C 68 13.19 -7.15 -42.55
CA LYS C 68 13.83 -6.32 -41.52
C LYS C 68 14.30 -7.11 -40.28
N LEU C 69 14.00 -8.41 -40.22
CA LEU C 69 14.39 -9.25 -39.08
C LEU C 69 15.71 -9.96 -39.38
N SER C 70 16.54 -10.12 -38.35
CA SER C 70 17.82 -10.82 -38.50
C SER C 70 17.61 -12.30 -38.85
N GLU C 71 16.43 -12.83 -38.54
CA GLU C 71 15.99 -14.12 -39.03
C GLU C 71 14.69 -13.95 -39.83
N PRO C 72 14.74 -13.99 -41.16
CA PRO C 72 13.54 -13.76 -41.98
C PRO C 72 12.49 -14.89 -41.93
N SER C 73 12.86 -16.08 -41.47
CA SER C 73 11.89 -17.17 -41.30
C SER C 73 11.21 -17.18 -39.92
N SER C 74 11.35 -16.09 -39.15
CA SER C 74 10.83 -16.01 -37.78
C SER C 74 9.31 -16.20 -37.68
N LEU C 75 8.56 -15.59 -38.61
CA LEU C 75 7.09 -15.63 -38.58
C LEU C 75 6.46 -16.89 -39.19
N GLN C 76 7.29 -17.86 -39.59
CA GLN C 76 6.80 -19.09 -40.22
C GLN C 76 5.64 -19.72 -39.46
N TYR C 77 5.84 -19.95 -38.16
CA TYR C 77 4.88 -20.67 -37.33
C TYR C 77 3.90 -19.74 -36.60
N LEU C 78 3.95 -18.45 -36.86
CA LEU C 78 2.90 -17.53 -36.42
C LEU C 78 1.75 -17.61 -37.43
N PRO C 79 0.62 -18.18 -37.04
CA PRO C 79 -0.48 -18.35 -38.00
C PRO C 79 -1.13 -17.02 -38.35
N TYR C 80 -1.75 -16.95 -39.52
CA TYR C 80 -2.51 -15.76 -39.93
C TYR C 80 -3.68 -16.07 -40.84
N ARG C 81 -3.56 -17.15 -41.63
CA ARG C 81 -4.52 -17.49 -42.66
C ARG C 81 -5.88 -17.90 -42.10
N ASP C 82 -6.93 -17.51 -42.84
CA ASP C 82 -8.30 -17.96 -42.62
C ASP C 82 -8.84 -17.60 -41.25
N TYR C 83 -8.43 -16.45 -40.73
CA TYR C 83 -8.98 -15.91 -39.51
C TYR C 83 -9.84 -14.70 -39.87
N ASN C 84 -10.98 -14.54 -39.19
CA ASN C 84 -11.92 -13.45 -39.46
C ASN C 84 -11.38 -12.09 -38.98
N TYR C 85 -10.60 -11.45 -39.86
CA TYR C 85 -10.05 -10.13 -39.59
C TYR C 85 -11.08 -9.01 -39.74
N SER C 86 -12.28 -9.34 -40.22
CA SER C 86 -13.34 -8.32 -40.38
C SER C 86 -13.80 -7.73 -39.04
N LEU C 87 -13.81 -8.55 -37.99
CA LEU C 87 -14.20 -8.10 -36.65
C LEU C 87 -13.01 -7.57 -35.83
N VAL C 88 -11.83 -7.52 -36.44
CA VAL C 88 -10.61 -7.06 -35.77
C VAL C 88 -10.10 -5.74 -36.33
N MET C 89 -10.01 -5.63 -37.65
CA MET C 89 -9.57 -4.39 -38.29
C MET C 89 -10.46 -3.20 -37.89
N GLY C 90 -9.83 -2.13 -37.39
CA GLY C 90 -10.54 -0.92 -37.00
C GLY C 90 -11.32 -1.00 -35.69
N ALA C 91 -11.07 -2.04 -34.89
CA ALA C 91 -11.85 -2.28 -33.68
C ALA C 91 -11.04 -2.88 -32.51
N CYS C 92 -10.20 -3.88 -32.79
CA CYS C 92 -9.51 -4.66 -31.76
C CYS C 92 -7.96 -4.63 -31.84
N CYS C 93 -7.42 -4.48 -33.05
CA CYS C 93 -5.97 -4.48 -33.25
C CYS C 93 -5.55 -3.72 -34.54
N GLU C 94 -4.34 -3.16 -34.53
CA GLU C 94 -3.75 -2.52 -35.71
C GLU C 94 -2.40 -3.15 -35.99
N ASN C 95 -1.86 -2.88 -37.18
CA ASN C 95 -0.61 -3.48 -37.65
C ASN C 95 -0.58 -5.00 -37.49
N VAL C 96 -1.69 -5.64 -37.86
CA VAL C 96 -1.91 -7.06 -37.57
C VAL C 96 -1.06 -7.95 -38.47
N ILE C 97 -0.39 -8.92 -37.86
CA ILE C 97 0.48 -9.86 -38.57
C ILE C 97 0.06 -11.31 -38.37
N GLY C 98 -1.09 -11.54 -37.72
CA GLY C 98 -1.55 -12.89 -37.45
C GLY C 98 -2.34 -13.00 -36.16
N TYR C 99 -2.36 -14.20 -35.59
CA TYR C 99 -3.04 -14.41 -34.32
C TYR C 99 -2.23 -15.39 -33.48
N MET C 100 -2.39 -15.28 -32.16
CA MET C 100 -1.66 -16.11 -31.22
C MET C 100 -2.65 -17.06 -30.58
N PRO C 101 -2.54 -18.36 -30.87
CA PRO C 101 -3.46 -19.33 -30.28
C PRO C 101 -3.07 -19.68 -28.84
N ILE C 102 -4.02 -19.52 -27.93
CA ILE C 102 -3.84 -19.87 -26.51
C ILE C 102 -4.71 -21.08 -26.22
N PRO C 103 -4.12 -22.17 -25.72
CA PRO C 103 -4.89 -23.39 -25.40
C PRO C 103 -6.04 -23.10 -24.44
N VAL C 104 -7.21 -23.66 -24.72
CA VAL C 104 -8.39 -23.47 -23.88
C VAL C 104 -8.77 -24.80 -23.27
N GLY C 105 -8.97 -24.79 -21.96
CA GLY C 105 -9.37 -25.99 -21.23
C GLY C 105 -10.63 -25.70 -20.43
N VAL C 106 -11.24 -26.76 -19.90
CA VAL C 106 -12.50 -26.59 -19.18
C VAL C 106 -12.38 -27.16 -17.77
N ALA C 107 -12.72 -26.32 -16.79
CA ALA C 107 -12.90 -26.76 -15.40
C ALA C 107 -14.39 -26.79 -15.09
N GLY C 108 -14.88 -27.92 -14.61
CA GLY C 108 -16.29 -28.05 -14.25
C GLY C 108 -16.73 -29.50 -14.07
N PRO C 109 -17.98 -29.72 -13.67
CA PRO C 109 -18.97 -28.66 -13.42
C PRO C 109 -18.71 -27.83 -12.18
N LEU C 110 -18.94 -26.52 -12.29
CA LEU C 110 -18.86 -25.60 -11.16
C LEU C 110 -20.27 -25.41 -10.65
N CYS C 111 -20.52 -25.91 -9.45
CA CYS C 111 -21.86 -25.85 -8.85
C CYS C 111 -22.00 -24.53 -8.08
N LEU C 112 -22.66 -23.57 -8.72
CA LEU C 112 -22.77 -22.21 -8.20
C LEU C 112 -24.22 -21.73 -8.27
N ASP C 113 -24.77 -21.32 -7.12
CA ASP C 113 -26.13 -20.81 -7.01
C ASP C 113 -27.18 -21.75 -7.66
N GLU C 114 -27.03 -23.05 -7.38
CA GLU C 114 -27.95 -24.10 -7.81
C GLU C 114 -27.90 -24.40 -9.32
N LYS C 115 -26.86 -23.88 -9.99
CA LYS C 115 -26.65 -24.12 -11.43
C LYS C 115 -25.31 -24.79 -11.63
N GLU C 116 -25.08 -25.33 -12.82
CA GLU C 116 -23.79 -25.91 -13.17
C GLU C 116 -23.18 -25.18 -14.36
N PHE C 117 -21.89 -24.85 -14.24
CA PHE C 117 -21.17 -24.09 -15.24
C PHE C 117 -19.94 -24.85 -15.68
N GLN C 118 -19.68 -24.86 -16.99
CA GLN C 118 -18.46 -25.41 -17.53
C GLN C 118 -17.58 -24.22 -17.91
N VAL C 119 -16.54 -23.98 -17.13
CA VAL C 119 -15.75 -22.75 -17.21
C VAL C 119 -14.57 -22.89 -18.18
N PRO C 120 -14.52 -22.06 -19.21
CA PRO C 120 -13.37 -22.07 -20.14
C PRO C 120 -12.18 -21.27 -19.59
N MET C 121 -10.99 -21.83 -19.78
CA MET C 121 -9.76 -21.28 -19.21
C MET C 121 -8.65 -21.36 -20.24
N ALA C 122 -8.14 -20.20 -20.64
CA ALA C 122 -7.08 -20.11 -21.64
C ALA C 122 -5.75 -19.85 -20.95
N THR C 123 -4.84 -20.81 -21.04
CA THR C 123 -3.57 -20.73 -20.33
C THR C 123 -2.52 -21.65 -20.93
N THR C 124 -1.26 -21.37 -20.60
CA THR C 124 -0.13 -22.23 -20.98
C THR C 124 0.63 -22.74 -19.74
N GLU C 125 -0.04 -22.71 -18.59
CA GLU C 125 0.56 -23.18 -17.34
C GLU C 125 0.04 -24.60 -17.06
N GLY C 126 0.96 -25.57 -17.06
CA GLY C 126 0.60 -26.95 -16.78
C GLY C 126 -0.04 -27.08 -15.41
N CYS C 127 -1.10 -27.88 -15.34
CA CYS C 127 -1.76 -28.26 -14.08
C CYS C 127 -2.78 -27.27 -13.54
N LEU C 128 -2.81 -26.06 -14.07
CA LEU C 128 -3.73 -25.04 -13.60
C LEU C 128 -5.20 -25.45 -13.82
N VAL C 129 -5.53 -25.99 -14.99
CA VAL C 129 -6.91 -26.38 -15.26
C VAL C 129 -7.27 -27.61 -14.42
N ALA C 130 -6.39 -28.60 -14.39
CA ALA C 130 -6.63 -29.82 -13.60
C ALA C 130 -6.82 -29.47 -12.13
N SER C 131 -5.95 -28.62 -11.59
CA SER C 131 -6.09 -28.18 -10.20
C SER C 131 -7.41 -27.45 -9.96
N THR C 132 -7.75 -26.53 -10.85
CA THR C 132 -9.00 -25.78 -10.74
C THR C 132 -10.19 -26.74 -10.80
N ASN C 133 -10.04 -27.78 -11.61
CA ASN C 133 -11.06 -28.82 -11.76
C ASN C 133 -11.28 -29.64 -10.49
N ARG C 134 -10.20 -30.00 -9.80
CA ARG C 134 -10.31 -30.71 -8.52
C ARG C 134 -11.01 -29.85 -7.45
N GLY C 135 -10.77 -28.54 -7.51
CA GLY C 135 -11.44 -27.60 -6.65
C GLY C 135 -12.94 -27.57 -6.90
N CYS C 136 -13.34 -27.60 -8.16
CA CYS C 136 -14.76 -27.67 -8.53
C CYS C 136 -15.37 -28.96 -7.98
N ARG C 137 -14.62 -30.05 -8.03
CA ARG C 137 -15.08 -31.37 -7.58
C ARG C 137 -15.36 -31.36 -6.06
N ALA C 138 -14.49 -30.72 -5.30
CA ALA C 138 -14.69 -30.61 -3.85
C ALA C 138 -15.96 -29.81 -3.54
N ILE C 139 -16.13 -28.70 -4.25
CA ILE C 139 -17.30 -27.84 -4.06
C ILE C 139 -18.61 -28.57 -4.39
N GLY C 140 -18.61 -29.35 -5.48
CA GLY C 140 -19.80 -30.03 -5.97
C GLY C 140 -20.29 -31.10 -5.00
N LEU C 141 -19.36 -31.87 -4.47
CA LEU C 141 -19.65 -32.91 -3.48
C LEU C 141 -20.00 -32.30 -2.13
N GLY C 142 -19.59 -31.04 -1.93
CA GLY C 142 -19.87 -30.31 -0.70
C GLY C 142 -21.18 -29.57 -0.70
N GLY C 143 -21.97 -29.70 -1.77
CA GLY C 143 -23.31 -29.12 -1.82
C GLY C 143 -23.40 -27.79 -2.56
N GLY C 144 -22.31 -27.40 -3.23
CA GLY C 144 -22.33 -26.22 -4.08
C GLY C 144 -21.92 -24.94 -3.38
N ALA C 145 -21.57 -23.94 -4.17
CA ALA C 145 -21.17 -22.63 -3.69
C ALA C 145 -22.31 -21.65 -3.91
N SER C 146 -22.27 -20.54 -3.20
CA SER C 146 -23.24 -19.46 -3.34
C SER C 146 -22.50 -18.14 -3.41
N SER C 147 -23.00 -17.23 -4.23
CA SER C 147 -22.34 -15.95 -4.48
C SER C 147 -23.35 -14.81 -4.55
N ARG C 148 -22.90 -13.60 -4.25
CA ARG C 148 -23.73 -12.41 -4.35
C ARG C 148 -22.91 -11.25 -4.93
N VAL C 149 -23.47 -10.55 -5.91
CA VAL C 149 -22.92 -9.27 -6.34
C VAL C 149 -23.30 -8.22 -5.30
N LEU C 150 -22.31 -7.61 -4.69
CA LEU C 150 -22.50 -6.64 -3.61
C LEU C 150 -22.57 -5.21 -4.14
N ALA C 151 -21.83 -4.94 -5.22
CA ALA C 151 -21.87 -3.63 -5.88
C ALA C 151 -21.53 -3.75 -7.36
N ASP C 152 -21.88 -2.71 -8.12
CA ASP C 152 -21.78 -2.75 -9.56
C ASP C 152 -21.66 -1.34 -10.12
N GLY C 153 -20.53 -1.06 -10.77
CA GLY C 153 -20.31 0.24 -11.40
C GLY C 153 -18.85 0.45 -11.81
N MET C 154 -18.63 0.59 -13.11
CA MET C 154 -17.33 0.99 -13.65
C MET C 154 -17.06 2.45 -13.28
N THR C 155 -15.79 2.85 -13.26
CA THR C 155 -15.44 4.22 -12.88
C THR C 155 -14.44 4.85 -13.83
N ARG C 156 -14.41 6.18 -13.82
CA ARG C 156 -13.36 6.96 -14.47
C ARG C 156 -13.05 8.18 -13.63
N GLY C 157 -11.77 8.44 -13.40
CA GLY C 157 -11.31 9.41 -12.42
C GLY C 157 -10.41 10.48 -13.02
N PRO C 158 -11.00 11.44 -13.75
CA PRO C 158 -10.24 12.58 -14.30
C PRO C 158 -9.61 13.47 -13.23
N VAL C 159 -8.58 14.20 -13.62
CA VAL C 159 -7.98 15.23 -12.79
C VAL C 159 -8.18 16.61 -13.43
N VAL C 160 -8.83 17.50 -12.68
CA VAL C 160 -8.97 18.90 -13.09
C VAL C 160 -8.10 19.79 -12.22
N ARG C 161 -7.72 20.96 -12.74
CA ARG C 161 -6.97 21.96 -11.99
C ARG C 161 -7.71 23.29 -11.95
N LEU C 162 -7.75 23.90 -10.77
CA LEU C 162 -8.29 25.25 -10.61
C LEU C 162 -7.16 26.19 -10.25
N PRO C 163 -7.36 27.50 -10.42
CA PRO C 163 -6.32 28.48 -10.10
C PRO C 163 -5.69 28.28 -8.71
N ARG C 164 -6.54 28.08 -7.70
CA ARG C 164 -6.11 27.97 -6.31
C ARG C 164 -6.81 26.80 -5.59
N ALA C 165 -6.23 26.35 -4.49
CA ALA C 165 -6.79 25.27 -3.69
C ALA C 165 -8.10 25.65 -3.02
N CYS C 166 -8.29 26.94 -2.75
CA CYS C 166 -9.56 27.44 -2.21
C CYS C 166 -10.67 27.25 -3.26
N ASP C 167 -10.30 27.43 -4.53
CA ASP C 167 -11.22 27.23 -5.65
C ASP C 167 -11.54 25.74 -5.86
N SER C 168 -10.55 24.87 -5.68
CA SER C 168 -10.77 23.44 -5.85
C SER C 168 -11.72 22.96 -4.77
N ALA C 169 -11.57 23.51 -3.56
CA ALA C 169 -12.43 23.21 -2.42
C ALA C 169 -13.86 23.67 -2.67
N GLU C 170 -14.01 24.81 -3.33
CA GLU C 170 -15.32 25.36 -3.68
C GLU C 170 -16.07 24.42 -4.64
N VAL C 171 -15.36 23.90 -5.65
CA VAL C 171 -15.94 22.95 -6.60
C VAL C 171 -16.30 21.63 -5.93
N LYS C 172 -15.49 21.18 -4.99
CA LYS C 172 -15.78 19.97 -4.23
C LYS C 172 -17.06 20.12 -3.42
N ALA C 173 -17.22 21.29 -2.79
CA ALA C 173 -18.40 21.57 -1.97
C ALA C 173 -19.64 21.62 -2.87
N TRP C 174 -19.46 22.18 -4.06
CA TRP C 174 -20.54 22.32 -5.03
C TRP C 174 -21.03 20.94 -5.50
N LEU C 175 -20.10 20.04 -5.76
CA LEU C 175 -20.42 18.70 -6.22
C LEU C 175 -21.14 17.89 -5.15
N GLU C 176 -20.90 18.23 -3.88
CA GLU C 176 -21.52 17.53 -2.76
C GLU C 176 -22.90 18.09 -2.37
N THR C 177 -23.29 19.25 -2.88
CA THR C 177 -24.66 19.74 -2.65
C THR C 177 -25.64 18.91 -3.48
N SER C 178 -26.82 18.70 -2.92
CA SER C 178 -27.92 18.00 -3.62
C SER C 178 -28.17 18.59 -5.01
N GLU C 179 -28.12 19.92 -5.10
CA GLU C 179 -28.44 20.63 -6.34
C GLU C 179 -27.35 20.45 -7.39
N GLY C 180 -26.09 20.66 -6.99
CA GLY C 180 -24.96 20.54 -7.89
C GLY C 180 -24.78 19.15 -8.46
N PHE C 181 -24.89 18.13 -7.62
CA PHE C 181 -24.80 16.74 -8.07
C PHE C 181 -25.91 16.38 -9.07
N ALA C 182 -27.12 16.89 -8.84
CA ALA C 182 -28.26 16.63 -9.72
C ALA C 182 -28.04 17.17 -11.13
N VAL C 183 -27.33 18.30 -11.24
CA VAL C 183 -27.00 18.90 -12.54
C VAL C 183 -25.95 18.05 -13.27
N ILE C 184 -24.93 17.61 -12.55
CA ILE C 184 -23.87 16.78 -13.13
C ILE C 184 -24.46 15.44 -13.54
N LYS C 185 -25.38 14.92 -12.72
CA LYS C 185 -26.03 13.63 -12.96
C LYS C 185 -26.86 13.66 -14.25
N GLU C 186 -27.58 14.76 -14.48
CA GLU C 186 -28.37 14.91 -15.71
C GLU C 186 -27.48 14.93 -16.94
N ALA C 187 -26.36 15.65 -16.87
CA ALA C 187 -25.44 15.72 -17.99
C ALA C 187 -24.82 14.34 -18.29
N PHE C 188 -24.47 13.61 -17.23
CA PHE C 188 -23.86 12.28 -17.36
C PHE C 188 -24.89 11.28 -17.91
N ASP C 189 -26.06 11.26 -17.29
CA ASP C 189 -27.10 10.29 -17.60
C ASP C 189 -27.75 10.48 -18.97
N SER C 190 -27.58 11.65 -19.57
CA SER C 190 -28.16 11.94 -20.89
C SER C 190 -27.42 11.23 -22.02
N THR C 191 -26.17 10.83 -21.77
CA THR C 191 -25.33 10.22 -22.81
C THR C 191 -25.63 8.75 -23.16
N SER C 192 -26.42 8.06 -22.35
CA SER C 192 -26.72 6.64 -22.62
C SER C 192 -27.87 6.05 -21.79
N ARG C 193 -28.56 5.06 -22.38
CA ARG C 193 -29.63 4.30 -21.72
C ARG C 193 -29.22 3.81 -20.34
N PHE C 194 -28.00 3.30 -20.25
CA PHE C 194 -27.51 2.62 -19.05
C PHE C 194 -26.87 3.58 -18.05
N ALA C 195 -26.43 4.74 -18.53
CA ALA C 195 -25.80 5.75 -17.67
C ALA C 195 -26.70 6.09 -16.51
N ARG C 196 -26.12 6.03 -15.31
CA ARG C 196 -26.86 6.20 -14.07
C ARG C 196 -25.84 6.51 -12.97
N LEU C 197 -25.47 7.79 -12.90
CA LEU C 197 -24.36 8.23 -12.07
C LEU C 197 -24.70 8.03 -10.60
N GLN C 198 -23.76 7.39 -9.89
CA GLN C 198 -23.88 7.15 -8.47
C GLN C 198 -23.16 8.27 -7.72
N LYS C 199 -23.23 8.23 -6.40
CA LYS C 199 -22.51 9.19 -5.53
C LYS C 199 -21.08 9.47 -6.02
N LEU C 200 -20.74 10.76 -6.20
CA LEU C 200 -19.40 11.13 -6.64
C LEU C 200 -18.44 11.02 -5.45
N HIS C 201 -17.27 10.44 -5.70
CA HIS C 201 -16.21 10.43 -4.71
C HIS C 201 -15.13 11.37 -5.21
N THR C 202 -14.70 12.30 -4.38
CA THR C 202 -13.71 13.28 -4.81
C THR C 202 -12.58 13.42 -3.80
N SER C 203 -11.39 13.81 -4.30
CA SER C 203 -10.23 14.08 -3.48
C SER C 203 -9.48 15.31 -3.99
N ILE C 204 -8.97 16.11 -3.05
CA ILE C 204 -8.15 17.26 -3.38
C ILE C 204 -6.69 16.99 -3.05
N ALA C 205 -5.81 17.50 -3.91
CA ALA C 205 -4.39 17.64 -3.63
C ALA C 205 -3.95 19.00 -4.16
N GLY C 206 -4.04 20.01 -3.30
CA GLY C 206 -3.74 21.38 -3.66
C GLY C 206 -4.80 21.94 -4.60
N ARG C 207 -4.37 22.43 -5.75
CA ARG C 207 -5.31 22.91 -6.76
C ARG C 207 -5.80 21.80 -7.70
N ASN C 208 -5.27 20.58 -7.52
CA ASN C 208 -5.81 19.39 -8.19
C ASN C 208 -7.11 18.93 -7.53
N LEU C 209 -8.02 18.43 -8.36
CA LEU C 209 -9.28 17.86 -7.89
C LEU C 209 -9.57 16.62 -8.74
N TYR C 210 -9.51 15.46 -8.09
CA TYR C 210 -9.79 14.18 -8.71
C TYR C 210 -11.24 13.83 -8.44
N ILE C 211 -11.98 13.47 -9.50
CA ILE C 211 -13.41 13.22 -9.45
C ILE C 211 -13.68 11.82 -10.01
N ARG C 212 -14.27 10.96 -9.19
CA ARG C 212 -14.48 9.56 -9.53
C ARG C 212 -15.96 9.34 -9.90
N PHE C 213 -16.23 9.30 -11.20
CA PHE C 213 -17.56 9.05 -11.71
C PHE C 213 -17.79 7.55 -11.73
N GLN C 214 -18.88 7.09 -11.14
CA GLN C 214 -19.22 5.67 -11.13
C GLN C 214 -20.63 5.46 -11.68
N SER C 215 -20.80 4.40 -12.47
CA SER C 215 -22.10 4.05 -12.99
C SER C 215 -22.13 2.64 -13.58
N ARG C 216 -23.31 2.03 -13.52
CA ARG C 216 -23.58 0.80 -14.25
C ARG C 216 -23.38 1.07 -15.74
N SER C 217 -23.34 0.01 -16.55
CA SER C 217 -23.09 0.17 -17.98
C SER C 217 -23.64 -0.99 -18.80
N GLY C 218 -24.85 -1.43 -18.45
CA GLY C 218 -25.43 -2.61 -19.06
C GLY C 218 -24.49 -3.78 -18.90
N ASP C 219 -24.23 -4.50 -19.98
CA ASP C 219 -23.39 -5.69 -19.94
C ASP C 219 -21.97 -5.42 -20.42
N ALA C 220 -21.72 -4.23 -20.96
CA ALA C 220 -20.37 -3.87 -21.38
C ALA C 220 -19.51 -3.52 -20.17
N MET C 221 -18.21 -3.64 -20.32
CA MET C 221 -17.26 -3.29 -19.26
C MET C 221 -17.40 -1.81 -18.90
N GLY C 222 -17.59 -0.99 -19.93
CA GLY C 222 -18.14 0.35 -19.75
C GLY C 222 -17.18 1.53 -19.83
N MET C 223 -15.90 1.31 -20.17
CA MET C 223 -14.93 2.41 -20.18
C MET C 223 -15.31 3.48 -21.20
N ASN C 224 -15.71 3.05 -22.39
CA ASN C 224 -16.14 3.97 -23.43
C ASN C 224 -17.36 4.77 -23.01
N MET C 225 -18.35 4.06 -22.48
CA MET C 225 -19.59 4.68 -22.03
C MET C 225 -19.38 5.67 -20.88
N ILE C 226 -18.62 5.25 -19.87
CA ILE C 226 -18.32 6.13 -18.72
C ILE C 226 -17.50 7.36 -19.14
N SER C 227 -16.69 7.22 -20.20
CA SER C 227 -15.88 8.34 -20.69
C SER C 227 -16.71 9.40 -21.41
N LYS C 228 -17.75 8.98 -22.13
CA LYS C 228 -18.63 9.91 -22.83
C LYS C 228 -19.49 10.67 -21.83
N GLY C 229 -20.02 9.98 -20.84
CA GLY C 229 -20.74 10.61 -19.75
C GLY C 229 -19.87 11.55 -18.95
N THR C 230 -18.60 11.21 -18.79
CA THR C 230 -17.65 11.99 -18.01
C THR C 230 -17.27 13.29 -18.70
N GLU C 231 -17.01 13.22 -20.01
CA GLU C 231 -16.59 14.39 -20.79
C GLU C 231 -17.71 15.44 -20.90
N LYS C 232 -18.95 14.98 -20.93
CA LYS C 232 -20.11 15.86 -20.97
C LYS C 232 -20.45 16.39 -19.57
N ALA C 233 -20.16 15.59 -18.55
CA ALA C 233 -20.35 16.01 -17.16
C ALA C 233 -19.38 17.15 -16.80
N LEU C 234 -18.17 17.09 -17.35
CA LEU C 234 -17.15 18.10 -17.11
C LEU C 234 -17.41 19.35 -17.95
N SER C 235 -18.07 19.16 -19.10
CA SER C 235 -18.52 20.29 -19.91
C SER C 235 -19.56 21.09 -19.12
N LYS C 236 -20.43 20.41 -18.39
CA LYS C 236 -21.45 21.07 -17.57
C LYS C 236 -20.81 21.76 -16.37
N LEU C 237 -19.82 21.12 -15.78
CA LEU C 237 -19.10 21.67 -14.63
C LEU C 237 -18.30 22.93 -15.00
N HIS C 238 -17.83 22.96 -16.24
CA HIS C 238 -17.05 24.09 -16.76
C HIS C 238 -17.94 25.34 -16.97
N GLU C 239 -19.24 25.14 -17.17
CA GLU C 239 -20.18 26.26 -17.26
C GLU C 239 -20.30 27.01 -15.92
N TYR C 240 -20.24 26.27 -14.82
CA TYR C 240 -20.31 26.86 -13.48
C TYR C 240 -18.94 27.32 -12.97
N PHE C 241 -17.87 26.79 -13.55
CA PHE C 241 -16.49 27.09 -13.13
C PHE C 241 -15.59 27.19 -14.35
N PRO C 242 -15.68 28.32 -15.06
CA PRO C 242 -14.98 28.47 -16.35
C PRO C 242 -13.44 28.55 -16.27
N GLU C 243 -12.89 28.78 -15.08
CA GLU C 243 -11.44 28.83 -14.91
C GLU C 243 -10.83 27.44 -14.66
N MET C 244 -11.67 26.46 -14.33
CA MET C 244 -11.26 25.07 -14.25
C MET C 244 -10.60 24.61 -15.55
N GLN C 245 -9.51 23.85 -15.41
CA GLN C 245 -8.82 23.24 -16.54
C GLN C 245 -8.95 21.72 -16.41
N ILE C 246 -9.17 21.04 -17.53
CA ILE C 246 -9.21 19.59 -17.51
C ILE C 246 -7.84 19.06 -17.93
N LEU C 247 -7.05 18.68 -16.93
CA LEU C 247 -5.69 18.19 -17.16
C LEU C 247 -5.70 16.89 -17.94
N ALA C 248 -6.43 15.90 -17.45
CA ALA C 248 -6.56 14.62 -18.13
C ALA C 248 -7.90 13.93 -17.84
N VAL C 249 -8.51 13.36 -18.87
CA VAL C 249 -9.75 12.58 -18.71
C VAL C 249 -9.57 11.41 -17.75
N SER C 250 -8.33 10.90 -17.67
CA SER C 250 -7.91 10.02 -16.58
C SER C 250 -6.71 10.58 -15.81
N GLY C 251 -6.94 10.91 -14.54
CA GLY C 251 -5.89 11.31 -13.62
C GLY C 251 -5.49 10.20 -12.65
N ASN C 252 -5.67 8.94 -13.06
CA ASN C 252 -5.31 7.74 -12.27
C ASN C 252 -6.10 7.51 -10.97
N TYR C 253 -7.22 8.20 -10.81
CA TYR C 253 -8.05 8.04 -9.61
C TYR C 253 -9.15 7.00 -9.84
N CYS C 254 -9.13 6.34 -10.98
CA CYS C 254 -10.23 5.45 -11.38
C CYS C 254 -10.39 4.21 -10.50
N THR C 255 -9.36 3.38 -10.28
CA THR C 255 -8.06 3.42 -10.94
C THR C 255 -7.98 2.24 -11.92
N ASP C 256 -7.55 2.50 -13.15
CA ASP C 256 -7.56 1.48 -14.20
C ASP C 256 -6.18 0.91 -14.52
N LYS C 257 -6.03 -0.40 -14.30
CA LYS C 257 -4.85 -1.20 -14.71
C LYS C 257 -3.57 -0.91 -13.91
N LYS C 258 -3.72 -0.26 -12.77
CA LYS C 258 -2.65 -0.11 -11.80
C LYS C 258 -3.16 -0.50 -10.41
N PRO C 259 -2.28 -1.02 -9.56
CA PRO C 259 -2.66 -1.36 -8.18
C PRO C 259 -3.03 -0.10 -7.40
N ALA C 260 -4.14 -0.18 -6.68
CA ALA C 260 -4.64 0.98 -5.97
C ALA C 260 -5.63 0.59 -4.89
N ALA C 261 -5.36 1.10 -3.70
CA ALA C 261 -6.23 0.90 -2.55
C ALA C 261 -7.66 1.34 -2.85
N ILE C 262 -7.83 2.38 -3.68
CA ILE C 262 -9.17 2.92 -3.88
C ILE C 262 -10.13 1.89 -4.48
N ASN C 263 -9.64 1.01 -5.36
CA ASN C 263 -10.46 -0.07 -5.93
C ASN C 263 -10.83 -1.13 -4.88
N TRP C 264 -9.88 -1.45 -4.01
CA TRP C 264 -10.07 -2.44 -2.95
C TRP C 264 -11.11 -1.99 -1.94
N ILE C 265 -11.14 -0.68 -1.68
CA ILE C 265 -11.93 -0.10 -0.60
C ILE C 265 -13.30 0.36 -1.10
N GLU C 266 -13.32 1.03 -2.26
CA GLU C 266 -14.58 1.54 -2.83
C GLU C 266 -15.21 0.55 -3.80
N GLY C 267 -14.42 -0.38 -4.31
CA GLY C 267 -14.87 -1.26 -5.39
C GLY C 267 -14.69 -0.61 -6.75
N ARG C 268 -14.69 -1.44 -7.79
CA ARG C 268 -14.65 -1.00 -9.18
C ARG C 268 -15.14 -2.12 -10.08
N GLY C 269 -16.10 -1.82 -10.93
CA GLY C 269 -16.80 -2.86 -11.68
C GLY C 269 -17.72 -3.62 -10.75
N LYS C 270 -17.53 -4.93 -10.66
CA LYS C 270 -18.38 -5.80 -9.84
C LYS C 270 -17.67 -6.22 -8.56
N SER C 271 -18.32 -5.99 -7.42
CA SER C 271 -17.85 -6.46 -6.13
C SER C 271 -18.65 -7.70 -5.79
N VAL C 272 -17.95 -8.81 -5.57
CA VAL C 272 -18.59 -10.11 -5.44
C VAL C 272 -18.03 -10.87 -4.23
N VAL C 273 -18.89 -11.67 -3.59
CA VAL C 273 -18.46 -12.61 -2.56
C VAL C 273 -18.99 -14.00 -2.90
N CYS C 274 -18.15 -15.01 -2.69
CA CYS C 274 -18.53 -16.40 -2.89
C CYS C 274 -18.16 -17.23 -1.66
N GLU C 275 -18.93 -18.29 -1.40
CA GLU C 275 -18.69 -19.15 -0.24
C GLU C 275 -19.14 -20.60 -0.46
N ALA C 276 -18.52 -21.53 0.27
CA ALA C 276 -19.02 -22.90 0.35
C ALA C 276 -18.61 -23.52 1.69
N VAL C 277 -19.23 -24.65 2.02
CA VAL C 277 -18.84 -25.47 3.15
C VAL C 277 -18.51 -26.86 2.61
N ILE C 278 -17.27 -27.27 2.81
CA ILE C 278 -16.80 -28.58 2.36
C ILE C 278 -16.79 -29.51 3.57
N PRO C 279 -17.58 -30.59 3.53
CA PRO C 279 -17.57 -31.60 4.59
C PRO C 279 -16.18 -32.18 4.83
N ALA C 280 -15.88 -32.60 6.07
CA ALA C 280 -14.58 -33.17 6.42
C ALA C 280 -14.21 -34.32 5.50
N LYS C 281 -15.19 -35.16 5.19
CA LYS C 281 -15.00 -36.31 4.32
C LYS C 281 -14.51 -35.94 2.91
N VAL C 282 -15.08 -34.87 2.35
CA VAL C 282 -14.67 -34.38 1.03
C VAL C 282 -13.25 -33.76 1.10
N VAL C 283 -12.99 -33.00 2.15
CA VAL C 283 -11.65 -32.43 2.35
C VAL C 283 -10.61 -33.55 2.38
N ARG C 284 -10.97 -34.68 2.98
CA ARG C 284 -10.07 -35.83 3.09
C ARG C 284 -9.89 -36.58 1.77
N GLU C 285 -10.98 -36.89 1.06
CA GLU C 285 -10.96 -37.79 -0.10
C GLU C 285 -10.65 -37.10 -1.44
N VAL C 286 -11.15 -35.88 -1.61
CA VAL C 286 -10.86 -35.08 -2.81
C VAL C 286 -9.59 -34.25 -2.63
N LEU C 287 -9.46 -33.56 -1.49
CA LEU C 287 -8.36 -32.63 -1.28
C LEU C 287 -7.15 -33.20 -0.51
N LYS C 288 -7.27 -34.43 -0.02
CA LYS C 288 -6.14 -35.17 0.59
C LYS C 288 -5.54 -34.51 1.85
N THR C 289 -6.33 -33.73 2.58
CA THR C 289 -5.82 -33.02 3.76
C THR C 289 -6.89 -32.96 4.85
N THR C 290 -6.70 -32.11 5.87
CA THR C 290 -7.74 -31.83 6.86
C THR C 290 -8.15 -30.35 6.88
N THR C 291 -9.29 -30.09 7.50
CA THR C 291 -9.81 -28.73 7.65
C THR C 291 -8.86 -27.90 8.51
N GLU C 292 -8.33 -28.51 9.56
CA GLU C 292 -7.39 -27.85 10.46
C GLU C 292 -6.12 -27.37 9.72
N ALA C 293 -5.56 -28.24 8.90
CA ALA C 293 -4.35 -27.93 8.14
C ALA C 293 -4.58 -26.81 7.11
N MET C 294 -5.69 -26.88 6.41
CA MET C 294 -6.09 -25.86 5.44
C MET C 294 -6.16 -24.47 6.07
N ILE C 295 -6.80 -24.39 7.24
CA ILE C 295 -7.02 -23.11 7.92
C ILE C 295 -5.69 -22.50 8.33
N GLU C 296 -4.81 -23.33 8.87
CA GLU C 296 -3.49 -22.91 9.32
C GLU C 296 -2.65 -22.36 8.16
N VAL C 297 -2.72 -23.01 7.01
CA VAL C 297 -2.01 -22.56 5.82
C VAL C 297 -2.62 -21.27 5.34
N ASN C 298 -3.95 -21.19 5.26
CA ASN C 298 -4.62 -19.99 4.78
C ASN C 298 -4.33 -18.76 5.64
N ILE C 299 -4.33 -18.93 6.97
CA ILE C 299 -4.11 -17.81 7.87
C ILE C 299 -2.69 -17.30 7.68
N ASN C 300 -1.72 -18.19 7.70
CA ASN C 300 -0.31 -17.82 7.73
C ASN C 300 0.31 -17.50 6.37
N LYS C 301 -0.34 -17.95 5.29
CA LYS C 301 0.08 -17.62 3.93
C LYS C 301 -0.72 -16.43 3.42
N ASN C 302 -2.03 -16.61 3.31
CA ASN C 302 -2.90 -15.62 2.66
C ASN C 302 -3.21 -14.38 3.48
N LEU C 303 -3.14 -14.48 4.80
CA LEU C 303 -3.30 -13.29 5.64
C LEU C 303 -1.96 -12.80 6.15
N VAL C 304 -1.26 -13.61 6.93
CA VAL C 304 -0.06 -13.13 7.63
C VAL C 304 1.07 -12.90 6.63
N GLY C 305 1.19 -13.80 5.65
CA GLY C 305 2.26 -13.73 4.68
C GLY C 305 2.14 -12.53 3.74
N SER C 306 0.94 -12.32 3.21
CA SER C 306 0.67 -11.15 2.38
C SER C 306 0.88 -9.86 3.17
N ALA C 307 0.55 -9.91 4.45
CA ALA C 307 0.72 -8.75 5.33
C ALA C 307 2.20 -8.40 5.50
N MET C 308 3.05 -9.40 5.69
CA MET C 308 4.49 -9.18 5.81
C MET C 308 5.15 -8.74 4.49
N ALA C 309 4.55 -9.10 3.36
CA ALA C 309 5.03 -8.67 2.05
C ALA C 309 4.53 -7.27 1.70
N GLY C 310 3.65 -6.71 2.52
CA GLY C 310 3.10 -5.39 2.30
C GLY C 310 2.13 -5.38 1.13
N SER C 311 1.19 -6.31 1.12
CA SER C 311 0.18 -6.39 0.08
C SER C 311 -1.03 -5.51 0.36
N ILE C 312 -1.54 -4.90 -0.72
CA ILE C 312 -2.84 -4.24 -0.69
C ILE C 312 -3.73 -5.04 -1.65
N GLY C 313 -4.69 -5.78 -1.10
CA GLY C 313 -5.66 -6.50 -1.91
C GLY C 313 -5.23 -7.86 -2.41
N GLY C 314 -4.08 -8.33 -1.93
CA GLY C 314 -3.49 -9.56 -2.43
C GLY C 314 -3.48 -10.67 -1.39
N TYR C 315 -4.60 -10.85 -0.69
CA TYR C 315 -4.72 -11.83 0.39
C TYR C 315 -5.31 -13.15 -0.11
N ASN C 316 -4.65 -13.70 -1.13
CA ASN C 316 -5.09 -14.92 -1.81
C ASN C 316 -3.88 -15.68 -2.33
N ALA C 317 -4.08 -16.92 -2.76
CA ALA C 317 -2.99 -17.75 -3.25
C ALA C 317 -2.69 -17.48 -4.74
N HIS C 318 -3.67 -17.67 -5.61
CA HIS C 318 -3.49 -17.41 -7.04
C HIS C 318 -4.77 -17.03 -7.78
N ALA C 319 -5.51 -16.10 -7.24
CA ALA C 319 -6.70 -15.59 -7.91
C ALA C 319 -6.38 -15.16 -9.35
N ALA C 320 -5.25 -14.46 -9.50
CA ALA C 320 -4.78 -13.98 -10.81
C ALA C 320 -4.64 -15.06 -11.87
N ASN C 321 -4.32 -16.29 -11.49
CA ASN C 321 -4.27 -17.39 -12.44
C ASN C 321 -5.64 -17.67 -13.08
N ILE C 322 -6.67 -17.71 -12.25
CA ILE C 322 -8.03 -17.98 -12.70
C ILE C 322 -8.60 -16.80 -13.44
N VAL C 323 -8.46 -15.60 -12.88
CA VAL C 323 -8.96 -14.38 -13.52
C VAL C 323 -8.37 -14.23 -14.94
N THR C 324 -7.08 -14.54 -15.09
CA THR C 324 -6.39 -14.33 -16.36
C THR C 324 -6.79 -15.39 -17.39
N ALA C 325 -6.95 -16.63 -16.96
CA ALA C 325 -7.33 -17.68 -17.89
C ALA C 325 -8.76 -17.47 -18.39
N ILE C 326 -9.68 -17.11 -17.51
CA ILE C 326 -11.06 -16.87 -17.93
C ILE C 326 -11.16 -15.64 -18.84
N TYR C 327 -10.47 -14.57 -18.46
CA TYR C 327 -10.51 -13.31 -19.20
C TYR C 327 -10.01 -13.47 -20.64
N ILE C 328 -8.91 -14.20 -20.82
CA ILE C 328 -8.33 -14.42 -22.14
C ILE C 328 -9.29 -15.29 -22.99
N ALA C 329 -9.89 -16.29 -22.36
CA ALA C 329 -10.85 -17.15 -23.05
C ALA C 329 -12.13 -16.43 -23.44
N CYS C 330 -12.53 -15.42 -22.66
CA CYS C 330 -13.86 -14.82 -22.78
C CYS C 330 -13.88 -13.42 -23.34
N GLY C 331 -12.80 -13.02 -24.02
CA GLY C 331 -12.74 -11.74 -24.72
C GLY C 331 -12.63 -10.52 -23.82
N GLN C 332 -12.22 -10.72 -22.57
CA GLN C 332 -12.05 -9.61 -21.64
C GLN C 332 -10.72 -8.91 -21.90
N ASP C 333 -10.53 -7.79 -21.21
CA ASP C 333 -9.28 -7.05 -21.31
C ASP C 333 -8.35 -7.63 -20.24
N ALA C 334 -7.41 -8.47 -20.68
CA ALA C 334 -6.56 -9.24 -19.76
C ALA C 334 -5.65 -8.37 -18.89
N ALA C 335 -5.37 -7.15 -19.35
CA ALA C 335 -4.56 -6.19 -18.57
C ALA C 335 -5.27 -5.74 -17.30
N GLN C 336 -6.59 -5.85 -17.30
CA GLN C 336 -7.38 -5.53 -16.12
C GLN C 336 -7.30 -6.65 -15.06
N ASN C 337 -6.47 -7.67 -15.30
CA ASN C 337 -6.16 -8.63 -14.26
C ASN C 337 -5.46 -7.96 -13.09
N VAL C 338 -4.76 -6.85 -13.35
CA VAL C 338 -4.07 -6.12 -12.28
C VAL C 338 -5.02 -5.90 -11.10
N GLY C 339 -6.11 -5.17 -11.32
CA GLY C 339 -7.10 -4.91 -10.30
C GLY C 339 -8.19 -5.97 -10.12
N SER C 340 -8.57 -6.67 -11.18
CA SER C 340 -9.63 -7.68 -11.10
C SER C 340 -9.29 -8.89 -10.24
N SER C 341 -8.00 -9.19 -10.15
CA SER C 341 -7.49 -10.26 -9.29
C SER C 341 -7.57 -9.96 -7.79
N ASN C 342 -7.86 -8.72 -7.40
CA ASN C 342 -8.01 -8.39 -5.98
C ASN C 342 -8.91 -9.41 -5.27
N CYS C 343 -8.38 -10.03 -4.22
CA CYS C 343 -9.11 -11.10 -3.53
C CYS C 343 -8.59 -11.34 -2.11
N ILE C 344 -9.53 -11.51 -1.18
CA ILE C 344 -9.20 -12.05 0.14
C ILE C 344 -9.90 -13.39 0.30
N THR C 345 -9.12 -14.40 0.67
CA THR C 345 -9.58 -15.77 0.75
C THR C 345 -9.56 -16.14 2.22
N LEU C 346 -10.75 -16.42 2.77
CA LEU C 346 -10.89 -16.75 4.19
C LEU C 346 -11.33 -18.21 4.36
N MET C 347 -10.75 -18.86 5.37
CA MET C 347 -11.07 -20.24 5.70
C MET C 347 -11.22 -20.37 7.21
N GLU C 348 -12.30 -21.01 7.65
CA GLU C 348 -12.52 -21.29 9.07
C GLU C 348 -13.17 -22.64 9.30
N ALA C 349 -13.16 -23.08 10.55
CA ALA C 349 -13.77 -24.34 10.93
C ALA C 349 -15.27 -24.18 10.93
N SER C 350 -15.97 -25.27 10.66
CA SER C 350 -17.43 -25.25 10.58
C SER C 350 -18.00 -26.57 11.08
N GLY C 351 -19.27 -26.55 11.47
CA GLY C 351 -19.97 -27.75 11.90
C GLY C 351 -19.81 -28.05 13.37
N PRO C 352 -20.44 -29.14 13.83
CA PRO C 352 -20.53 -29.47 15.26
C PRO C 352 -19.21 -29.74 15.98
N THR C 353 -18.22 -30.29 15.27
CA THR C 353 -16.92 -30.59 15.85
C THR C 353 -15.77 -29.89 15.10
N ASN C 354 -16.09 -28.78 14.42
CA ASN C 354 -15.08 -27.94 13.75
C ASN C 354 -14.21 -28.68 12.72
N GLU C 355 -14.81 -29.65 12.05
CA GLU C 355 -14.09 -30.48 11.08
C GLU C 355 -14.42 -30.19 9.61
N ASP C 356 -15.47 -29.43 9.38
CA ASP C 356 -15.85 -29.00 8.04
C ASP C 356 -15.19 -27.64 7.71
N LEU C 357 -14.77 -27.46 6.46
CA LEU C 357 -14.12 -26.23 6.01
C LEU C 357 -15.12 -25.24 5.44
N TYR C 358 -15.33 -24.13 6.13
CA TYR C 358 -15.97 -22.96 5.54
C TYR C 358 -14.93 -22.19 4.71
N ILE C 359 -15.27 -21.87 3.47
CA ILE C 359 -14.39 -21.09 2.60
C ILE C 359 -15.16 -19.95 1.95
N SER C 360 -14.54 -18.78 1.88
CA SER C 360 -15.09 -17.65 1.14
C SER C 360 -13.99 -16.91 0.38
N CYS C 361 -14.34 -16.39 -0.79
CA CYS C 361 -13.49 -15.48 -1.54
C CYS C 361 -14.26 -14.20 -1.78
N THR C 362 -13.66 -13.07 -1.44
CA THR C 362 -14.26 -11.77 -1.69
C THR C 362 -13.39 -10.97 -2.64
N MET C 363 -14.00 -10.52 -3.74
CA MET C 363 -13.30 -9.84 -4.81
C MET C 363 -14.04 -8.54 -5.13
N PRO C 364 -13.56 -7.43 -4.59
CA PRO C 364 -14.27 -6.15 -4.70
C PRO C 364 -14.18 -5.43 -6.05
N SER C 365 -13.29 -5.84 -6.95
CA SER C 365 -13.05 -5.06 -8.16
C SER C 365 -12.89 -5.91 -9.43
N ILE C 366 -13.93 -6.66 -9.76
CA ILE C 366 -13.98 -7.44 -11.00
C ILE C 366 -14.43 -6.56 -12.17
N GLU C 367 -13.54 -6.34 -13.12
CA GLU C 367 -13.80 -5.46 -14.25
C GLU C 367 -14.07 -6.35 -15.45
N ILE C 368 -15.34 -6.39 -15.87
CA ILE C 368 -15.82 -7.46 -16.75
C ILE C 368 -17.01 -7.04 -17.60
N GLY C 369 -17.20 -7.73 -18.72
CA GLY C 369 -18.30 -7.45 -19.62
C GLY C 369 -18.54 -8.52 -20.67
N THR C 370 -19.77 -8.63 -21.15
CA THR C 370 -20.13 -9.64 -22.16
C THR C 370 -20.49 -9.05 -23.52
N VAL C 371 -20.37 -7.73 -23.64
CA VAL C 371 -20.57 -7.00 -24.90
C VAL C 371 -19.42 -6.01 -25.09
N GLY C 372 -18.94 -5.86 -26.33
CA GLY C 372 -17.90 -4.88 -26.60
C GLY C 372 -16.50 -5.46 -26.49
N GLY C 373 -15.54 -4.75 -27.08
CA GLY C 373 -14.15 -5.16 -27.05
C GLY C 373 -13.93 -6.53 -27.65
N GLY C 374 -13.09 -7.33 -27.00
CA GLY C 374 -12.76 -8.67 -27.44
C GLY C 374 -13.91 -9.65 -27.48
N THR C 375 -15.00 -9.37 -26.74
CA THR C 375 -16.21 -10.20 -26.81
C THR C 375 -16.99 -10.06 -28.12
N ASN C 376 -16.53 -9.19 -29.01
CA ASN C 376 -17.11 -9.09 -30.35
C ASN C 376 -16.56 -10.12 -31.33
N LEU C 377 -15.49 -10.80 -30.93
CA LEU C 377 -14.91 -11.85 -31.76
C LEU C 377 -15.59 -13.19 -31.46
N LEU C 378 -15.78 -14.01 -32.50
CA LEU C 378 -16.64 -15.17 -32.44
C LEU C 378 -16.11 -16.34 -31.59
N PRO C 379 -14.81 -16.63 -31.63
CA PRO C 379 -14.25 -17.64 -30.71
C PRO C 379 -14.41 -17.22 -29.24
N GLN C 380 -14.15 -15.94 -28.98
CA GLN C 380 -14.31 -15.39 -27.63
C GLN C 380 -15.76 -15.56 -27.21
N GLN C 381 -16.68 -15.36 -28.16
CA GLN C 381 -18.11 -15.53 -27.93
C GLN C 381 -18.53 -16.99 -27.74
N ALA C 382 -17.76 -17.93 -28.28
CA ALA C 382 -18.09 -19.35 -28.09
C ALA C 382 -17.95 -19.70 -26.62
N CYS C 383 -16.91 -19.16 -25.99
CA CYS C 383 -16.63 -19.40 -24.58
C CYS C 383 -17.63 -18.67 -23.68
N LEU C 384 -18.06 -17.48 -24.08
CA LEU C 384 -19.14 -16.79 -23.37
C LEU C 384 -20.46 -17.57 -23.46
N GLN C 385 -20.73 -18.20 -24.60
CA GLN C 385 -21.94 -18.99 -24.78
C GLN C 385 -21.94 -20.26 -23.93
N MET C 386 -20.76 -20.85 -23.70
CA MET C 386 -20.66 -21.99 -22.80
C MET C 386 -21.22 -21.66 -21.43
N LEU C 387 -20.95 -20.44 -20.97
CA LEU C 387 -21.40 -19.98 -19.65
C LEU C 387 -22.81 -19.43 -19.65
N GLY C 388 -23.40 -19.27 -20.84
CA GLY C 388 -24.77 -18.78 -20.98
C GLY C 388 -24.85 -17.28 -20.76
N VAL C 389 -23.74 -16.58 -20.96
CA VAL C 389 -23.65 -15.15 -20.67
C VAL C 389 -23.31 -14.29 -21.89
N GLN C 390 -23.36 -14.85 -23.09
CA GLN C 390 -22.93 -14.10 -24.28
C GLN C 390 -23.88 -12.95 -24.59
N GLY C 391 -23.30 -11.80 -24.93
CA GLY C 391 -24.04 -10.66 -25.40
C GLY C 391 -24.81 -9.91 -24.34
N ALA C 392 -25.76 -9.11 -24.81
CA ALA C 392 -26.58 -8.27 -23.94
C ALA C 392 -27.81 -9.04 -23.48
N CYS C 393 -28.08 -9.01 -22.18
CA CYS C 393 -29.33 -9.49 -21.63
C CYS C 393 -30.40 -8.41 -21.83
N LYS C 394 -31.35 -8.68 -22.72
CA LYS C 394 -32.39 -7.69 -23.08
C LYS C 394 -33.44 -7.51 -21.97
N ASP C 395 -33.89 -8.61 -21.37
CA ASP C 395 -34.89 -8.58 -20.30
C ASP C 395 -34.40 -7.85 -19.05
N ASN C 396 -33.12 -8.03 -18.73
CA ASN C 396 -32.52 -7.55 -17.48
C ASN C 396 -31.08 -7.07 -17.73
N PRO C 397 -30.93 -5.84 -18.25
CA PRO C 397 -29.62 -5.33 -18.66
C PRO C 397 -28.59 -5.39 -17.54
N GLY C 398 -27.41 -5.93 -17.84
CA GLY C 398 -26.35 -6.11 -16.87
C GLY C 398 -26.27 -7.49 -16.24
N GLU C 399 -27.30 -8.32 -16.43
CA GLU C 399 -27.38 -9.62 -15.74
C GLU C 399 -26.34 -10.62 -16.24
N ASN C 400 -25.99 -10.57 -17.52
CA ASN C 400 -24.97 -11.47 -18.06
C ASN C 400 -23.57 -11.14 -17.52
N ALA C 401 -23.21 -9.86 -17.48
CA ALA C 401 -21.93 -9.43 -16.92
C ALA C 401 -21.86 -9.71 -15.42
N ARG C 402 -23.00 -9.56 -14.73
CA ARG C 402 -23.11 -9.91 -13.32
C ARG C 402 -22.89 -11.41 -13.08
N GLN C 403 -23.53 -12.21 -13.93
CA GLN C 403 -23.35 -13.66 -13.89
C GLN C 403 -21.90 -14.05 -14.18
N LEU C 404 -21.25 -13.36 -15.11
CA LEU C 404 -19.87 -13.70 -15.47
C LEU C 404 -18.92 -13.35 -14.32
N ALA C 405 -19.20 -12.26 -13.62
CA ALA C 405 -18.46 -11.89 -12.41
C ALA C 405 -18.59 -12.98 -11.34
N ARG C 406 -19.81 -13.49 -11.14
CA ARG C 406 -20.05 -14.51 -10.12
C ARG C 406 -19.29 -15.78 -10.45
N ILE C 407 -19.28 -16.15 -11.72
CA ILE C 407 -18.57 -17.33 -12.20
C ILE C 407 -17.07 -17.23 -11.98
N VAL C 408 -16.53 -16.03 -12.18
CA VAL C 408 -15.10 -15.77 -11.96
C VAL C 408 -14.78 -15.91 -10.48
N CYS C 409 -15.62 -15.36 -9.61
CA CYS C 409 -15.39 -15.46 -8.16
C CYS C 409 -15.50 -16.90 -7.68
N GLY C 410 -16.47 -17.64 -8.21
CA GLY C 410 -16.66 -19.04 -7.88
C GLY C 410 -15.52 -19.92 -8.37
N THR C 411 -15.01 -19.63 -9.56
CA THR C 411 -13.89 -20.38 -10.12
C THR C 411 -12.61 -20.06 -9.36
N VAL C 412 -12.46 -18.81 -8.95
CA VAL C 412 -11.31 -18.43 -8.11
C VAL C 412 -11.34 -19.22 -6.81
N MET C 413 -12.50 -19.34 -6.20
CA MET C 413 -12.64 -20.11 -4.96
C MET C 413 -12.24 -21.55 -5.19
N ALA C 414 -12.71 -22.13 -6.28
CA ALA C 414 -12.34 -23.50 -6.62
C ALA C 414 -10.82 -23.61 -6.73
N GLY C 415 -10.20 -22.63 -7.37
CA GLY C 415 -8.76 -22.60 -7.53
C GLY C 415 -8.02 -22.43 -6.22
N GLU C 416 -8.58 -21.64 -5.31
CA GLU C 416 -7.98 -21.45 -4.00
C GLU C 416 -8.08 -22.71 -3.15
N LEU C 417 -9.19 -23.43 -3.27
CA LEU C 417 -9.35 -24.69 -2.55
C LEU C 417 -8.25 -25.67 -2.91
N SER C 418 -8.05 -25.87 -4.20
CA SER C 418 -7.17 -26.93 -4.68
C SER C 418 -5.70 -26.64 -4.42
N LEU C 419 -5.26 -25.41 -4.71
CA LEU C 419 -3.86 -25.06 -4.51
C LEU C 419 -3.52 -25.06 -3.03
N MET C 420 -4.40 -24.53 -2.20
CA MET C 420 -4.16 -24.50 -0.76
C MET C 420 -4.05 -25.91 -0.17
N ALA C 421 -4.86 -26.84 -0.67
CA ALA C 421 -4.80 -28.24 -0.21
C ALA C 421 -3.51 -28.89 -0.65
N ALA C 422 -3.08 -28.58 -1.87
CA ALA C 422 -1.79 -29.02 -2.39
C ALA C 422 -0.64 -28.50 -1.54
N LEU C 423 -0.69 -27.22 -1.16
CA LEU C 423 0.37 -26.63 -0.34
C LEU C 423 0.33 -27.17 1.11
N ALA C 424 -0.84 -27.63 1.53
CA ALA C 424 -1.03 -28.16 2.89
C ALA C 424 -0.34 -29.51 3.07
N ALA C 425 -0.45 -30.38 2.07
CA ALA C 425 0.20 -31.68 2.09
C ALA C 425 1.69 -31.51 1.81
N GLY C 426 2.01 -31.16 0.57
CA GLY C 426 3.38 -30.90 0.14
C GLY C 426 3.76 -31.74 -1.05
N GLY D 24 -6.89 -50.73 -31.58
CA GLY D 24 -7.24 -49.88 -30.40
C GLY D 24 -8.50 -49.05 -30.63
N ALA D 25 -8.46 -47.79 -30.20
CA ALA D 25 -9.62 -46.90 -30.31
C ALA D 25 -9.91 -46.47 -31.75
N LYS D 26 -8.91 -46.54 -32.63
CA LYS D 26 -9.06 -46.15 -34.03
C LYS D 26 -10.09 -47.01 -34.79
N PHE D 27 -10.30 -48.23 -34.33
CA PHE D 27 -11.24 -49.16 -34.98
C PHE D 27 -12.71 -48.90 -34.59
N LEU D 28 -12.92 -47.98 -33.64
CA LEU D 28 -14.27 -47.57 -33.23
C LEU D 28 -14.62 -46.21 -33.82
N SER D 29 -15.91 -45.87 -33.78
CA SER D 29 -16.39 -44.57 -34.23
C SER D 29 -16.53 -43.59 -33.05
N ASP D 30 -16.86 -42.34 -33.36
CA ASP D 30 -17.02 -41.31 -32.33
C ASP D 30 -18.14 -41.69 -31.35
N ALA D 31 -19.31 -42.04 -31.88
CA ALA D 31 -20.47 -42.39 -31.07
C ALA D 31 -20.24 -43.58 -30.14
N GLU D 32 -19.37 -44.51 -30.54
CA GLU D 32 -19.11 -45.72 -29.77
C GLU D 32 -18.20 -45.45 -28.56
N ILE D 33 -17.17 -44.63 -28.77
CA ILE D 33 -16.29 -44.20 -27.68
C ILE D 33 -17.06 -43.35 -26.68
N ILE D 34 -17.98 -42.53 -27.19
CA ILE D 34 -18.83 -41.67 -26.37
C ILE D 34 -19.83 -42.50 -25.55
N GLN D 35 -20.27 -43.63 -26.11
CA GLN D 35 -21.16 -44.55 -25.41
C GLN D 35 -20.42 -45.17 -24.23
N LEU D 36 -19.12 -45.41 -24.42
CA LEU D 36 -18.25 -46.00 -23.40
C LEU D 36 -18.04 -45.05 -22.20
N VAL D 37 -18.00 -43.75 -22.47
CA VAL D 37 -17.80 -42.75 -21.42
C VAL D 37 -19.08 -42.56 -20.60
N ASN D 38 -20.23 -42.66 -21.25
CA ASN D 38 -21.52 -42.49 -20.59
C ASN D 38 -21.96 -43.71 -19.76
N ALA D 39 -21.30 -44.85 -19.98
CA ALA D 39 -21.53 -46.06 -19.19
C ALA D 39 -20.45 -46.29 -18.12
N LYS D 40 -19.70 -45.23 -17.81
CA LYS D 40 -18.66 -45.25 -16.77
C LYS D 40 -17.52 -46.25 -17.03
N HIS D 41 -17.10 -46.36 -18.29
CA HIS D 41 -16.00 -47.25 -18.69
C HIS D 41 -14.77 -46.44 -19.12
N LEU D 50 -5.77 -43.60 -24.58
CA LEU D 50 -6.65 -44.55 -25.25
C LEU D 50 -6.82 -44.19 -26.72
N ILE D 51 -7.29 -42.97 -26.98
CA ILE D 51 -7.37 -42.45 -28.34
C ILE D 51 -5.93 -42.21 -28.83
N GLU D 52 -5.68 -42.48 -30.11
CA GLU D 52 -4.30 -42.54 -30.59
C GLU D 52 -3.80 -41.24 -31.27
N THR D 53 -4.71 -40.29 -31.49
CA THR D 53 -4.33 -38.95 -31.96
C THR D 53 -4.86 -37.88 -30.99
N HIS D 54 -4.06 -36.83 -30.78
CA HIS D 54 -4.42 -35.75 -29.87
C HIS D 54 -5.67 -35.01 -30.31
N GLU D 55 -5.78 -34.72 -31.61
CA GLU D 55 -6.91 -33.96 -32.13
C GLU D 55 -8.25 -34.68 -31.99
N ARG D 56 -8.25 -36.01 -32.16
CA ARG D 56 -9.48 -36.76 -31.98
C ARG D 56 -9.88 -36.81 -30.50
N GLY D 57 -8.88 -36.76 -29.62
CA GLY D 57 -9.13 -36.62 -28.19
C GLY D 57 -9.87 -35.32 -27.89
N VAL D 58 -9.46 -34.25 -28.57
CA VAL D 58 -10.07 -32.95 -28.40
C VAL D 58 -11.50 -32.98 -28.92
N SER D 59 -11.70 -33.56 -30.11
CA SER D 59 -13.02 -33.62 -30.74
C SER D 59 -14.05 -34.29 -29.84
N ILE D 60 -13.68 -35.43 -29.27
CA ILE D 60 -14.59 -36.22 -28.45
C ILE D 60 -14.92 -35.47 -27.16
N ARG D 61 -13.94 -34.80 -26.56
CA ARG D 61 -14.17 -34.01 -25.36
C ARG D 61 -15.15 -32.86 -25.63
N ARG D 62 -15.04 -32.23 -26.81
CA ARG D 62 -15.97 -31.18 -27.24
C ARG D 62 -17.39 -31.69 -27.44
N GLN D 63 -17.52 -32.90 -27.97
CA GLN D 63 -18.84 -33.48 -28.20
C GLN D 63 -19.46 -33.87 -26.86
N LEU D 64 -18.67 -34.48 -25.98
CA LEU D 64 -19.12 -34.79 -24.62
C LEU D 64 -19.59 -33.53 -23.88
N LEU D 65 -18.79 -32.46 -23.97
CA LEU D 65 -19.07 -31.20 -23.27
C LEU D 65 -20.32 -30.50 -23.82
N SER D 66 -20.54 -30.62 -25.12
CA SER D 66 -21.60 -29.90 -25.80
C SER D 66 -23.01 -30.37 -25.39
N LYS D 67 -23.18 -31.66 -25.11
CA LYS D 67 -24.48 -32.19 -24.67
C LYS D 67 -24.88 -31.67 -23.29
N LYS D 68 -23.89 -31.20 -22.53
CA LYS D 68 -24.10 -30.69 -21.18
C LYS D 68 -24.40 -29.19 -21.10
N LEU D 69 -24.38 -28.51 -22.26
CA LEU D 69 -24.62 -27.07 -22.31
C LEU D 69 -26.04 -26.77 -22.75
N SER D 70 -26.56 -25.63 -22.29
CA SER D 70 -27.92 -25.21 -22.64
C SER D 70 -28.03 -24.85 -24.13
N GLU D 71 -26.99 -24.20 -24.67
CA GLU D 71 -26.83 -24.06 -26.13
C GLU D 71 -25.81 -25.11 -26.61
N PRO D 72 -26.26 -26.22 -27.21
CA PRO D 72 -25.32 -27.26 -27.67
C PRO D 72 -24.45 -26.88 -28.88
N SER D 73 -24.76 -25.76 -29.53
CA SER D 73 -23.98 -25.26 -30.66
C SER D 73 -22.95 -24.20 -30.24
N SER D 74 -22.87 -23.91 -28.93
CA SER D 74 -22.04 -22.81 -28.44
C SER D 74 -20.56 -22.92 -28.83
N LEU D 75 -20.06 -24.13 -29.09
CA LEU D 75 -18.66 -24.34 -29.47
C LEU D 75 -18.35 -24.19 -30.98
N GLN D 76 -19.37 -23.94 -31.80
CA GLN D 76 -19.21 -23.79 -33.26
C GLN D 76 -17.94 -23.01 -33.67
N TYR D 77 -17.82 -21.79 -33.17
CA TYR D 77 -16.76 -20.88 -33.61
C TYR D 77 -15.50 -20.88 -32.73
N LEU D 78 -15.45 -21.79 -31.76
CA LEU D 78 -14.21 -22.06 -31.04
C LEU D 78 -13.39 -23.03 -31.87
N PRO D 79 -12.28 -22.59 -32.46
CA PRO D 79 -11.48 -23.46 -33.34
C PRO D 79 -10.68 -24.52 -32.58
N TYR D 80 -10.27 -25.57 -33.28
CA TYR D 80 -9.53 -26.69 -32.68
C TYR D 80 -8.72 -27.51 -33.70
N ARG D 81 -9.19 -27.55 -34.95
CA ARG D 81 -8.53 -28.31 -36.02
C ARG D 81 -7.08 -27.91 -36.23
N ASP D 82 -6.25 -28.93 -36.46
CA ASP D 82 -4.90 -28.79 -36.99
C ASP D 82 -3.93 -28.03 -36.09
N TYR D 83 -4.29 -27.84 -34.82
CA TYR D 83 -3.39 -27.22 -33.88
C TYR D 83 -2.42 -28.29 -33.39
N ASN D 84 -1.19 -27.87 -33.11
CA ASN D 84 -0.16 -28.78 -32.63
C ASN D 84 -0.37 -29.06 -31.14
N TYR D 85 -1.29 -29.99 -30.85
CA TYR D 85 -1.60 -30.34 -29.47
C TYR D 85 -0.48 -31.15 -28.81
N SER D 86 0.45 -31.68 -29.58
CA SER D 86 1.50 -32.54 -29.03
C SER D 86 2.44 -31.82 -28.06
N LEU D 87 2.56 -30.49 -28.18
CA LEU D 87 3.40 -29.71 -27.28
C LEU D 87 2.61 -29.12 -26.10
N VAL D 88 1.29 -29.26 -26.14
CA VAL D 88 0.40 -28.80 -25.08
C VAL D 88 0.03 -29.92 -24.10
N MET D 89 -0.33 -31.08 -24.61
CA MET D 89 -0.81 -32.17 -23.75
C MET D 89 0.29 -32.56 -22.79
N GLY D 90 -0.06 -32.64 -21.50
CA GLY D 90 0.88 -33.04 -20.46
C GLY D 90 1.96 -32.01 -20.14
N ALA D 91 1.73 -30.74 -20.50
CA ALA D 91 2.74 -29.70 -20.31
C ALA D 91 2.14 -28.32 -20.00
N CYS D 92 1.23 -27.83 -20.85
CA CYS D 92 0.71 -26.47 -20.76
C CYS D 92 -0.79 -26.34 -20.42
N CYS D 93 -1.57 -27.41 -20.58
CA CYS D 93 -3.03 -27.31 -20.43
C CYS D 93 -3.70 -28.68 -20.32
N GLU D 94 -4.79 -28.75 -19.57
CA GLU D 94 -5.60 -29.97 -19.42
C GLU D 94 -7.04 -29.74 -19.86
N ASN D 95 -7.75 -30.85 -20.07
CA ASN D 95 -9.15 -30.82 -20.52
C ASN D 95 -9.35 -29.92 -21.75
N VAL D 96 -8.46 -30.05 -22.72
CA VAL D 96 -8.39 -29.10 -23.84
C VAL D 96 -9.54 -29.31 -24.83
N ILE D 97 -10.17 -28.20 -25.22
CA ILE D 97 -11.35 -28.23 -26.09
C ILE D 97 -11.14 -27.36 -27.34
N GLY D 98 -9.92 -26.86 -27.56
CA GLY D 98 -9.65 -25.93 -28.63
C GLY D 98 -8.61 -24.88 -28.27
N TYR D 99 -8.58 -23.80 -29.05
CA TYR D 99 -7.70 -22.68 -28.81
C TYR D 99 -8.42 -21.34 -29.02
N MET D 100 -7.89 -20.31 -28.38
CA MET D 100 -8.40 -18.95 -28.47
C MET D 100 -7.42 -18.08 -29.27
N PRO D 101 -7.81 -17.67 -30.48
CA PRO D 101 -7.01 -16.72 -31.27
C PRO D 101 -7.00 -15.29 -30.72
N ILE D 102 -5.82 -14.78 -30.37
CA ILE D 102 -5.65 -13.38 -29.98
C ILE D 102 -4.88 -12.64 -31.08
N PRO D 103 -5.50 -11.62 -31.68
CA PRO D 103 -4.82 -10.82 -32.72
C PRO D 103 -3.46 -10.29 -32.29
N VAL D 104 -2.45 -10.44 -33.15
CA VAL D 104 -1.10 -9.93 -32.87
C VAL D 104 -0.76 -8.80 -33.84
N GLY D 105 -0.30 -7.68 -33.31
CA GLY D 105 0.14 -6.53 -34.09
C GLY D 105 1.57 -6.15 -33.77
N VAL D 106 2.20 -5.35 -34.62
CA VAL D 106 3.60 -4.97 -34.44
C VAL D 106 3.75 -3.48 -34.14
N ALA D 107 4.52 -3.19 -33.10
CA ALA D 107 4.92 -1.85 -32.74
C ALA D 107 6.42 -1.77 -32.98
N GLY D 108 6.83 -0.93 -33.92
CA GLY D 108 8.23 -0.76 -34.21
C GLY D 108 8.46 0.12 -35.41
N PRO D 109 9.72 0.39 -35.76
CA PRO D 109 10.89 -0.08 -35.00
C PRO D 109 11.06 0.63 -33.66
N LEU D 110 11.44 -0.12 -32.63
CA LEU D 110 11.80 0.43 -31.32
C LEU D 110 13.32 0.52 -31.25
N CYS D 111 13.84 1.74 -31.16
CA CYS D 111 15.28 1.96 -31.12
C CYS D 111 15.75 1.91 -29.67
N LEU D 112 16.45 0.84 -29.33
CA LEU D 112 16.80 0.53 -27.95
C LEU D 112 18.23 -0.01 -27.88
N ASP D 113 19.09 0.69 -27.16
CA ASP D 113 20.50 0.32 -27.00
C ASP D 113 21.21 0.08 -28.34
N GLU D 114 21.04 1.04 -29.25
CA GLU D 114 21.68 1.06 -30.57
C GLU D 114 21.21 -0.10 -31.47
N LYS D 115 20.05 -0.67 -31.14
CA LYS D 115 19.47 -1.78 -31.90
C LYS D 115 18.02 -1.44 -32.22
N GLU D 116 17.43 -2.20 -33.14
CA GLU D 116 16.03 -2.01 -33.51
C GLU D 116 15.24 -3.30 -33.28
N PHE D 117 14.05 -3.16 -32.69
CA PHE D 117 13.17 -4.30 -32.40
C PHE D 117 11.77 -4.05 -32.96
N GLN D 118 11.17 -5.10 -33.51
CA GLN D 118 9.79 -5.08 -33.98
C GLN D 118 8.96 -5.89 -32.97
N VAL D 119 8.24 -5.19 -32.11
CA VAL D 119 7.67 -5.80 -30.89
C VAL D 119 6.26 -6.34 -31.15
N PRO D 120 6.06 -7.65 -30.96
CA PRO D 120 4.73 -8.24 -31.12
C PRO D 120 3.85 -8.03 -29.89
N MET D 121 2.57 -7.79 -30.13
CA MET D 121 1.61 -7.42 -29.09
C MET D 121 0.27 -8.09 -29.39
N ALA D 122 -0.07 -9.09 -28.58
CA ALA D 122 -1.36 -9.77 -28.70
C ALA D 122 -2.40 -9.04 -27.84
N THR D 123 -3.43 -8.52 -28.48
CA THR D 123 -4.43 -7.71 -27.79
C THR D 123 -5.77 -7.64 -28.53
N THR D 124 -6.83 -7.29 -27.82
CA THR D 124 -8.12 -7.01 -28.45
C THR D 124 -8.63 -5.59 -28.18
N GLU D 125 -7.76 -4.75 -27.62
CA GLU D 125 -8.08 -3.37 -27.35
C GLU D 125 -7.68 -2.51 -28.54
N GLY D 126 -8.69 -1.96 -29.23
CA GLY D 126 -8.45 -1.06 -30.35
C GLY D 126 -7.61 0.14 -29.94
N CYS D 127 -6.67 0.51 -30.80
CA CYS D 127 -5.80 1.68 -30.66
C CYS D 127 -4.51 1.44 -29.84
N LEU D 128 -4.46 0.35 -29.09
CA LEU D 128 -3.31 0.08 -28.23
C LEU D 128 -2.02 -0.04 -29.03
N VAL D 129 -2.03 -0.89 -30.06
CA VAL D 129 -0.86 -1.08 -30.92
C VAL D 129 -0.50 0.20 -31.69
N ALA D 130 -1.49 0.97 -32.13
CA ALA D 130 -1.25 2.18 -32.92
C ALA D 130 -0.60 3.25 -32.05
N SER D 131 -1.12 3.36 -30.83
CA SER D 131 -0.61 4.31 -29.85
C SER D 131 0.83 3.99 -29.49
N THR D 132 1.11 2.72 -29.19
CA THR D 132 2.46 2.30 -28.85
C THR D 132 3.42 2.54 -30.01
N ASN D 133 2.93 2.27 -31.22
CA ASN D 133 3.70 2.49 -32.45
C ASN D 133 4.07 3.96 -32.61
N ARG D 134 3.16 4.86 -32.26
CA ARG D 134 3.45 6.29 -32.28
C ARG D 134 4.52 6.69 -31.25
N GLY D 135 4.51 6.04 -30.09
CA GLY D 135 5.54 6.26 -29.09
C GLY D 135 6.92 5.82 -29.56
N CYS D 136 6.96 4.73 -30.31
CA CYS D 136 8.21 4.23 -30.88
C CYS D 136 8.77 5.23 -31.91
N ARG D 137 7.88 5.90 -32.63
CA ARG D 137 8.24 6.85 -33.67
C ARG D 137 8.92 8.09 -33.05
N ALA D 138 8.35 8.58 -31.96
CA ALA D 138 8.94 9.70 -31.23
C ALA D 138 10.32 9.35 -30.68
N ILE D 139 10.45 8.16 -30.11
CA ILE D 139 11.72 7.69 -29.54
C ILE D 139 12.82 7.57 -30.61
N GLY D 140 12.47 6.98 -31.76
CA GLY D 140 13.40 6.82 -32.86
C GLY D 140 13.95 8.15 -33.37
N LEU D 141 13.05 9.12 -33.50
CA LEU D 141 13.41 10.46 -33.99
C LEU D 141 14.19 11.27 -32.96
N GLY D 142 14.09 10.87 -31.69
CA GLY D 142 14.80 11.53 -30.63
C GLY D 142 16.17 10.95 -30.29
N GLY D 143 16.70 10.08 -31.14
CA GLY D 143 18.02 9.50 -30.93
C GLY D 143 18.02 8.07 -30.40
N GLY D 144 16.88 7.63 -29.89
CA GLY D 144 16.74 6.27 -29.38
C GLY D 144 16.74 6.21 -27.87
N ALA D 145 16.32 5.06 -27.34
CA ALA D 145 16.22 4.85 -25.92
C ALA D 145 17.40 4.01 -25.43
N SER D 146 17.68 4.07 -24.14
CA SER D 146 18.75 3.32 -23.50
C SER D 146 18.23 2.69 -22.22
N SER D 147 18.59 1.44 -21.99
CA SER D 147 18.12 0.69 -20.83
C SER D 147 19.23 -0.10 -20.17
N ARG D 148 18.99 -0.45 -18.91
CA ARG D 148 19.90 -1.26 -18.11
C ARG D 148 19.12 -2.19 -17.20
N VAL D 149 19.60 -3.43 -17.07
CA VAL D 149 19.09 -4.37 -16.08
C VAL D 149 19.85 -4.12 -14.78
N LEU D 150 19.12 -3.79 -13.73
CA LEU D 150 19.68 -3.39 -12.43
C LEU D 150 19.79 -4.56 -11.44
N ALA D 151 18.96 -5.58 -11.62
CA ALA D 151 18.94 -6.73 -10.73
C ALA D 151 18.30 -7.91 -11.44
N ASP D 152 18.67 -9.12 -11.04
CA ASP D 152 18.19 -10.33 -11.71
C ASP D 152 18.11 -11.49 -10.73
N GLY D 153 16.89 -11.95 -10.46
CA GLY D 153 16.69 -13.12 -9.62
C GLY D 153 15.23 -13.41 -9.33
N MET D 154 14.76 -14.57 -9.77
CA MET D 154 13.41 -15.02 -9.42
C MET D 154 13.40 -15.45 -7.94
N THR D 155 12.25 -15.35 -7.28
CA THR D 155 12.18 -15.69 -5.85
C THR D 155 11.07 -16.67 -5.51
N ARG D 156 11.24 -17.32 -4.36
CA ARG D 156 10.19 -18.11 -3.75
C ARG D 156 10.28 -17.93 -2.25
N GLY D 157 9.14 -17.67 -1.60
CA GLY D 157 9.10 -17.19 -0.24
C GLY D 157 8.27 -18.07 0.69
N PRO D 158 8.78 -19.27 1.03
CA PRO D 158 8.08 -20.20 1.94
C PRO D 158 7.86 -19.66 3.36
N VAL D 159 6.89 -20.25 4.04
CA VAL D 159 6.64 -19.97 5.45
C VAL D 159 6.88 -21.26 6.24
N VAL D 160 7.78 -21.16 7.22
CA VAL D 160 8.07 -22.24 8.13
C VAL D 160 7.66 -21.77 9.52
N ARG D 161 7.50 -22.70 10.45
CA ARG D 161 7.30 -22.32 11.84
C ARG D 161 7.96 -23.26 12.83
N LEU D 162 8.35 -22.66 13.94
CA LEU D 162 9.01 -23.32 15.04
C LEU D 162 8.09 -23.21 16.25
N PRO D 163 8.34 -23.97 17.31
CA PRO D 163 7.45 -23.99 18.47
C PRO D 163 7.20 -22.62 19.11
N ARG D 164 8.19 -21.73 19.06
CA ARG D 164 8.10 -20.41 19.68
C ARG D 164 8.79 -19.33 18.81
N ALA D 165 8.41 -18.08 19.04
CA ALA D 165 9.05 -16.93 18.39
C ALA D 165 10.55 -16.82 18.73
N CYS D 166 10.94 -17.23 19.93
CA CYS D 166 12.37 -17.27 20.31
C CYS D 166 13.13 -18.26 19.43
N ASP D 167 12.47 -19.35 19.06
CA ASP D 167 13.04 -20.37 18.20
C ASP D 167 13.22 -19.88 16.76
N SER D 168 12.17 -19.28 16.21
CA SER D 168 12.26 -18.69 14.88
C SER D 168 13.35 -17.60 14.84
N ALA D 169 13.51 -16.84 15.92
CA ALA D 169 14.59 -15.84 16.02
C ALA D 169 15.97 -16.50 15.97
N GLU D 170 16.11 -17.67 16.60
CA GLU D 170 17.37 -18.40 16.55
C GLU D 170 17.69 -18.83 15.12
N VAL D 171 16.66 -19.23 14.36
CA VAL D 171 16.83 -19.69 13.00
C VAL D 171 17.20 -18.52 12.06
N LYS D 172 16.57 -17.38 12.24
CA LYS D 172 16.90 -16.18 11.46
C LYS D 172 18.35 -15.79 11.70
N ALA D 173 18.76 -15.79 12.97
CA ALA D 173 20.13 -15.47 13.36
C ALA D 173 21.14 -16.42 12.70
N TRP D 174 20.85 -17.71 12.75
CA TRP D 174 21.73 -18.73 12.18
C TRP D 174 21.89 -18.53 10.68
N LEU D 175 20.78 -18.21 10.02
CA LEU D 175 20.75 -17.97 8.58
C LEU D 175 21.55 -16.74 8.17
N GLU D 176 21.68 -15.78 9.08
CA GLU D 176 22.43 -14.55 8.84
C GLU D 176 23.93 -14.66 9.12
N THR D 177 24.37 -15.76 9.75
CA THR D 177 25.81 -16.03 9.85
C THR D 177 26.29 -16.53 8.49
N SER D 178 27.53 -16.20 8.12
CA SER D 178 28.10 -16.62 6.85
C SER D 178 28.23 -18.14 6.72
N GLU D 179 28.46 -18.80 7.85
CA GLU D 179 28.58 -20.27 7.86
C GLU D 179 27.22 -20.93 7.62
N GLY D 180 26.18 -20.39 8.25
CA GLY D 180 24.82 -20.87 8.05
C GLY D 180 24.33 -20.66 6.63
N PHE D 181 24.45 -19.44 6.12
CA PHE D 181 24.08 -19.14 4.73
C PHE D 181 24.85 -20.03 3.74
N ALA D 182 26.11 -20.36 4.06
CA ALA D 182 26.95 -21.16 3.15
C ALA D 182 26.47 -22.61 3.01
N VAL D 183 26.04 -23.22 4.11
CA VAL D 183 25.50 -24.59 4.04
C VAL D 183 24.13 -24.62 3.34
N ILE D 184 23.35 -23.56 3.48
CA ILE D 184 22.07 -23.44 2.80
C ILE D 184 22.29 -23.20 1.29
N LYS D 185 23.23 -22.32 0.96
CA LYS D 185 23.61 -22.05 -0.43
C LYS D 185 24.12 -23.32 -1.12
N GLU D 186 24.87 -24.14 -0.37
CA GLU D 186 25.42 -25.39 -0.91
C GLU D 186 24.29 -26.36 -1.25
N ALA D 187 23.28 -26.44 -0.39
CA ALA D 187 22.15 -27.33 -0.63
C ALA D 187 21.31 -26.83 -1.81
N PHE D 188 20.94 -25.55 -1.77
CA PHE D 188 20.16 -24.91 -2.84
C PHE D 188 20.82 -25.08 -4.21
N ASP D 189 22.13 -24.83 -4.25
CA ASP D 189 22.87 -24.79 -5.51
C ASP D 189 23.14 -26.16 -6.15
N SER D 190 23.06 -27.22 -5.34
CA SER D 190 23.30 -28.58 -5.83
C SER D 190 22.16 -29.12 -6.70
N THR D 191 21.01 -28.45 -6.72
CA THR D 191 19.84 -28.94 -7.46
C THR D 191 19.83 -28.64 -8.96
N SER D 192 20.68 -27.70 -9.42
CA SER D 192 20.67 -27.26 -10.82
C SER D 192 21.92 -26.45 -11.18
N ARG D 193 22.21 -26.36 -12.50
CA ARG D 193 23.37 -25.61 -13.00
C ARG D 193 23.26 -24.14 -12.68
N PHE D 194 22.06 -23.59 -12.88
CA PHE D 194 21.83 -22.16 -12.71
C PHE D 194 21.42 -21.76 -11.29
N ALA D 195 21.18 -22.75 -10.42
CA ALA D 195 20.82 -22.47 -9.02
C ALA D 195 22.00 -21.84 -8.28
N ARG D 196 21.96 -20.52 -8.11
CA ARG D 196 23.04 -19.80 -7.44
C ARG D 196 22.48 -18.81 -6.42
N LEU D 197 22.22 -19.30 -5.22
CA LEU D 197 21.52 -18.56 -4.17
C LEU D 197 22.22 -17.24 -3.85
N GLN D 198 21.45 -16.17 -3.97
CA GLN D 198 21.89 -14.83 -3.57
C GLN D 198 21.54 -14.63 -2.11
N LYS D 199 21.89 -13.47 -1.56
CA LYS D 199 21.53 -13.11 -0.18
C LYS D 199 20.07 -13.44 0.19
N LEU D 200 19.87 -14.11 1.33
CA LEU D 200 18.54 -14.41 1.84
C LEU D 200 17.89 -13.18 2.46
N HIS D 201 16.56 -13.12 2.36
CA HIS D 201 15.80 -12.08 3.03
C HIS D 201 14.75 -12.75 3.90
N THR D 202 14.75 -12.45 5.19
CA THR D 202 13.85 -13.11 6.14
C THR D 202 12.99 -12.13 6.93
N SER D 203 11.83 -12.63 7.37
CA SER D 203 10.88 -11.88 8.14
C SER D 203 10.20 -12.79 9.16
N ILE D 204 10.09 -12.31 10.39
CA ILE D 204 9.44 -13.06 11.45
C ILE D 204 8.10 -12.42 11.75
N ALA D 205 7.10 -13.28 11.99
CA ALA D 205 5.81 -12.89 12.55
C ALA D 205 5.46 -13.93 13.60
N GLY D 206 5.88 -13.72 14.84
CA GLY D 206 5.66 -14.67 15.91
C GLY D 206 6.51 -15.91 15.70
N ARG D 207 5.89 -17.08 15.70
CA ARG D 207 6.63 -18.30 15.39
C ARG D 207 6.71 -18.61 13.88
N ASN D 208 6.09 -17.78 13.05
CA ASN D 208 6.30 -17.84 11.59
C ASN D 208 7.63 -17.22 11.19
N LEU D 209 8.35 -17.91 10.32
CA LEU D 209 9.52 -17.37 9.64
C LEU D 209 9.31 -17.47 8.14
N TYR D 210 9.32 -16.33 7.48
CA TYR D 210 9.23 -16.22 6.03
C TYR D 210 10.64 -16.06 5.48
N ILE D 211 11.03 -16.95 4.56
CA ILE D 211 12.36 -16.93 3.97
C ILE D 211 12.20 -16.74 2.47
N ARG D 212 12.80 -15.67 1.95
CA ARG D 212 12.76 -15.35 0.53
C ARG D 212 14.06 -15.82 -0.12
N PHE D 213 14.00 -16.90 -0.88
CA PHE D 213 15.13 -17.42 -1.62
C PHE D 213 15.18 -16.73 -2.97
N GLN D 214 16.38 -16.38 -3.44
CA GLN D 214 16.51 -15.65 -4.71
C GLN D 214 17.69 -16.16 -5.51
N SER D 215 17.48 -16.28 -6.81
CA SER D 215 18.48 -16.81 -7.72
C SER D 215 18.14 -16.52 -9.17
N ARG D 216 19.16 -16.38 -10.00
CA ARG D 216 18.99 -16.37 -11.45
C ARG D 216 18.66 -17.79 -11.89
N SER D 217 18.21 -17.96 -13.12
CA SER D 217 17.67 -19.23 -13.58
C SER D 217 17.86 -19.42 -15.08
N GLY D 218 19.04 -19.10 -15.59
CA GLY D 218 19.30 -19.10 -17.01
C GLY D 218 18.32 -18.17 -17.73
N ASP D 219 17.77 -18.63 -18.84
CA ASP D 219 16.74 -17.91 -19.57
C ASP D 219 15.32 -18.33 -19.21
N ALA D 220 15.19 -19.28 -18.29
CA ALA D 220 13.88 -19.68 -17.77
C ALA D 220 13.37 -18.65 -16.78
N MET D 221 12.04 -18.46 -16.75
CA MET D 221 11.39 -17.63 -15.74
C MET D 221 11.79 -18.11 -14.34
N GLY D 222 11.83 -19.43 -14.17
CA GLY D 222 12.56 -20.06 -13.08
C GLY D 222 11.76 -20.52 -11.87
N MET D 223 10.43 -20.52 -11.96
CA MET D 223 9.57 -20.90 -10.83
C MET D 223 9.92 -22.28 -10.28
N ASN D 224 9.86 -23.28 -11.16
CA ASN D 224 10.03 -24.67 -10.78
C ASN D 224 11.44 -24.97 -10.30
N MET D 225 12.41 -24.32 -10.94
CA MET D 225 13.81 -24.45 -10.55
C MET D 225 14.07 -23.94 -9.15
N ILE D 226 13.63 -22.73 -8.84
CA ILE D 226 13.82 -22.16 -7.51
C ILE D 226 13.03 -22.94 -6.47
N SER D 227 11.88 -23.49 -6.86
CA SER D 227 11.07 -24.31 -5.96
C SER D 227 11.85 -25.55 -5.54
N LYS D 228 12.55 -26.18 -6.49
CA LYS D 228 13.34 -27.38 -6.22
C LYS D 228 14.52 -27.06 -5.29
N GLY D 229 15.18 -25.93 -5.54
CA GLY D 229 16.28 -25.49 -4.68
C GLY D 229 15.80 -25.18 -3.28
N THR D 230 14.60 -24.61 -3.18
CA THR D 230 13.99 -24.26 -1.90
C THR D 230 13.72 -25.52 -1.06
N GLU D 231 13.19 -26.57 -1.68
CA GLU D 231 12.83 -27.80 -0.98
C GLU D 231 14.07 -28.45 -0.37
N LYS D 232 15.15 -28.51 -1.14
CA LYS D 232 16.41 -29.06 -0.67
C LYS D 232 17.07 -28.20 0.43
N ALA D 233 16.93 -26.88 0.35
CA ALA D 233 17.52 -25.95 1.32
C ALA D 233 16.82 -26.02 2.68
N LEU D 234 15.49 -26.13 2.66
CA LEU D 234 14.69 -26.26 3.86
C LEU D 234 14.95 -27.62 4.50
N SER D 235 15.13 -28.64 3.68
CA SER D 235 15.46 -29.98 4.17
C SER D 235 16.79 -29.96 4.92
N LYS D 236 17.76 -29.21 4.40
CA LYS D 236 19.04 -29.02 5.08
C LYS D 236 18.88 -28.23 6.37
N LEU D 237 17.98 -27.24 6.37
CA LEU D 237 17.74 -26.40 7.53
C LEU D 237 17.10 -27.19 8.67
N HIS D 238 16.30 -28.19 8.31
CA HIS D 238 15.63 -29.07 9.27
C HIS D 238 16.64 -29.97 9.99
N GLU D 239 17.71 -30.35 9.31
CA GLU D 239 18.79 -31.12 9.93
C GLU D 239 19.43 -30.36 11.10
N TYR D 240 19.49 -29.03 10.98
CA TYR D 240 19.97 -28.16 12.07
C TYR D 240 18.88 -27.76 13.06
N PHE D 241 17.64 -27.71 12.59
CA PHE D 241 16.51 -27.28 13.41
C PHE D 241 15.37 -28.28 13.20
N PRO D 242 15.44 -29.41 13.91
CA PRO D 242 14.46 -30.51 13.73
C PRO D 242 13.03 -30.19 14.12
N GLU D 243 12.82 -29.18 14.97
CA GLU D 243 11.48 -28.79 15.40
C GLU D 243 10.76 -27.91 14.36
N MET D 244 11.49 -27.42 13.36
CA MET D 244 10.88 -26.62 12.28
C MET D 244 9.88 -27.42 11.45
N GLN D 245 8.69 -26.84 11.26
CA GLN D 245 7.69 -27.35 10.31
C GLN D 245 7.66 -26.48 9.05
N ILE D 246 7.70 -27.11 7.88
CA ILE D 246 7.45 -26.40 6.63
C ILE D 246 5.94 -26.31 6.45
N LEU D 247 5.36 -25.15 6.74
CA LEU D 247 3.92 -24.94 6.59
C LEU D 247 3.49 -24.87 5.13
N ALA D 248 4.22 -24.09 4.34
CA ALA D 248 3.95 -24.02 2.91
C ALA D 248 5.20 -23.60 2.13
N VAL D 249 5.38 -24.21 0.96
CA VAL D 249 6.52 -23.92 0.10
C VAL D 249 6.44 -22.50 -0.47
N SER D 250 5.21 -21.97 -0.59
CA SER D 250 4.98 -20.53 -0.75
C SER D 250 4.10 -19.99 0.37
N GLY D 251 4.67 -19.07 1.15
CA GLY D 251 3.93 -18.33 2.16
C GLY D 251 3.59 -16.91 1.74
N ASN D 252 3.45 -16.67 0.44
CA ASN D 252 3.10 -15.36 -0.12
C ASN D 252 4.13 -14.25 0.14
N TYR D 253 5.34 -14.65 0.49
CA TYR D 253 6.44 -13.71 0.70
C TYR D 253 7.32 -13.61 -0.56
N CYS D 254 6.92 -14.29 -1.63
CA CYS D 254 7.71 -14.30 -2.86
C CYS D 254 7.84 -12.92 -3.55
N THR D 255 6.77 -12.18 -3.86
CA THR D 255 5.40 -12.62 -3.88
C THR D 255 4.99 -12.85 -5.34
N ASP D 256 4.25 -13.92 -5.59
CA ASP D 256 3.88 -14.34 -6.93
C ASP D 256 2.41 -14.08 -7.21
N LYS D 257 2.15 -13.24 -8.20
CA LYS D 257 0.82 -13.03 -8.77
C LYS D 257 -0.18 -12.34 -7.83
N LYS D 258 0.34 -11.69 -6.79
CA LYS D 258 -0.44 -10.76 -5.98
C LYS D 258 0.37 -9.48 -5.82
N PRO D 259 -0.29 -8.33 -5.68
CA PRO D 259 0.41 -7.07 -5.41
C PRO D 259 1.11 -7.14 -4.06
N ALA D 260 2.35 -6.63 -3.99
CA ALA D 260 3.08 -6.64 -2.75
C ALA D 260 4.26 -5.67 -2.80
N ALA D 261 4.37 -4.84 -1.78
CA ALA D 261 5.45 -3.88 -1.68
C ALA D 261 6.84 -4.52 -1.75
N ILE D 262 6.97 -5.78 -1.35
CA ILE D 262 8.28 -6.44 -1.33
C ILE D 262 8.90 -6.56 -2.72
N ASN D 263 8.10 -6.88 -3.73
CA ASN D 263 8.57 -6.92 -5.12
C ASN D 263 9.00 -5.53 -5.59
N TRP D 264 8.27 -4.52 -5.15
CA TRP D 264 8.58 -3.14 -5.51
C TRP D 264 9.91 -2.67 -4.89
N ILE D 265 10.17 -3.04 -3.64
CA ILE D 265 11.31 -2.54 -2.87
C ILE D 265 12.56 -3.42 -3.06
N GLU D 266 12.37 -4.74 -3.11
CA GLU D 266 13.47 -5.70 -3.28
C GLU D 266 13.68 -6.13 -4.75
N GLY D 267 12.65 -5.95 -5.57
CA GLY D 267 12.66 -6.46 -6.93
C GLY D 267 12.28 -7.92 -6.98
N ARG D 268 11.95 -8.41 -8.18
CA ARG D 268 11.68 -9.83 -8.43
C ARG D 268 11.81 -10.10 -9.93
N GLY D 269 12.49 -11.17 -10.28
CA GLY D 269 12.90 -11.37 -11.67
C GLY D 269 13.87 -10.26 -12.07
N LYS D 270 13.63 -9.60 -13.21
CA LYS D 270 14.50 -8.54 -13.71
C LYS D 270 14.03 -7.15 -13.27
N SER D 271 14.92 -6.38 -12.63
CA SER D 271 14.70 -4.95 -12.40
C SER D 271 15.33 -4.17 -13.56
N VAL D 272 14.56 -3.26 -14.15
CA VAL D 272 15.00 -2.57 -15.36
C VAL D 272 14.66 -1.06 -15.32
N VAL D 273 15.52 -0.26 -15.93
CA VAL D 273 15.24 1.15 -16.18
C VAL D 273 15.50 1.46 -17.65
N CYS D 274 14.62 2.25 -18.26
CA CYS D 274 14.77 2.70 -19.64
C CYS D 274 14.65 4.23 -19.67
N GLU D 275 15.18 4.86 -20.71
CA GLU D 275 15.13 6.33 -20.84
C GLU D 275 15.32 6.81 -22.27
N ALA D 276 14.81 8.00 -22.57
CA ALA D 276 15.09 8.68 -23.83
C ALA D 276 14.91 10.19 -23.67
N VAL D 277 15.49 10.96 -24.59
CA VAL D 277 15.26 12.40 -24.65
C VAL D 277 14.59 12.67 -25.98
N ILE D 278 13.42 13.32 -25.94
CA ILE D 278 12.63 13.61 -27.12
C ILE D 278 12.75 15.10 -27.42
N PRO D 279 13.37 15.47 -28.55
CA PRO D 279 13.49 16.90 -28.93
C PRO D 279 12.14 17.61 -28.93
N ALA D 280 12.13 18.88 -28.55
CA ALA D 280 10.91 19.68 -28.46
C ALA D 280 10.08 19.62 -29.73
N LYS D 281 10.76 19.63 -30.87
CA LYS D 281 10.12 19.62 -32.19
C LYS D 281 9.35 18.32 -32.43
N VAL D 282 9.99 17.20 -32.12
CA VAL D 282 9.37 15.88 -32.23
C VAL D 282 8.13 15.73 -31.34
N VAL D 283 8.18 16.30 -30.13
CA VAL D 283 7.04 16.27 -29.21
C VAL D 283 5.86 17.04 -29.79
N ARG D 284 6.15 18.10 -30.54
CA ARG D 284 5.13 18.90 -31.20
C ARG D 284 4.54 18.18 -32.41
N GLU D 285 5.40 17.63 -33.26
CA GLU D 285 4.98 17.10 -34.56
C GLU D 285 4.38 15.69 -34.44
N VAL D 286 5.08 14.81 -33.74
CA VAL D 286 4.63 13.42 -33.58
C VAL D 286 3.60 13.24 -32.45
N LEU D 287 3.74 13.99 -31.35
CA LEU D 287 2.92 13.78 -30.14
C LEU D 287 1.83 14.83 -29.88
N LYS D 288 1.85 15.95 -30.61
CA LYS D 288 0.76 16.93 -30.61
C LYS D 288 0.54 17.64 -29.28
N THR D 289 1.65 17.90 -28.59
CA THR D 289 1.62 18.57 -27.29
C THR D 289 2.97 19.26 -27.10
N THR D 290 3.31 19.63 -25.88
CA THR D 290 4.62 20.20 -25.58
C THR D 290 5.28 19.51 -24.39
N THR D 291 6.58 19.71 -24.25
CA THR D 291 7.32 19.20 -23.11
C THR D 291 6.74 19.65 -21.78
N GLU D 292 6.43 20.95 -21.70
CA GLU D 292 5.88 21.55 -20.48
C GLU D 292 4.55 20.91 -20.07
N ALA D 293 3.71 20.63 -21.06
CA ALA D 293 2.39 20.03 -20.86
C ALA D 293 2.50 18.56 -20.45
N MET D 294 3.44 17.83 -21.04
CA MET D 294 3.69 16.44 -20.71
C MET D 294 4.11 16.30 -19.24
N ILE D 295 4.94 17.23 -18.78
CA ILE D 295 5.48 17.19 -17.43
C ILE D 295 4.37 17.40 -16.44
N GLU D 296 3.53 18.39 -16.70
CA GLU D 296 2.40 18.71 -15.84
C GLU D 296 1.44 17.54 -15.69
N VAL D 297 1.17 16.84 -16.79
CA VAL D 297 0.23 15.72 -16.74
C VAL D 297 0.88 14.53 -16.03
N ASN D 298 2.13 14.22 -16.37
CA ASN D 298 2.83 13.13 -15.71
C ASN D 298 2.85 13.28 -14.19
N ILE D 299 3.24 14.46 -13.70
CA ILE D 299 3.35 14.69 -12.25
C ILE D 299 2.00 14.52 -11.57
N ASN D 300 0.96 15.13 -12.13
CA ASN D 300 -0.32 15.18 -11.43
C ASN D 300 -1.22 13.97 -11.67
N LYS D 301 -0.89 13.18 -12.70
CA LYS D 301 -1.56 11.90 -12.96
C LYS D 301 -0.75 10.74 -12.34
N ASN D 302 0.43 10.50 -12.89
CA ASN D 302 1.21 9.32 -12.52
C ASN D 302 1.90 9.39 -11.17
N LEU D 303 2.11 10.59 -10.62
CA LEU D 303 2.64 10.69 -9.26
C LEU D 303 1.55 11.05 -8.23
N VAL D 304 0.97 12.24 -8.37
CA VAL D 304 -0.03 12.70 -7.41
C VAL D 304 -1.33 11.88 -7.49
N GLY D 305 -1.83 11.65 -8.70
CA GLY D 305 -3.05 10.86 -8.89
C GLY D 305 -2.93 9.46 -8.30
N SER D 306 -1.86 8.76 -8.67
CA SER D 306 -1.60 7.43 -8.13
C SER D 306 -1.44 7.48 -6.62
N ALA D 307 -0.88 8.56 -6.10
CA ALA D 307 -0.72 8.75 -4.66
C ALA D 307 -2.06 8.86 -3.92
N MET D 308 -2.98 9.67 -4.47
CA MET D 308 -4.30 9.86 -3.89
C MET D 308 -5.11 8.57 -3.94
N ALA D 309 -4.86 7.75 -4.96
CA ALA D 309 -5.53 6.46 -5.11
C ALA D 309 -4.97 5.37 -4.19
N GLY D 310 -3.88 5.67 -3.49
CA GLY D 310 -3.26 4.71 -2.57
C GLY D 310 -2.54 3.59 -3.30
N SER D 311 -1.80 3.93 -4.34
CA SER D 311 -1.07 2.95 -5.14
C SER D 311 0.26 2.57 -4.50
N ILE D 312 0.58 1.29 -4.60
CA ILE D 312 1.94 0.82 -4.39
C ILE D 312 2.42 0.27 -5.72
N GLY D 313 3.37 0.96 -6.36
CA GLY D 313 3.99 0.48 -7.57
C GLY D 313 3.28 0.86 -8.87
N GLY D 314 2.10 1.49 -8.79
CA GLY D 314 1.32 1.80 -9.96
C GLY D 314 1.41 3.26 -10.40
N TYR D 315 2.63 3.79 -10.43
CA TYR D 315 2.87 5.19 -10.79
C TYR D 315 3.14 5.35 -12.29
N ASN D 316 2.19 4.90 -13.08
CA ASN D 316 2.28 4.92 -14.54
C ASN D 316 0.88 4.99 -15.15
N ALA D 317 0.81 5.19 -16.47
CA ALA D 317 -0.48 5.36 -17.15
C ALA D 317 -1.09 4.01 -17.52
N HIS D 318 -0.33 3.16 -18.20
CA HIS D 318 -0.86 1.84 -18.62
C HIS D 318 0.20 0.82 -19.01
N ALA D 319 1.27 0.74 -18.22
CA ALA D 319 2.29 -0.29 -18.38
C ALA D 319 1.71 -1.68 -18.55
N ALA D 320 0.60 -1.96 -17.88
CA ALA D 320 -0.04 -3.27 -17.91
C ALA D 320 -0.59 -3.64 -19.28
N ASN D 321 -1.04 -2.66 -20.06
CA ASN D 321 -1.46 -2.93 -21.45
C ASN D 321 -0.36 -3.54 -22.29
N ILE D 322 0.84 -2.97 -22.20
CA ILE D 322 1.97 -3.41 -23.01
C ILE D 322 2.59 -4.68 -22.46
N VAL D 323 2.74 -4.76 -21.14
CA VAL D 323 3.25 -5.98 -20.54
C VAL D 323 2.36 -7.16 -20.91
N THR D 324 1.05 -7.00 -20.73
CA THR D 324 0.11 -8.09 -21.00
C THR D 324 0.11 -8.51 -22.48
N ALA D 325 0.24 -7.54 -23.37
CA ALA D 325 0.19 -7.82 -24.80
C ALA D 325 1.45 -8.55 -25.25
N ILE D 326 2.61 -8.09 -24.78
CA ILE D 326 3.87 -8.72 -25.11
C ILE D 326 3.90 -10.11 -24.49
N TYR D 327 3.37 -10.25 -23.28
CA TYR D 327 3.40 -11.52 -22.58
C TYR D 327 2.57 -12.58 -23.30
N ILE D 328 1.34 -12.24 -23.69
CA ILE D 328 0.49 -13.19 -24.41
C ILE D 328 1.14 -13.64 -25.72
N ALA D 329 1.76 -12.70 -26.44
CA ALA D 329 2.39 -12.99 -27.73
C ALA D 329 3.64 -13.87 -27.61
N CYS D 330 4.42 -13.65 -26.55
CA CYS D 330 5.72 -14.29 -26.37
C CYS D 330 5.70 -15.48 -25.38
N GLY D 331 4.50 -16.02 -25.12
CA GLY D 331 4.37 -17.23 -24.33
C GLY D 331 4.70 -17.12 -22.86
N GLN D 332 4.58 -15.91 -22.32
CA GLN D 332 4.83 -15.67 -20.91
C GLN D 332 3.58 -16.01 -20.10
N ASP D 333 3.74 -16.00 -18.78
CA ASP D 333 2.64 -16.21 -17.85
C ASP D 333 1.95 -14.87 -17.70
N ALA D 334 0.82 -14.70 -18.38
CA ALA D 334 0.07 -13.44 -18.36
C ALA D 334 -0.48 -13.08 -16.98
N ALA D 335 -0.65 -14.08 -16.11
CA ALA D 335 -1.09 -13.81 -14.74
C ALA D 335 -0.05 -12.98 -13.98
N GLN D 336 1.22 -13.12 -14.35
CA GLN D 336 2.29 -12.35 -13.73
C GLN D 336 2.36 -10.90 -14.22
N ASN D 337 1.37 -10.46 -14.99
CA ASN D 337 1.27 -9.04 -15.29
C ASN D 337 0.99 -8.24 -14.02
N VAL D 338 0.41 -8.90 -13.02
CA VAL D 338 0.12 -8.28 -11.73
C VAL D 338 1.33 -7.53 -11.16
N GLY D 339 2.43 -8.25 -10.94
CA GLY D 339 3.68 -7.67 -10.46
C GLY D 339 4.61 -7.13 -11.55
N SER D 340 4.57 -7.73 -12.73
CA SER D 340 5.46 -7.32 -13.83
C SER D 340 5.16 -5.93 -14.37
N SER D 341 3.91 -5.50 -14.23
CA SER D 341 3.45 -4.15 -14.61
C SER D 341 3.91 -3.03 -13.71
N ASN D 342 4.42 -3.35 -12.51
CA ASN D 342 4.89 -2.31 -11.59
C ASN D 342 5.85 -1.37 -12.32
N CYS D 343 5.54 -0.08 -12.30
CA CYS D 343 6.29 0.91 -13.08
C CYS D 343 6.09 2.33 -12.56
N ILE D 344 7.19 3.06 -12.39
CA ILE D 344 7.12 4.49 -12.15
C ILE D 344 7.61 5.21 -13.39
N THR D 345 6.78 6.14 -13.88
CA THR D 345 7.09 6.91 -15.08
C THR D 345 7.41 8.35 -14.70
N LEU D 346 8.59 8.82 -15.09
CA LEU D 346 9.04 10.18 -14.79
C LEU D 346 9.37 10.98 -16.06
N MET D 347 8.89 12.22 -16.08
CA MET D 347 9.18 13.15 -17.18
C MET D 347 9.73 14.47 -16.64
N GLU D 348 10.80 14.96 -17.28
CA GLU D 348 11.49 16.17 -16.85
C GLU D 348 11.91 17.04 -18.05
N ALA D 349 12.19 18.30 -17.75
CA ALA D 349 12.77 19.22 -18.72
C ALA D 349 14.21 18.78 -19.01
N SER D 350 14.66 19.05 -20.23
CA SER D 350 15.99 18.62 -20.66
C SER D 350 16.56 19.53 -21.77
N GLY D 351 17.88 19.48 -21.96
CA GLY D 351 18.52 20.16 -23.07
C GLY D 351 18.92 21.60 -22.80
N PRO D 352 19.61 22.22 -23.77
CA PRO D 352 20.11 23.60 -23.63
C PRO D 352 19.10 24.63 -23.12
N THR D 353 17.87 24.61 -23.65
CA THR D 353 16.82 25.54 -23.24
C THR D 353 15.70 24.95 -22.38
N ASN D 354 15.89 23.72 -21.89
CA ASN D 354 14.88 23.00 -21.10
C ASN D 354 13.53 22.83 -21.82
N GLU D 355 13.59 22.58 -23.13
CA GLU D 355 12.40 22.39 -23.96
C GLU D 355 12.25 20.95 -24.44
N ASP D 356 13.30 20.15 -24.27
CA ASP D 356 13.31 18.75 -24.64
C ASP D 356 12.78 17.88 -23.51
N LEU D 357 12.13 16.78 -23.89
CA LEU D 357 11.40 15.92 -22.96
C LEU D 357 12.24 14.71 -22.56
N TYR D 358 12.75 14.73 -21.33
CA TYR D 358 13.33 13.54 -20.72
C TYR D 358 12.21 12.66 -20.16
N ILE D 359 12.29 11.38 -20.46
CA ILE D 359 11.34 10.40 -19.94
C ILE D 359 12.10 9.14 -19.51
N SER D 360 11.68 8.56 -18.39
CA SER D 360 12.20 7.27 -17.95
C SER D 360 11.06 6.41 -17.36
N CYS D 361 11.18 5.10 -17.57
CA CYS D 361 10.33 4.12 -16.89
C CYS D 361 11.22 3.20 -16.09
N THR D 362 10.83 2.92 -14.86
CA THR D 362 11.56 2.01 -13.99
C THR D 362 10.62 0.90 -13.53
N MET D 363 11.01 -0.34 -13.83
CA MET D 363 10.17 -1.50 -13.61
C MET D 363 10.98 -2.54 -12.84
N PRO D 364 10.85 -2.55 -11.52
CA PRO D 364 11.71 -3.37 -10.65
C PRO D 364 11.40 -4.88 -10.58
N SER D 365 10.31 -5.33 -11.18
CA SER D 365 9.87 -6.71 -10.98
C SER D 365 9.26 -7.37 -12.23
N ILE D 366 9.99 -7.32 -13.34
CA ILE D 366 9.58 -7.97 -14.58
C ILE D 366 9.88 -9.46 -14.54
N GLU D 367 8.83 -10.26 -14.62
CA GLU D 367 8.94 -11.71 -14.43
C GLU D 367 8.79 -12.36 -15.78
N ILE D 368 9.90 -12.92 -16.28
CA ILE D 368 10.05 -13.20 -17.70
C ILE D 368 11.02 -14.33 -18.01
N GLY D 369 10.88 -14.91 -19.20
CA GLY D 369 11.72 -16.01 -19.63
C GLY D 369 11.49 -16.41 -21.07
N THR D 370 12.52 -16.98 -21.69
CA THR D 370 12.48 -17.36 -23.09
C THR D 370 12.59 -18.88 -23.31
N VAL D 371 12.60 -19.65 -22.22
CA VAL D 371 12.48 -21.10 -22.27
C VAL D 371 11.47 -21.54 -21.22
N GLY D 372 10.82 -22.68 -21.47
CA GLY D 372 9.85 -23.24 -20.54
C GLY D 372 8.47 -22.61 -20.68
N GLY D 373 7.46 -23.30 -20.15
CA GLY D 373 6.09 -22.81 -20.16
C GLY D 373 5.53 -22.62 -21.56
N GLY D 374 4.79 -21.54 -21.76
CA GLY D 374 4.24 -21.19 -23.05
C GLY D 374 5.25 -20.91 -24.15
N THR D 375 6.52 -20.71 -23.80
CA THR D 375 7.55 -20.45 -24.81
C THR D 375 8.00 -21.71 -25.56
N ASN D 376 7.61 -22.89 -25.08
CA ASN D 376 7.85 -24.13 -25.82
C ASN D 376 6.92 -24.30 -27.02
N LEU D 377 5.87 -23.48 -27.12
CA LEU D 377 4.91 -23.58 -28.22
C LEU D 377 5.43 -22.80 -29.42
N LEU D 378 5.10 -23.26 -30.62
CA LEU D 378 5.72 -22.77 -31.85
C LEU D 378 5.31 -21.36 -32.28
N PRO D 379 4.02 -21.02 -32.26
CA PRO D 379 3.61 -19.63 -32.54
C PRO D 379 4.24 -18.63 -31.58
N GLN D 380 4.24 -18.96 -30.29
CA GLN D 380 4.83 -18.12 -29.25
C GLN D 380 6.32 -17.94 -29.53
N GLN D 381 6.94 -19.01 -30.04
CA GLN D 381 8.36 -19.00 -30.43
C GLN D 381 8.62 -18.13 -31.66
N ALA D 382 7.64 -17.97 -32.55
CA ALA D 382 7.76 -17.06 -33.69
C ALA D 382 7.91 -15.62 -33.23
N CYS D 383 7.08 -15.22 -32.27
CA CYS D 383 7.15 -13.89 -31.69
C CYS D 383 8.46 -13.64 -30.93
N LEU D 384 8.98 -14.67 -30.27
CA LEU D 384 10.30 -14.60 -29.63
C LEU D 384 11.44 -14.49 -30.66
N GLN D 385 11.27 -15.13 -31.80
CA GLN D 385 12.29 -15.08 -32.86
C GLN D 385 12.32 -13.69 -33.52
N MET D 386 11.16 -13.04 -33.60
CA MET D 386 11.06 -11.66 -34.09
C MET D 386 12.05 -10.75 -33.35
N LEU D 387 12.06 -10.88 -32.03
CA LEU D 387 12.89 -10.06 -31.16
C LEU D 387 14.32 -10.58 -30.99
N GLY D 388 14.60 -11.74 -31.56
CA GLY D 388 15.91 -12.38 -31.46
C GLY D 388 16.24 -12.93 -30.08
N VAL D 389 15.22 -13.26 -29.28
CA VAL D 389 15.42 -13.73 -27.90
C VAL D 389 14.94 -15.17 -27.63
N GLN D 390 14.59 -15.91 -28.68
CA GLN D 390 14.03 -17.25 -28.53
C GLN D 390 15.01 -18.28 -27.94
N GLY D 391 14.50 -19.06 -26.97
CA GLY D 391 15.24 -20.14 -26.35
C GLY D 391 16.41 -19.69 -25.49
N ALA D 392 17.28 -20.63 -25.18
CA ALA D 392 18.45 -20.35 -24.35
C ALA D 392 19.59 -19.71 -25.15
N CYS D 393 20.29 -18.79 -24.50
CA CYS D 393 21.53 -18.25 -25.02
C CYS D 393 22.67 -19.08 -24.44
N LYS D 394 23.31 -19.87 -25.29
CA LYS D 394 24.37 -20.79 -24.86
C LYS D 394 25.65 -20.06 -24.43
N ASP D 395 26.04 -19.04 -25.19
CA ASP D 395 27.28 -18.29 -24.93
C ASP D 395 27.21 -17.48 -23.63
N ASN D 396 26.04 -16.95 -23.32
CA ASN D 396 25.82 -16.13 -22.12
C ASN D 396 24.44 -16.42 -21.51
N PRO D 397 24.35 -17.42 -20.64
CA PRO D 397 23.07 -17.81 -20.03
C PRO D 397 22.31 -16.66 -19.35
N GLY D 398 21.04 -16.54 -19.69
CA GLY D 398 20.19 -15.49 -19.17
C GLY D 398 20.05 -14.27 -20.07
N GLU D 399 20.94 -14.12 -21.04
CA GLU D 399 20.99 -12.90 -21.85
C GLU D 399 19.72 -12.65 -22.67
N ASN D 400 19.10 -13.72 -23.15
CA ASN D 400 17.85 -13.62 -23.89
C ASN D 400 16.67 -13.15 -23.04
N ALA D 401 16.60 -13.61 -21.80
CA ALA D 401 15.54 -13.20 -20.88
C ALA D 401 15.78 -11.75 -20.46
N ARG D 402 17.04 -11.41 -20.16
CA ARG D 402 17.43 -10.03 -19.87
C ARG D 402 17.01 -9.08 -21.01
N GLN D 403 17.34 -9.47 -22.24
CA GLN D 403 17.04 -8.66 -23.41
C GLN D 403 15.53 -8.48 -23.59
N LEU D 404 14.75 -9.52 -23.29
CA LEU D 404 13.30 -9.43 -23.44
C LEU D 404 12.72 -8.46 -22.40
N ALA D 405 13.29 -8.48 -21.19
CA ALA D 405 12.89 -7.54 -20.13
C ALA D 405 13.19 -6.07 -20.51
N ARG D 406 14.31 -5.85 -21.18
CA ARG D 406 14.65 -4.49 -21.67
C ARG D 406 13.67 -4.04 -22.75
N ILE D 407 13.29 -4.94 -23.65
CA ILE D 407 12.31 -4.63 -24.70
C ILE D 407 10.96 -4.29 -24.09
N VAL D 408 10.57 -5.05 -23.08
CA VAL D 408 9.32 -4.79 -22.36
C VAL D 408 9.35 -3.40 -21.74
N CYS D 409 10.45 -3.04 -21.06
CA CYS D 409 10.56 -1.73 -20.42
C CYS D 409 10.58 -0.58 -21.45
N GLY D 410 11.24 -0.81 -22.57
CA GLY D 410 11.27 0.13 -23.67
C GLY D 410 9.94 0.29 -24.37
N THR D 411 9.21 -0.81 -24.54
CA THR D 411 7.91 -0.76 -25.20
C THR D 411 6.90 -0.11 -24.25
N VAL D 412 7.06 -0.37 -22.95
CA VAL D 412 6.25 0.33 -21.94
C VAL D 412 6.49 1.83 -22.06
N MET D 413 7.76 2.25 -22.12
CA MET D 413 8.08 3.68 -22.18
C MET D 413 7.48 4.29 -23.44
N ALA D 414 7.55 3.57 -24.55
CA ALA D 414 6.89 4.01 -25.78
C ALA D 414 5.39 4.23 -25.58
N GLY D 415 4.71 3.26 -24.95
CA GLY D 415 3.28 3.33 -24.71
C GLY D 415 2.89 4.45 -23.75
N GLU D 416 3.76 4.72 -22.76
CA GLU D 416 3.58 5.83 -21.86
C GLU D 416 3.69 7.15 -22.59
N LEU D 417 4.70 7.27 -23.46
CA LEU D 417 4.91 8.49 -24.22
C LEU D 417 3.62 8.92 -24.92
N SER D 418 3.03 8.01 -25.70
CA SER D 418 1.91 8.35 -26.57
C SER D 418 0.60 8.60 -25.83
N LEU D 419 0.24 7.72 -24.91
CA LEU D 419 -1.01 7.87 -24.17
C LEU D 419 -1.00 9.16 -23.34
N MET D 420 0.14 9.44 -22.70
CA MET D 420 0.29 10.67 -21.92
C MET D 420 0.16 11.89 -22.82
N ALA D 421 0.70 11.79 -24.04
CA ALA D 421 0.59 12.86 -25.04
C ALA D 421 -0.86 13.03 -25.48
N ALA D 422 -1.57 11.92 -25.62
CA ALA D 422 -2.97 11.94 -25.99
C ALA D 422 -3.82 12.54 -24.89
N LEU D 423 -3.45 12.27 -23.64
CA LEU D 423 -4.20 12.79 -22.49
C LEU D 423 -3.89 14.28 -22.27
N ALA D 424 -2.72 14.73 -22.69
CA ALA D 424 -2.33 16.14 -22.60
C ALA D 424 -3.18 16.99 -23.54
N ALA D 425 -3.47 16.46 -24.72
CA ALA D 425 -4.33 17.14 -25.69
C ALA D 425 -5.77 16.78 -25.39
N1 882 E . -9.58 1.16 25.82
C4 882 E . -10.23 1.65 24.73
C5 882 E . -11.40 0.93 24.64
C6 882 E . -8.27 1.67 26.30
C7 882 E . -9.81 2.76 23.81
C8 882 E . -8.64 2.33 22.95
C10 882 E . -7.83 2.66 20.63
C13 882 E . -7.16 0.63 26.15
C15 882 E . -14.56 1.66 22.63
C17 882 E . -9.95 -2.63 29.85
C20 882 E . -9.57 -3.31 31.00
C21 882 E . -11.97 0.73 22.27
C22 882 E . -14.12 -2.58 25.01
C24 882 E . -12.82 0.83 21.18
C26 882 E . -10.22 -0.61 31.15
C28 882 E . -14.89 -2.44 26.16
O7 882 E . -9.56 0.45 16.91
C36 882 E . -9.13 0.15 18.04
O6 882 E . -9.44 -0.92 18.63
C35 882 E . -8.16 1.10 18.73
C11 882 E . -8.87 1.94 19.78
O3 882 E . -9.69 2.94 19.21
C9 882 E . -8.49 3.34 21.83
O4 882 E . -7.69 4.42 22.28
C27 882 E . -12.41 1.10 23.55
C30 882 E . -14.12 1.29 21.36
F1 882 E . -14.94 1.41 20.30
C18 882 E . -13.70 1.56 23.74
C14 882 E . -8.43 2.13 27.74
C2 882 E . -10.32 0.17 26.40
C1 882 E . -11.44 0.00 25.62
C31 882 E . -12.61 -0.90 25.80
C25 882 E . -12.99 -1.80 24.81
F2 882 E . -15.97 -3.20 26.33
C19 882 E . -14.52 -1.51 27.14
C16 882 E . -13.39 -0.73 26.94
C3 882 E . -10.00 -0.68 27.59
O1 882 E . -9.07 -1.46 27.42
N2 882 E . -10.65 -0.54 28.75
C32 882 E . -10.27 -1.26 29.90
C23 882 E . -9.85 -1.31 32.30
C29 882 E . -9.52 -2.66 32.23
N1 882 F . 15.56 19.67 10.85
C4 882 F . 15.98 18.40 10.58
C5 882 F . 16.97 18.55 9.63
C6 882 F . 14.50 19.98 11.86
C7 882 F . 15.52 17.10 11.20
C8 882 F . 14.10 16.75 10.78
C10 882 F . 12.77 14.73 10.15
C13 882 F . 13.20 20.39 11.15
C15 882 F . 19.59 16.04 8.47
C17 882 F . 16.23 25.07 9.68
C20 882 F . 16.08 26.44 9.92
C21 882 F . 16.87 16.52 8.27
C22 882 F . 19.13 20.36 6.10
C24 882 F . 17.42 15.42 7.65
C26 882 F . 17.40 24.86 11.78
C28 882 F . 20.19 21.13 6.58
O7 882 F . 13.13 12.49 6.12
C36 882 F . 13.05 13.67 6.49
O6 882 F . 13.48 14.64 5.82
C35 882 F . 12.39 13.96 7.82
C11 882 F . 13.45 14.31 8.86
O3 882 F . 14.26 13.17 9.09
C9 882 F . 13.77 15.30 11.16
O4 882 F . 13.17 15.28 12.46
C27 882 F . 17.68 17.39 9.01
C30 882 F . 18.77 15.18 7.74
F1 882 F . 19.28 14.11 7.13
C18 882 F . 19.04 17.16 9.10
C14 882 F . 15.00 21.00 12.86
C2 882 F . 16.24 20.58 10.10
C1 882 F . 17.10 19.85 9.29
C31 882 F . 18.13 20.30 8.30
C25 882 F . 18.11 19.93 6.96
F2 882 F . 21.18 21.52 5.77
C19 882 F . 20.24 21.47 7.94
C16 882 F . 19.21 21.05 8.78
C3 882 F . 16.09 22.07 10.03
O1 882 F . 14.96 22.49 9.80
N2 882 F . 17.08 22.88 10.42
C32 882 F . 16.90 24.27 10.62
C23 882 F . 17.24 26.22 12.01
C29 882 F . 16.58 27.01 11.09
N1 882 G . -5.73 4.72 -25.31
C4 882 G . -6.61 4.82 -24.28
C5 882 G . -7.05 6.12 -24.26
C6 882 G . -5.05 3.44 -25.66
C7 882 G . -7.06 3.71 -23.36
C8 882 G . -5.95 3.31 -22.42
C10 882 G . -5.72 2.58 -20.07
C13 882 G . -3.55 3.50 -25.40
C15 882 G . -10.08 7.59 -22.46
C17 882 G . -3.23 7.59 -29.32
C20 882 G . -2.43 7.71 -30.46
C21 882 G . -7.54 6.60 -21.92
C22 882 G . -6.65 10.59 -24.83
C24 882 G . -8.33 7.05 -20.87
C26 882 G . -4.81 6.26 -30.57
C28 882 G . -7.30 10.95 -26.02
O7 882 G . -6.04 5.61 -16.57
C36 882 G . -5.41 5.52 -17.64
O6 882 G . -4.96 6.52 -18.25
C35 882 G . -5.18 4.14 -18.21
C11 882 G . -6.18 3.83 -19.31
O3 882 G . -7.48 3.59 -18.80
C9 882 G . -6.52 2.38 -21.35
O4 882 G . -6.40 1.04 -21.82
C27 882 G . -8.00 6.63 -23.23
C30 882 G . -9.60 7.54 -21.15
F1 882 G . -10.37 7.97 -20.13
C18 882 G . -9.28 7.13 -23.51
C14 882 G . -5.40 3.07 -27.08
C2 882 G . -5.61 5.93 -25.92
C1 882 G . -6.42 6.83 -25.24
C31 882 G . -6.69 8.26 -25.50
C25 882 G . -6.35 9.26 -24.57
F2 882 G . -7.58 12.24 -26.25
C19 882 G . -7.65 9.96 -26.93
C16 882 G . -7.36 8.62 -26.67
C3 882 G . -4.73 6.30 -27.07
O1 882 G . -3.55 6.04 -26.93
N2 882 G . -5.24 6.71 -28.23
C32 882 G . -4.42 6.86 -29.37
C23 882 G . -4.00 6.38 -31.71
C29 882 G . -2.83 7.11 -31.66
N1 882 H . -0.04 -25.15 -8.88
C4 882 H . 1.05 -24.43 -8.51
C5 882 H . 1.67 -25.15 -7.51
C6 882 H . -0.96 -24.72 -9.97
C7 882 H . 1.59 -23.16 -9.12
C8 882 H . 0.77 -21.93 -8.77
C10 882 H . 1.11 -19.52 -8.31
C13 882 H . -2.35 -24.35 -9.45
C15 882 H . 5.14 -24.78 -6.00
C17 882 H . -3.08 -29.66 -7.79
C20 882 H . -4.08 -30.62 -8.03
C21 882 H . 2.69 -23.52 -6.05
C22 882 H . 1.92 -27.81 -3.93
C24 882 H . 3.71 -22.97 -5.31
C26 882 H . -1.99 -30.34 -9.82
C28 882 H . 2.26 -29.09 -4.35
O7 882 H . 2.40 -17.98 -4.12
C36 882 H . 1.64 -18.84 -4.59
O6 882 H . 1.30 -19.88 -3.97
C35 882 H . 1.13 -18.64 -5.99
C11 882 H . 1.79 -19.61 -6.95
O3 882 H . 3.16 -19.33 -7.15
C9 882 H . 1.56 -20.69 -9.18
O4 882 H . 1.32 -20.39 -10.54
C27 882 H . 2.88 -24.69 -6.79
C30 882 H . 4.95 -23.61 -5.28
F1 882 H . 5.93 -23.05 -4.56
C18 882 H . 4.11 -25.34 -6.76
C14 882 H . -1.02 -25.81 -11.04
C2 882 H . -0.14 -26.27 -8.12
C1 882 H . 0.91 -26.23 -7.21
C31 882 H . 1.34 -27.22 -6.19
C25 882 H . 1.48 -26.87 -4.86
F2 882 H . 2.69 -29.97 -3.45
C19 882 H . 2.15 -29.45 -5.70
C16 882 H . 1.71 -28.49 -6.62
C3 882 H . -1.21 -27.32 -8.10
O1 882 H . -2.33 -26.92 -7.80
N2 882 H . -0.99 -28.56 -8.53
C32 882 H . -2.03 -29.51 -8.70
C23 882 H . -2.97 -31.30 -10.05
C29 882 H . -4.03 -31.44 -9.15
#